data_2H4M
#
_entry.id   2H4M
#
_cell.length_a   152.013
_cell.length_b   154.093
_cell.length_c   141.667
_cell.angle_alpha   90.00
_cell.angle_beta   91.75
_cell.angle_gamma   90.00
#
_symmetry.space_group_name_H-M   'C 1 2 1'
#
loop_
_entity.id
_entity.type
_entity.pdbx_description
1 polymer Transportin-1
2 polymer 'Heterogeneous nuclear ribonucleoprotein A1'
#
loop_
_entity_poly.entity_id
_entity_poly.type
_entity_poly.pdbx_seq_one_letter_code
_entity_poly.pdbx_strand_id
1 'polypeptide(L)'
;MEYEWKPDEQGLQQILQLLKESQSPDTTIQRTVQQKLEQLNQYPDFNNYLIFVLTKLKSEDEPTRSLSGLILKNNVKAHF
QNFPNGVTDFIKSECLNNIGDSSPLIRATVGILITTIASKGELQNWPDLLPKLCSLLDSEDYNTCEGAFGALQKICEDSA
EILDSDVLDRPLNIMIPKFLQFFKHSSPKIRSHAVACVNQFIISRTQALMLHIDSFIENLFALAGDEEPEVRKNVCRALV
MLLEVRMDRLLPHMHNIVEYMLQRTQDQDENVALEACEFWLTLAEQPICKDVLVRHLPKLIPVLVNGMKYSDIDIILLKG
DVEEDETIPDSEQDIGGSGGSGDTISDWNLRKCSAAALDVLANVYRDELLPHILPLLKELLFHHEWVVKESGILVLGAIA
EGCMQGMIPYLPELIPHLIQCLSDKKALVRSITCWTLSRYAHWVVSQPPDTYLKPLMTELLKRILDSNKRVQEAACSAFA
TLEEEACTELVPYLAYILDTLVFAFSKYQHKNLLILYDAIGTLADSVGHHLNKPEYIQMLMPPLIQKWNMLKDEDKDLFP
LLECLSSVATALQSGFLPYCEPVYQRCVNLVQKTLAQAMLNNAQPDQYEAPDKDFMIVALDLLSGLAEGLGGNIEQLVAR
SNILTLMYQCMQDKMPEVRQSSFALLGDLTKACFQHVKPCIADFMPILGTNLNPEFISVCNNATWAIGEISIQMGIEMQP
YIPMVLHQLVEIINRPNTPKTLLENTAITIGRLGYVCPQEVAPMLQQFIRPWCTSLRNIRDNEEKDSAFRGICTMISVNP
SGVIQDFIFFCDAVASWINPKDDLRDMFCKILHGFKNQVGDENWRRFSDQFPLPLKERLAAFYGV
;
A,B
2 'polypeptide(L)' GGSYNDFGNYNNQSSNFGPMKGGNFGGRSSGPYGGGGQYFAKPRNQGGY C,D
#
# COMPACT_ATOMS: atom_id res chain seq x y z
N LYS A 6 53.36 7.68 -27.21
CA LYS A 6 52.81 6.34 -27.55
C LYS A 6 53.00 5.32 -26.42
N PRO A 7 52.44 5.64 -25.26
CA PRO A 7 52.49 4.76 -24.10
C PRO A 7 51.13 4.09 -23.89
N ASP A 8 50.10 4.92 -23.72
CA ASP A 8 48.72 4.45 -23.60
C ASP A 8 48.11 4.16 -24.99
N GLU A 9 48.58 4.89 -26.00
CA GLU A 9 48.08 4.76 -27.37
C GLU A 9 48.60 3.51 -28.08
N GLN A 10 49.91 3.28 -28.02
CA GLN A 10 50.56 2.15 -28.69
C GLN A 10 50.18 0.79 -28.09
N GLY A 11 49.61 0.81 -26.89
CA GLY A 11 49.06 -0.38 -26.25
C GLY A 11 47.61 -0.62 -26.61
N LEU A 12 46.86 0.48 -26.75
CA LEU A 12 45.44 0.42 -27.12
C LEU A 12 45.24 0.22 -28.64
N GLN A 13 46.25 0.60 -29.43
CA GLN A 13 46.22 0.43 -30.88
C GLN A 13 46.38 -1.02 -31.31
N GLN A 14 46.88 -1.87 -30.41
CA GLN A 14 47.06 -3.29 -30.68
C GLN A 14 45.95 -4.13 -30.04
N ILE A 15 45.18 -3.53 -29.13
CA ILE A 15 44.06 -4.20 -28.48
C ILE A 15 42.81 -4.22 -29.36
N LEU A 16 42.79 -3.33 -30.36
CA LEU A 16 41.71 -3.27 -31.36
C LEU A 16 42.08 -4.02 -32.64
N GLN A 17 43.38 -4.09 -32.93
CA GLN A 17 43.91 -4.82 -34.09
C GLN A 17 43.74 -6.34 -33.95
N LEU A 18 43.79 -6.82 -32.71
CA LEU A 18 43.55 -8.23 -32.39
C LEU A 18 42.07 -8.50 -32.18
N LEU A 19 41.33 -7.48 -31.76
CA LEU A 19 39.88 -7.55 -31.55
C LEU A 19 39.13 -7.80 -32.85
N LYS A 20 39.72 -7.36 -33.97
CA LYS A 20 39.16 -7.57 -35.30
C LYS A 20 39.15 -9.07 -35.63
N GLU A 21 40.33 -9.70 -35.58
CA GLU A 21 40.49 -11.13 -35.86
C GLU A 21 39.71 -11.98 -34.84
N SER A 22 38.43 -12.20 -35.13
CA SER A 22 37.50 -12.83 -34.20
C SER A 22 37.45 -14.34 -34.37
N GLN A 23 38.13 -15.06 -33.47
CA GLN A 23 38.03 -16.51 -33.36
C GLN A 23 36.99 -16.84 -32.29
N SER A 24 37.33 -17.74 -31.38
CA SER A 24 36.54 -17.95 -30.16
C SER A 24 37.17 -17.13 -29.03
N PRO A 25 38.47 -16.84 -29.18
CA PRO A 25 39.26 -16.13 -28.17
C PRO A 25 38.95 -14.64 -28.12
N ASP A 26 39.28 -13.91 -29.19
CA ASP A 26 39.15 -12.45 -29.23
C ASP A 26 37.69 -11.95 -29.24
N THR A 27 36.75 -12.83 -29.58
CA THR A 27 35.32 -12.50 -29.59
C THR A 27 34.72 -12.41 -28.18
N THR A 28 35.47 -12.87 -27.19
CA THR A 28 35.06 -12.79 -25.78
C THR A 28 36.12 -12.13 -24.88
N ILE A 29 37.38 -12.20 -25.30
CA ILE A 29 38.50 -11.64 -24.53
C ILE A 29 38.66 -10.12 -24.75
N GLN A 30 38.81 -9.71 -26.00
CA GLN A 30 39.01 -8.30 -26.35
C GLN A 30 37.71 -7.49 -26.26
N ARG A 31 36.57 -8.14 -26.47
CA ARG A 31 35.27 -7.51 -26.34
C ARG A 31 34.95 -7.13 -24.88
N THR A 32 35.39 -7.98 -23.96
CA THR A 32 35.22 -7.73 -22.52
C THR A 32 36.37 -6.94 -21.91
N VAL A 33 37.53 -6.93 -22.59
CA VAL A 33 38.70 -6.17 -22.14
C VAL A 33 38.49 -4.66 -22.27
N GLN A 34 37.89 -4.25 -23.38
CA GLN A 34 37.61 -2.85 -23.66
C GLN A 34 36.45 -2.31 -22.81
N GLN A 35 35.51 -3.19 -22.46
CA GLN A 35 34.30 -2.80 -21.72
C GLN A 35 34.50 -2.67 -20.20
N LYS A 36 35.74 -2.40 -19.77
CA LYS A 36 36.06 -2.20 -18.36
C LYS A 36 37.22 -1.22 -18.19
N PRO A 44 39.23 5.73 -21.55
CA PRO A 44 39.40 5.19 -22.89
C PRO A 44 38.91 6.16 -23.97
N ASP A 45 37.63 6.53 -23.87
CA ASP A 45 36.93 7.34 -24.88
C ASP A 45 37.77 8.35 -25.66
N PHE A 46 38.76 8.96 -25.00
CA PHE A 46 39.57 10.00 -25.63
C PHE A 46 40.49 9.47 -26.73
N ASN A 47 41.22 8.40 -26.43
CA ASN A 47 42.23 7.83 -27.34
C ASN A 47 41.61 7.15 -28.57
N ASN A 48 40.44 6.55 -28.40
CA ASN A 48 39.69 5.94 -29.51
C ASN A 48 39.33 6.98 -30.58
N TYR A 49 38.91 8.17 -30.14
CA TYR A 49 38.64 9.28 -31.06
C TYR A 49 39.92 9.86 -31.66
N LEU A 50 41.03 9.70 -30.94
CA LEU A 50 42.34 10.10 -31.45
C LEU A 50 42.79 9.17 -32.57
N ILE A 51 42.43 7.89 -32.43
CA ILE A 51 42.70 6.88 -33.45
C ILE A 51 41.84 7.10 -34.70
N PHE A 52 40.55 7.39 -34.50
CA PHE A 52 39.61 7.58 -35.62
C PHE A 52 39.86 8.86 -36.41
N VAL A 53 40.32 9.91 -35.73
CA VAL A 53 40.46 11.24 -36.35
C VAL A 53 41.89 11.66 -36.71
N LEU A 54 42.87 11.23 -35.91
CA LEU A 54 44.27 11.64 -36.12
C LEU A 54 45.15 10.57 -36.77
N THR A 55 45.13 9.35 -36.22
CA THR A 55 45.92 8.24 -36.75
C THR A 55 45.37 7.66 -38.07
N LYS A 56 44.06 7.83 -38.28
CA LYS A 56 43.36 7.35 -39.49
C LYS A 56 43.84 8.04 -40.78
N LEU A 57 45.03 8.65 -40.71
CA LEU A 57 45.82 9.01 -41.87
C LEU A 57 46.63 7.77 -42.30
N LYS A 58 47.75 7.97 -42.99
CA LYS A 58 48.60 6.86 -43.43
C LYS A 58 48.93 5.87 -42.30
N SER A 59 49.14 6.39 -41.09
CA SER A 59 49.66 5.64 -39.94
C SER A 59 48.98 4.31 -39.61
N GLU A 60 47.65 4.26 -39.72
CA GLU A 60 46.89 3.02 -39.45
C GLU A 60 45.88 2.72 -40.57
N ASP A 61 45.31 1.51 -40.55
CA ASP A 61 44.33 1.10 -41.55
C ASP A 61 42.95 1.66 -41.25
N GLU A 62 42.23 2.04 -42.31
CA GLU A 62 40.85 2.54 -42.21
C GLU A 62 39.92 1.62 -41.42
N PRO A 63 39.90 0.30 -41.74
CA PRO A 63 39.04 -0.61 -40.96
C PRO A 63 39.35 -0.59 -39.47
N THR A 64 40.63 -0.44 -39.11
CA THR A 64 41.06 -0.37 -37.72
C THR A 64 40.64 0.95 -37.10
N ARG A 65 40.91 2.04 -37.81
CA ARG A 65 40.62 3.40 -37.36
C ARG A 65 39.13 3.63 -37.13
N SER A 66 38.29 3.10 -38.01
CA SER A 66 36.85 3.25 -37.89
C SER A 66 36.26 2.35 -36.79
N LEU A 67 36.98 1.27 -36.47
CA LEU A 67 36.52 0.32 -35.46
C LEU A 67 36.62 0.91 -34.06
N SER A 68 37.75 1.56 -33.76
CA SER A 68 37.91 2.26 -32.47
C SER A 68 36.83 3.34 -32.33
N GLY A 69 36.51 3.98 -33.45
CA GLY A 69 35.42 4.95 -33.53
C GLY A 69 34.05 4.32 -33.26
N LEU A 70 33.90 3.05 -33.61
CA LEU A 70 32.63 2.34 -33.43
C LEU A 70 32.46 1.71 -32.04
N ILE A 71 33.58 1.36 -31.40
CA ILE A 71 33.55 0.93 -29.99
C ILE A 71 33.19 2.14 -29.14
N LEU A 72 33.78 3.29 -29.49
CA LEU A 72 33.43 4.57 -28.89
C LEU A 72 31.93 4.85 -29.04
N LYS A 73 31.41 4.59 -30.24
CA LYS A 73 29.97 4.74 -30.52
C LYS A 73 29.13 3.88 -29.57
N ASN A 74 29.64 2.70 -29.22
CA ASN A 74 28.96 1.80 -28.29
C ASN A 74 29.14 2.22 -26.83
N ASN A 75 30.34 2.73 -26.50
CA ASN A 75 30.62 3.31 -25.19
C ASN A 75 29.59 4.39 -24.85
N VAL A 76 29.36 5.29 -25.81
CA VAL A 76 28.27 6.26 -25.74
C VAL A 76 26.94 5.49 -25.84
N LYS A 77 26.44 5.06 -24.69
CA LYS A 77 25.20 4.28 -24.53
C LYS A 77 25.34 3.40 -23.29
N PHE A 80 26.65 7.70 -20.31
CA PHE A 80 26.12 8.49 -19.20
C PHE A 80 27.26 9.18 -18.43
N GLN A 81 28.13 8.37 -17.83
CA GLN A 81 29.35 8.87 -17.21
C GLN A 81 30.39 9.27 -18.27
N ASN A 82 30.18 8.77 -19.49
CA ASN A 82 31.03 9.08 -20.64
C ASN A 82 30.74 10.47 -21.21
N PHE A 83 29.45 10.79 -21.36
CA PHE A 83 29.01 12.06 -21.95
C PHE A 83 29.07 13.25 -20.98
N PRO A 84 28.84 12.98 -19.69
CA PRO A 84 28.93 14.00 -18.64
C PRO A 84 30.38 14.42 -18.32
N ASN A 85 31.35 13.61 -18.76
CA ASN A 85 32.77 13.90 -18.61
C ASN A 85 33.19 15.13 -19.42
N GLY A 86 34.35 15.70 -19.08
CA GLY A 86 34.86 16.89 -19.75
C GLY A 86 35.70 16.60 -20.99
N VAL A 87 36.12 15.33 -21.14
CA VAL A 87 36.83 14.86 -22.32
C VAL A 87 35.87 14.49 -23.47
N THR A 88 34.57 14.43 -23.15
CA THR A 88 33.52 14.31 -24.16
C THR A 88 33.56 15.51 -25.12
N ASP A 89 33.99 16.66 -24.61
CA ASP A 89 34.11 17.88 -25.41
C ASP A 89 35.23 17.79 -26.46
N PHE A 90 36.20 16.90 -26.22
CA PHE A 90 37.29 16.67 -27.19
C PHE A 90 36.82 15.82 -28.37
N ILE A 91 36.10 14.74 -28.06
CA ILE A 91 35.46 13.89 -29.07
C ILE A 91 34.57 14.75 -29.97
N LYS A 92 33.66 15.50 -29.34
CA LYS A 92 32.68 16.33 -30.04
C LYS A 92 33.32 17.36 -30.96
N SER A 93 34.38 17.99 -30.47
CA SER A 93 35.14 18.96 -31.27
C SER A 93 35.79 18.27 -32.48
N GLU A 94 36.32 17.08 -32.24
CA GLU A 94 37.07 16.31 -33.23
C GLU A 94 36.19 15.82 -34.37
N CYS A 95 34.93 15.48 -34.04
CA CYS A 95 33.92 15.04 -35.00
C CYS A 95 33.59 16.11 -36.05
N LEU A 96 33.20 17.30 -35.60
CA LEU A 96 32.82 18.39 -36.49
C LEU A 96 33.97 18.92 -37.34
N ASN A 97 35.21 18.62 -36.94
CA ASN A 97 36.39 19.00 -37.71
C ASN A 97 36.53 18.18 -38.98
N ASN A 98 35.99 16.98 -38.96
CA ASN A 98 36.02 16.07 -40.11
C ASN A 98 34.76 15.24 -40.34
N ILE A 99 33.65 15.94 -40.60
CA ILE A 99 32.40 15.29 -41.04
C ILE A 99 32.52 15.01 -42.52
N GLY A 100 33.38 15.76 -43.21
CA GLY A 100 33.59 15.60 -44.64
C GLY A 100 34.93 14.99 -44.98
N ASP A 101 35.34 14.00 -44.18
CA ASP A 101 36.58 13.27 -44.45
C ASP A 101 36.47 12.57 -45.79
N SER A 102 37.56 12.59 -46.55
CA SER A 102 37.56 12.11 -47.94
C SER A 102 37.35 10.60 -48.09
N SER A 103 37.69 9.83 -47.05
CA SER A 103 37.41 8.39 -47.02
C SER A 103 36.02 8.07 -46.51
N PRO A 104 35.12 7.60 -47.42
CA PRO A 104 33.72 7.36 -47.10
C PRO A 104 33.51 6.59 -45.79
N LEU A 105 34.36 5.61 -45.50
CA LEU A 105 34.21 4.80 -44.29
C LEU A 105 34.37 5.61 -43.00
N ILE A 106 35.42 6.43 -42.94
CA ILE A 106 35.68 7.27 -41.75
C ILE A 106 34.60 8.36 -41.61
N ARG A 107 34.22 8.96 -42.74
CA ARG A 107 33.10 9.91 -42.79
C ARG A 107 31.82 9.30 -42.20
N ALA A 108 31.53 8.07 -42.61
CA ALA A 108 30.36 7.35 -42.12
C ALA A 108 30.42 7.07 -40.62
N THR A 109 31.63 6.81 -40.13
CA THR A 109 31.87 6.55 -38.71
C THR A 109 31.63 7.82 -37.88
N VAL A 110 32.32 8.90 -38.26
CA VAL A 110 32.10 10.23 -37.69
C VAL A 110 30.60 10.56 -37.65
N GLY A 111 29.90 10.23 -38.74
CA GLY A 111 28.47 10.44 -38.86
C GLY A 111 27.62 9.74 -37.81
N ILE A 112 27.84 8.44 -37.63
CA ILE A 112 27.05 7.67 -36.64
C ILE A 112 27.47 7.99 -35.21
N LEU A 113 28.71 8.43 -35.05
CA LEU A 113 29.18 8.90 -33.75
C LEU A 113 28.50 10.21 -33.36
N ILE A 114 28.52 11.20 -34.25
CA ILE A 114 27.77 12.44 -34.05
C ILE A 114 26.31 12.13 -33.74
N THR A 115 25.62 11.47 -34.67
CA THR A 115 24.20 11.18 -34.55
C THR A 115 23.82 10.49 -33.24
N THR A 116 24.69 9.61 -32.75
CA THR A 116 24.44 8.88 -31.50
C THR A 116 24.62 9.79 -30.28
N ILE A 117 25.74 10.51 -30.23
CA ILE A 117 26.02 11.44 -29.13
C ILE A 117 24.87 12.43 -28.94
N ALA A 118 24.42 13.03 -30.04
CA ALA A 118 23.31 13.98 -30.06
C ALA A 118 21.98 13.35 -29.62
N SER A 119 21.76 12.10 -30.01
CA SER A 119 20.53 11.39 -29.68
C SER A 119 20.46 11.01 -28.20
N LYS A 120 21.61 11.02 -27.51
CA LYS A 120 21.66 10.77 -26.07
C LYS A 120 20.97 11.90 -25.31
N GLY A 121 19.63 11.84 -25.28
CA GLY A 121 18.78 12.80 -24.58
C GLY A 121 18.81 14.22 -25.10
N GLU A 122 18.37 14.42 -26.35
CA GLU A 122 18.32 15.76 -27.00
C GLU A 122 19.47 16.69 -26.58
N LEU A 123 20.69 16.18 -26.70
CA LEU A 123 21.90 16.80 -26.17
C LEU A 123 21.93 18.34 -26.24
N GLN A 124 21.69 18.96 -25.08
CA GLN A 124 21.80 20.42 -24.93
C GLN A 124 23.16 20.79 -24.35
N ASN A 125 23.97 19.77 -24.06
CA ASN A 125 25.41 19.94 -23.86
C ASN A 125 26.12 20.13 -25.21
N TRP A 126 25.39 19.89 -26.30
CA TRP A 126 25.88 20.17 -27.65
C TRP A 126 25.01 21.19 -28.39
N PRO A 127 25.05 22.46 -27.94
CA PRO A 127 24.21 23.47 -28.58
C PRO A 127 24.89 24.12 -29.80
N ASP A 128 26.19 23.87 -29.96
CA ASP A 128 26.93 24.31 -31.14
C ASP A 128 26.59 23.45 -32.35
N LEU A 129 26.02 22.27 -32.09
CA LEU A 129 25.82 21.24 -33.10
C LEU A 129 24.99 21.71 -34.29
N LEU A 130 23.68 21.83 -34.10
CA LEU A 130 22.80 22.22 -35.20
C LEU A 130 23.22 23.54 -35.88
N PRO A 131 23.54 24.59 -35.09
CA PRO A 131 24.11 25.79 -35.69
C PRO A 131 25.29 25.54 -36.62
N LYS A 132 26.23 24.68 -36.22
CA LYS A 132 27.40 24.39 -37.06
C LYS A 132 27.01 23.54 -38.27
N LEU A 133 26.03 22.65 -38.10
CA LEU A 133 25.56 21.80 -39.18
C LEU A 133 24.89 22.59 -40.32
N CYS A 134 23.91 23.42 -39.96
CA CYS A 134 23.23 24.28 -40.93
C CYS A 134 24.23 25.18 -41.67
N SER A 135 25.23 25.64 -40.93
CA SER A 135 26.29 26.48 -41.46
C SER A 135 27.20 25.71 -42.40
N LEU A 136 27.36 24.41 -42.15
CA LEU A 136 28.20 23.54 -42.97
C LEU A 136 27.52 23.05 -44.24
N LEU A 137 26.21 23.30 -44.36
CA LEU A 137 25.49 22.99 -45.58
C LEU A 137 25.99 23.85 -46.72
N ASP A 138 26.45 25.06 -46.40
CA ASP A 138 26.92 26.00 -47.41
C ASP A 138 28.38 25.83 -47.77
N SER A 139 28.98 24.71 -47.34
CA SER A 139 30.38 24.39 -47.65
C SER A 139 30.56 24.13 -49.15
N GLU A 140 31.82 24.16 -49.58
CA GLU A 140 32.17 23.86 -50.96
C GLU A 140 32.60 22.41 -51.15
N ASP A 141 33.28 21.86 -50.14
CA ASP A 141 33.62 20.44 -50.11
C ASP A 141 32.31 19.63 -50.08
N TYR A 142 31.99 18.97 -51.19
CA TYR A 142 30.77 18.16 -51.30
C TYR A 142 30.61 17.22 -50.10
N ASN A 143 31.70 16.56 -49.72
CA ASN A 143 31.68 15.62 -48.62
C ASN A 143 31.29 16.28 -47.29
N THR A 144 31.78 17.50 -47.07
CA THR A 144 31.46 18.28 -45.88
C THR A 144 30.00 18.72 -45.89
N CYS A 145 29.52 19.09 -47.06
CA CYS A 145 28.14 19.49 -47.26
C CYS A 145 27.19 18.30 -47.03
N GLU A 146 27.48 17.17 -47.68
CA GLU A 146 26.67 15.96 -47.61
C GLU A 146 26.77 15.25 -46.25
N GLY A 147 27.95 15.34 -45.62
CA GLY A 147 28.13 14.82 -44.27
C GLY A 147 27.28 15.56 -43.24
N ALA A 148 27.18 16.88 -43.42
CA ALA A 148 26.40 17.73 -42.53
C ALA A 148 24.90 17.55 -42.75
N PHE A 149 24.49 17.55 -44.01
CA PHE A 149 23.08 17.36 -44.37
C PHE A 149 22.61 15.99 -43.93
N GLY A 150 23.53 15.02 -44.01
CA GLY A 150 23.29 13.66 -43.54
C GLY A 150 22.94 13.63 -42.08
N ALA A 151 23.80 14.22 -41.24
CA ALA A 151 23.58 14.28 -39.79
C ALA A 151 22.35 15.11 -39.44
N LEU A 152 22.17 16.23 -40.11
CA LEU A 152 21.03 17.11 -39.89
C LEU A 152 19.72 16.36 -40.07
N GLN A 153 19.61 15.63 -41.19
CA GLN A 153 18.43 14.81 -41.49
C GLN A 153 18.11 13.79 -40.40
N LYS A 154 19.14 13.06 -39.94
CA LYS A 154 18.97 12.04 -38.92
C LYS A 154 18.52 12.67 -37.60
N ILE A 155 19.07 13.84 -37.29
CA ILE A 155 18.73 14.56 -36.06
C ILE A 155 17.31 15.15 -36.11
N CYS A 156 16.96 15.80 -37.22
CA CYS A 156 15.61 16.31 -37.43
C CYS A 156 14.57 15.23 -37.23
N GLU A 157 14.86 14.04 -37.76
CA GLU A 157 13.92 12.93 -37.76
C GLU A 157 13.81 12.25 -36.40
N ASP A 158 14.94 12.06 -35.74
CA ASP A 158 14.95 11.45 -34.41
C ASP A 158 14.34 12.37 -33.36
N SER A 159 14.65 13.66 -33.44
CA SER A 159 14.17 14.63 -32.45
C SER A 159 12.67 14.53 -32.26
N ALA A 160 12.26 14.38 -31.00
CA ALA A 160 10.85 14.24 -30.64
C ALA A 160 10.07 15.50 -31.00
N GLU A 161 10.56 16.65 -30.54
CA GLU A 161 10.02 17.95 -30.96
C GLU A 161 10.62 18.32 -32.31
N ILE A 162 9.99 19.28 -33.00
CA ILE A 162 10.64 19.92 -34.15
C ILE A 162 11.63 20.99 -33.65
N LEU A 163 12.51 21.43 -34.56
CA LEU A 163 13.62 22.32 -34.18
C LEU A 163 13.25 23.83 -34.25
N ASP A 164 13.36 24.49 -33.11
CA ASP A 164 13.14 25.93 -33.00
C ASP A 164 14.30 26.71 -33.60
N SER A 165 14.08 28.00 -33.83
CA SER A 165 15.15 28.92 -34.21
C SER A 165 16.20 29.04 -33.09
N ASP A 166 15.82 28.57 -31.91
CA ASP A 166 16.69 28.59 -30.71
C ASP A 166 17.74 27.49 -30.76
N VAL A 167 17.36 26.34 -31.32
CA VAL A 167 18.29 25.23 -31.47
C VAL A 167 19.16 25.41 -32.71
N LEU A 168 18.63 26.14 -33.69
CA LEU A 168 19.29 26.32 -35.00
C LEU A 168 20.24 27.52 -35.10
N ASP A 169 19.92 28.61 -34.41
CA ASP A 169 20.70 29.86 -34.46
C ASP A 169 20.47 30.62 -35.78
N ARG A 170 19.34 30.34 -36.42
CA ARG A 170 18.84 31.07 -37.59
C ARG A 170 17.33 31.00 -37.51
N PRO A 171 16.62 32.05 -38.01
CA PRO A 171 15.16 31.93 -38.09
C PRO A 171 14.76 30.90 -39.15
N LEU A 172 13.75 30.10 -38.85
CA LEU A 172 13.17 29.18 -39.82
C LEU A 172 12.81 29.88 -41.12
N ASN A 173 12.45 31.17 -41.02
CA ASN A 173 12.22 32.02 -42.18
C ASN A 173 13.43 32.08 -43.12
N ILE A 174 14.61 31.81 -42.58
CA ILE A 174 15.81 31.70 -43.39
C ILE A 174 16.12 30.24 -43.76
N MET A 175 15.87 29.35 -42.82
CA MET A 175 16.32 27.96 -42.93
C MET A 175 15.44 27.12 -43.85
N ILE A 176 14.13 27.32 -43.77
CA ILE A 176 13.19 26.61 -44.65
C ILE A 176 13.48 26.86 -46.14
N PRO A 177 13.56 28.14 -46.57
CA PRO A 177 13.87 28.44 -47.97
C PRO A 177 15.29 28.06 -48.38
N LYS A 178 16.19 27.92 -47.40
CA LYS A 178 17.54 27.48 -47.67
C LYS A 178 17.57 26.00 -47.98
N PHE A 179 16.72 25.22 -47.29
CA PHE A 179 16.53 23.80 -47.59
C PHE A 179 15.96 23.63 -48.98
N LEU A 180 14.93 24.42 -49.32
CA LEU A 180 14.30 24.35 -50.64
C LEU A 180 15.27 24.62 -51.80
N GLN A 181 16.31 25.41 -51.53
CA GLN A 181 17.32 25.68 -52.53
C GLN A 181 18.01 24.41 -53.01
N PHE A 182 18.17 23.46 -52.10
CA PHE A 182 18.90 22.24 -52.40
C PHE A 182 18.06 21.19 -53.13
N PHE A 183 16.76 21.46 -53.27
CA PHE A 183 15.91 20.69 -54.18
C PHE A 183 16.41 20.95 -55.59
N LYS A 184 16.85 22.19 -55.82
CA LYS A 184 16.99 22.73 -57.18
C LYS A 184 18.26 22.36 -57.93
N HIS A 185 19.34 22.01 -57.23
CA HIS A 185 20.55 21.67 -57.99
C HIS A 185 21.37 20.45 -57.60
N SER A 186 21.73 20.32 -56.34
CA SER A 186 22.93 19.53 -55.99
C SER A 186 23.04 18.08 -56.60
N SER A 187 23.64 17.14 -55.86
CA SER A 187 23.62 15.73 -56.23
C SER A 187 22.29 15.13 -55.76
N PRO A 188 21.97 13.90 -56.19
CA PRO A 188 20.73 13.25 -55.69
C PRO A 188 20.72 12.96 -54.18
N LYS A 189 21.89 12.70 -53.59
CA LYS A 189 22.00 12.48 -52.14
C LYS A 189 21.48 13.68 -51.37
N ILE A 190 22.03 14.86 -51.70
CA ILE A 190 21.66 16.11 -51.07
C ILE A 190 20.20 16.47 -51.35
N ARG A 191 19.82 16.36 -52.61
CA ARG A 191 18.45 16.67 -53.03
C ARG A 191 17.40 16.04 -52.12
N SER A 192 17.60 14.78 -51.71
CA SER A 192 16.63 14.07 -50.88
C SER A 192 16.85 14.35 -49.40
N HIS A 193 18.11 14.51 -49.00
CA HIS A 193 18.45 14.99 -47.66
C HIS A 193 17.61 16.24 -47.44
N ALA A 194 17.53 17.07 -48.48
CA ALA A 194 16.80 18.32 -48.43
C ALA A 194 15.31 18.11 -48.24
N VAL A 195 14.72 17.22 -49.04
CA VAL A 195 13.28 16.99 -48.97
C VAL A 195 12.89 16.42 -47.62
N ALA A 196 13.70 15.48 -47.14
CA ALA A 196 13.51 14.86 -45.83
C ALA A 196 13.47 15.91 -44.74
N CYS A 197 14.46 16.81 -44.75
CA CYS A 197 14.51 17.89 -43.78
C CYS A 197 13.25 18.77 -43.75
N VAL A 198 12.77 19.19 -44.92
CA VAL A 198 11.61 20.08 -44.96
C VAL A 198 10.36 19.31 -44.52
N ASN A 199 10.39 18.00 -44.71
CA ASN A 199 9.25 17.17 -44.32
C ASN A 199 9.02 17.13 -42.81
N GLN A 200 10.11 17.23 -42.05
CA GLN A 200 10.06 17.33 -40.60
C GLN A 200 9.27 18.56 -40.09
N PHE A 201 8.86 19.44 -41.01
CA PHE A 201 8.17 20.68 -40.62
C PHE A 201 6.72 20.75 -41.06
N ILE A 202 6.21 19.67 -41.66
CA ILE A 202 4.84 19.66 -42.17
C ILE A 202 3.73 19.44 -41.12
N ILE A 203 3.83 18.40 -40.28
CA ILE A 203 2.72 18.13 -39.34
C ILE A 203 2.59 19.19 -38.26
N SER A 204 3.72 19.76 -37.84
CA SER A 204 3.70 20.80 -36.82
C SER A 204 3.07 22.10 -37.33
N ARG A 205 2.80 22.14 -38.64
CA ARG A 205 2.28 23.32 -39.34
C ARG A 205 3.14 24.55 -39.05
N THR A 206 4.46 24.37 -39.12
CA THR A 206 5.43 25.43 -38.86
C THR A 206 5.15 26.63 -39.74
N GLN A 207 5.00 27.80 -39.10
CA GLN A 207 4.61 29.01 -39.81
C GLN A 207 5.56 29.33 -40.96
N ALA A 208 6.87 29.17 -40.73
CA ALA A 208 7.87 29.41 -41.78
C ALA A 208 7.54 28.61 -43.05
N LEU A 209 7.07 27.38 -42.87
CA LEU A 209 6.77 26.52 -44.00
C LEU A 209 5.45 26.90 -44.65
N MET A 210 4.45 27.20 -43.82
CA MET A 210 3.12 27.59 -44.30
C MET A 210 3.20 28.80 -45.23
N LEU A 211 4.02 29.78 -44.83
CA LEU A 211 4.22 30.98 -45.64
C LEU A 211 5.04 30.68 -46.89
N HIS A 212 5.90 29.66 -46.82
CA HIS A 212 6.64 29.18 -47.98
C HIS A 212 5.97 27.96 -48.63
N ILE A 213 4.66 27.80 -48.43
CA ILE A 213 3.93 26.67 -48.99
C ILE A 213 4.03 26.55 -50.52
N ASP A 214 3.58 27.57 -51.25
CA ASP A 214 3.62 27.58 -52.72
C ASP A 214 5.01 27.30 -53.31
N SER A 215 6.07 27.71 -52.60
CA SER A 215 7.42 27.39 -53.02
C SER A 215 7.72 25.91 -52.83
N PHE A 216 7.36 25.39 -51.65
CA PHE A 216 7.59 23.99 -51.30
C PHE A 216 6.87 23.10 -52.31
N ILE A 217 5.60 23.38 -52.54
CA ILE A 217 4.79 22.63 -53.49
C ILE A 217 5.38 22.71 -54.88
N GLU A 218 5.58 23.94 -55.39
CA GLU A 218 6.19 24.10 -56.71
C GLU A 218 7.47 23.28 -56.84
N ASN A 219 8.37 23.39 -55.87
CA ASN A 219 9.59 22.60 -55.85
C ASN A 219 9.36 21.08 -55.79
N LEU A 220 8.27 20.67 -55.14
CA LEU A 220 7.94 19.24 -55.04
C LEU A 220 7.61 18.65 -56.40
N PHE A 221 6.78 19.35 -57.16
CA PHE A 221 6.46 18.97 -58.54
C PHE A 221 7.69 18.92 -59.44
N ALA A 222 8.66 19.81 -59.18
CA ALA A 222 9.91 19.83 -59.93
C ALA A 222 10.73 18.57 -59.72
N LEU A 223 10.61 17.97 -58.54
CA LEU A 223 11.39 16.79 -58.18
C LEU A 223 10.67 15.48 -58.51
N ALA A 224 9.34 15.52 -58.49
CA ALA A 224 8.52 14.42 -58.98
C ALA A 224 9.00 14.04 -60.39
N GLY A 225 9.57 12.83 -60.52
CA GLY A 225 10.16 12.37 -61.78
C GLY A 225 11.65 12.19 -61.69
N ASP A 226 12.21 12.55 -60.53
CA ASP A 226 13.63 12.39 -60.25
C ASP A 226 14.01 10.92 -60.34
N GLU A 227 15.09 10.62 -61.06
CA GLU A 227 15.54 9.25 -61.28
C GLU A 227 15.88 8.49 -60.00
N GLU A 228 16.40 9.20 -59.00
CA GLU A 228 16.74 8.61 -57.71
C GLU A 228 15.48 8.30 -56.89
N PRO A 229 15.30 7.01 -56.49
CA PRO A 229 14.14 6.52 -55.74
C PRO A 229 13.93 7.22 -54.39
N GLU A 230 15.03 7.57 -53.73
CA GLU A 230 14.98 8.23 -52.42
C GLU A 230 14.36 9.64 -52.51
N VAL A 231 14.71 10.39 -53.55
CA VAL A 231 14.05 11.67 -53.80
C VAL A 231 12.56 11.43 -54.04
N ARG A 232 12.24 10.46 -54.90
CA ARG A 232 10.87 10.14 -55.28
C ARG A 232 9.96 9.76 -54.11
N LYS A 233 10.44 8.92 -53.20
CA LYS A 233 9.61 8.48 -52.08
C LYS A 233 9.37 9.63 -51.13
N ASN A 234 10.41 10.44 -50.90
CA ASN A 234 10.31 11.67 -50.11
C ASN A 234 9.23 12.63 -50.67
N VAL A 235 9.14 12.72 -51.99
CA VAL A 235 8.09 13.52 -52.63
C VAL A 235 6.70 12.94 -52.33
N CYS A 236 6.58 11.62 -52.39
CA CYS A 236 5.33 10.94 -52.05
C CYS A 236 5.01 11.11 -50.58
N ARG A 237 6.02 10.85 -49.75
CA ARG A 237 5.95 11.03 -48.31
C ARG A 237 5.50 12.45 -47.97
N ALA A 238 6.07 13.44 -48.66
CA ALA A 238 5.71 14.85 -48.50
C ALA A 238 4.28 15.14 -48.94
N LEU A 239 3.89 14.62 -50.10
CA LEU A 239 2.56 14.87 -50.63
C LEU A 239 1.47 14.24 -49.77
N VAL A 240 1.82 13.17 -49.06
CA VAL A 240 0.88 12.49 -48.18
C VAL A 240 0.63 13.36 -46.94
N MET A 241 1.72 13.85 -46.36
CA MET A 241 1.62 14.73 -45.19
C MET A 241 0.79 15.97 -45.48
N LEU A 242 1.02 16.60 -46.62
CA LEU A 242 0.32 17.81 -47.00
C LEU A 242 -1.17 17.58 -47.25
N LEU A 243 -1.53 16.33 -47.51
CA LEU A 243 -2.93 15.99 -47.76
C LEU A 243 -3.78 16.25 -46.53
N GLU A 244 -3.20 16.00 -45.36
CA GLU A 244 -3.90 16.18 -44.10
C GLU A 244 -3.76 17.60 -43.56
N VAL A 245 -2.57 18.18 -43.73
CA VAL A 245 -2.24 19.45 -43.10
C VAL A 245 -2.65 20.67 -43.92
N ARG A 246 -2.44 20.61 -45.23
CA ARG A 246 -2.59 21.79 -46.09
C ARG A 246 -3.39 21.49 -47.38
N MET A 247 -4.57 20.91 -47.17
CA MET A 247 -5.46 20.43 -48.23
C MET A 247 -5.84 21.49 -49.26
N ASP A 248 -6.01 22.73 -48.82
CA ASP A 248 -6.45 23.84 -49.68
C ASP A 248 -5.51 24.13 -50.85
N ARG A 249 -4.23 23.87 -50.66
CA ARG A 249 -3.21 24.13 -51.67
C ARG A 249 -2.98 22.98 -52.66
N LEU A 250 -3.51 21.81 -52.36
CA LEU A 250 -3.40 20.65 -53.26
C LEU A 250 -4.65 20.47 -54.13
N LEU A 251 -5.79 20.91 -53.59
CA LEU A 251 -7.09 20.78 -54.24
C LEU A 251 -7.11 21.22 -55.73
N PRO A 252 -6.49 22.37 -56.06
CA PRO A 252 -6.37 22.73 -57.48
C PRO A 252 -5.62 21.70 -58.34
N HIS A 253 -4.59 21.05 -57.78
CA HIS A 253 -3.76 20.13 -58.54
C HIS A 253 -4.09 18.66 -58.31
N MET A 254 -5.20 18.39 -57.63
CA MET A 254 -5.52 17.03 -57.19
C MET A 254 -5.43 15.94 -58.28
N HIS A 255 -6.29 16.02 -59.30
CA HIS A 255 -6.32 15.01 -60.38
C HIS A 255 -4.96 14.80 -61.04
N ASN A 256 -4.14 15.84 -61.02
CA ASN A 256 -2.80 15.77 -61.56
C ASN A 256 -1.85 15.07 -60.59
N ILE A 257 -2.13 15.22 -59.29
CA ILE A 257 -1.39 14.54 -58.24
C ILE A 257 -1.77 13.07 -58.21
N VAL A 258 -3.07 12.78 -58.29
CA VAL A 258 -3.60 11.41 -58.27
C VAL A 258 -2.90 10.57 -59.34
N GLU A 259 -2.94 11.03 -60.58
CA GLU A 259 -2.31 10.33 -61.70
C GLU A 259 -0.79 10.12 -61.51
N TYR A 260 -0.14 11.02 -60.77
CA TYR A 260 1.26 10.82 -60.40
C TYR A 260 1.39 9.68 -59.39
N MET A 261 0.50 9.70 -58.39
CA MET A 261 0.53 8.70 -57.32
C MET A 261 0.16 7.32 -57.85
N LEU A 262 -0.83 7.28 -58.75
CA LEU A 262 -1.20 6.06 -59.43
C LEU A 262 0.03 5.39 -60.06
N GLN A 263 0.89 6.20 -60.68
CA GLN A 263 2.12 5.70 -61.28
C GLN A 263 3.13 5.29 -60.22
N ARG A 264 3.15 6.03 -59.12
CA ARG A 264 4.10 5.76 -58.05
C ARG A 264 3.76 4.49 -57.28
N THR A 265 2.46 4.21 -57.13
CA THR A 265 2.01 2.96 -56.51
C THR A 265 2.54 1.77 -57.31
N GLN A 266 2.73 2.01 -58.61
CA GLN A 266 3.21 1.00 -59.55
C GLN A 266 4.73 1.06 -59.68
N ASP A 267 5.38 1.91 -58.88
CA ASP A 267 6.81 2.22 -59.03
C ASP A 267 7.71 0.98 -59.07
N GLN A 268 8.79 1.09 -59.83
CA GLN A 268 9.82 0.05 -59.90
C GLN A 268 10.36 -0.35 -58.51
N ASP A 269 10.52 0.65 -57.64
CA ASP A 269 11.08 0.47 -56.30
C ASP A 269 9.97 0.28 -55.25
N GLU A 270 10.14 -0.76 -54.42
CA GLU A 270 9.12 -1.18 -53.45
C GLU A 270 8.86 -0.16 -52.33
N ASN A 271 9.87 0.65 -51.98
CA ASN A 271 9.72 1.69 -50.96
C ASN A 271 8.81 2.80 -51.46
N VAL A 272 9.15 3.35 -52.62
CA VAL A 272 8.34 4.39 -53.24
C VAL A 272 6.91 3.91 -53.41
N ALA A 273 6.74 2.65 -53.86
CA ALA A 273 5.43 2.07 -54.07
C ALA A 273 4.58 2.08 -52.79
N LEU A 274 5.20 1.71 -51.67
CA LEU A 274 4.51 1.69 -50.39
C LEU A 274 4.14 3.10 -49.90
N GLU A 275 5.05 4.05 -50.09
CA GLU A 275 4.83 5.43 -49.66
C GLU A 275 3.78 6.13 -50.50
N ALA A 276 3.76 5.80 -51.79
CA ALA A 276 2.73 6.26 -52.68
C ALA A 276 1.41 5.60 -52.31
N CYS A 277 1.45 4.29 -52.01
CA CYS A 277 0.23 3.56 -51.70
C CYS A 277 -0.48 4.09 -50.46
N GLU A 278 0.29 4.69 -49.55
CA GLU A 278 -0.25 5.31 -48.35
C GLU A 278 -1.12 6.51 -48.70
N PHE A 279 -0.94 7.04 -49.90
CA PHE A 279 -1.67 8.21 -50.37
C PHE A 279 -3.18 7.98 -50.36
N TRP A 280 -3.60 6.79 -50.80
CA TRP A 280 -5.02 6.45 -50.91
C TRP A 280 -5.69 6.30 -49.55
N LEU A 281 -5.00 5.63 -48.63
CA LEU A 281 -5.44 5.51 -47.26
C LEU A 281 -5.72 6.87 -46.67
N THR A 282 -4.84 7.83 -46.98
CA THR A 282 -4.94 9.19 -46.47
C THR A 282 -6.05 9.98 -47.19
N LEU A 283 -6.11 9.87 -48.51
CA LEU A 283 -7.15 10.54 -49.28
C LEU A 283 -8.55 10.09 -48.89
N ALA A 284 -8.70 8.80 -48.64
CA ALA A 284 -9.97 8.20 -48.27
C ALA A 284 -10.57 8.79 -47.01
N GLU A 285 -9.70 9.20 -46.09
CA GLU A 285 -10.12 9.81 -44.82
C GLU A 285 -10.73 11.20 -45.02
N GLN A 286 -10.50 11.81 -46.18
CA GLN A 286 -10.95 13.18 -46.46
C GLN A 286 -12.31 13.21 -47.16
N PRO A 287 -13.20 14.12 -46.73
CA PRO A 287 -14.53 14.29 -47.34
C PRO A 287 -14.54 14.31 -48.88
N ILE A 288 -13.69 15.13 -49.49
CA ILE A 288 -13.66 15.27 -50.95
C ILE A 288 -13.41 13.97 -51.72
N CYS A 289 -12.77 13.01 -51.05
CA CYS A 289 -12.39 11.73 -51.64
C CYS A 289 -13.40 11.12 -52.61
N LYS A 290 -14.67 11.08 -52.20
CA LYS A 290 -15.73 10.46 -53.00
C LYS A 290 -15.78 11.04 -54.41
N ASP A 291 -16.04 12.35 -54.51
CA ASP A 291 -16.22 13.00 -55.81
C ASP A 291 -14.93 13.07 -56.63
N VAL A 292 -13.82 13.36 -55.96
CA VAL A 292 -12.54 13.57 -56.63
C VAL A 292 -11.99 12.30 -57.28
N LEU A 293 -12.17 11.15 -56.62
CA LEU A 293 -11.58 9.89 -57.11
C LEU A 293 -12.38 9.16 -58.19
N VAL A 294 -13.71 9.25 -58.12
CA VAL A 294 -14.62 8.49 -59.01
C VAL A 294 -14.01 8.10 -60.37
N ARG A 295 -13.54 9.10 -61.12
CA ARG A 295 -13.03 8.89 -62.49
C ARG A 295 -11.75 8.04 -62.59
N HIS A 296 -10.98 7.99 -61.51
CA HIS A 296 -9.71 7.26 -61.51
C HIS A 296 -9.88 5.82 -61.02
N LEU A 297 -11.06 5.49 -60.50
CA LEU A 297 -11.36 4.13 -60.01
C LEU A 297 -11.08 3.05 -61.06
N PRO A 298 -11.54 3.26 -62.31
CA PRO A 298 -11.19 2.37 -63.42
C PRO A 298 -9.71 2.01 -63.52
N LYS A 299 -8.83 2.83 -62.96
CA LYS A 299 -7.39 2.58 -63.04
C LYS A 299 -6.74 2.29 -61.68
N LEU A 300 -7.33 2.83 -60.61
CA LEU A 300 -6.78 2.66 -59.27
C LEU A 300 -6.97 1.25 -58.74
N ILE A 301 -8.21 0.77 -58.80
CA ILE A 301 -8.57 -0.55 -58.31
C ILE A 301 -7.77 -1.68 -58.95
N PRO A 302 -7.68 -1.72 -60.29
CA PRO A 302 -6.81 -2.73 -60.91
C PRO A 302 -5.39 -2.74 -60.36
N VAL A 303 -4.90 -1.55 -59.98
CA VAL A 303 -3.53 -1.37 -59.50
C VAL A 303 -3.36 -1.84 -58.06
N LEU A 304 -4.32 -1.47 -57.20
CA LEU A 304 -4.32 -1.93 -55.82
C LEU A 304 -4.33 -3.45 -55.78
N VAL A 305 -5.35 -4.04 -56.40
CA VAL A 305 -5.50 -5.49 -56.45
C VAL A 305 -4.21 -6.17 -56.86
N ASN A 306 -3.47 -5.56 -57.78
CA ASN A 306 -2.25 -6.17 -58.26
C ASN A 306 -1.17 -6.23 -57.21
N GLY A 307 -1.13 -5.21 -56.35
CA GLY A 307 -0.12 -5.09 -55.30
C GLY A 307 -0.40 -6.06 -54.17
N MET A 308 -1.51 -6.79 -54.28
CA MET A 308 -1.98 -7.68 -53.25
C MET A 308 -1.59 -9.15 -53.41
N LYS A 309 -0.66 -9.47 -54.30
CA LYS A 309 -0.08 -10.83 -54.36
C LYS A 309 1.15 -10.89 -53.47
N TYR A 310 1.98 -11.92 -53.64
CA TYR A 310 3.35 -11.89 -53.13
C TYR A 310 4.35 -12.58 -54.07
N SER A 311 5.64 -12.65 -53.68
CA SER A 311 6.65 -13.43 -54.42
C SER A 311 7.90 -13.84 -53.63
N ASP A 312 8.72 -12.86 -53.26
CA ASP A 312 9.85 -13.06 -52.37
C ASP A 312 9.28 -13.36 -50.99
N ILE A 313 8.24 -12.59 -50.63
CA ILE A 313 7.41 -12.79 -49.44
C ILE A 313 7.10 -14.27 -49.23
N ASP A 314 6.56 -14.87 -50.27
CA ASP A 314 6.18 -16.27 -50.31
C ASP A 314 7.18 -17.26 -49.72
N ILE A 315 8.44 -17.18 -50.13
CA ILE A 315 9.44 -18.14 -49.66
C ILE A 315 9.83 -17.93 -48.19
N ILE A 316 9.63 -16.71 -47.70
CA ILE A 316 9.89 -16.38 -46.31
C ILE A 316 8.83 -16.99 -45.38
N LEU A 317 7.58 -17.00 -45.84
CA LEU A 317 6.44 -17.46 -45.04
C LEU A 317 6.39 -18.98 -44.85
N LEU A 318 6.87 -19.74 -45.84
CA LEU A 318 6.89 -21.21 -45.71
C LEU A 318 8.18 -21.75 -45.09
N LYS A 319 9.27 -20.98 -45.17
CA LYS A 319 10.56 -21.37 -44.58
C LYS A 319 10.56 -21.31 -43.05
N THR A 344 8.81 -14.63 -40.20
CA THR A 344 7.69 -13.95 -40.85
C THR A 344 8.16 -12.76 -41.69
N ILE A 345 7.18 -12.03 -42.26
CA ILE A 345 7.42 -10.80 -43.01
C ILE A 345 7.10 -9.57 -42.18
N SER A 346 7.26 -8.40 -42.80
CA SER A 346 7.11 -7.09 -42.14
C SER A 346 5.69 -6.83 -41.65
N ASP A 347 5.57 -6.05 -40.57
CA ASP A 347 4.26 -5.67 -40.03
C ASP A 347 3.45 -4.89 -41.05
N TRP A 348 4.12 -4.08 -41.86
CA TRP A 348 3.45 -3.24 -42.85
C TRP A 348 4.25 -3.27 -44.15
N ASN A 349 3.53 -3.39 -45.26
CA ASN A 349 4.15 -3.50 -46.58
C ASN A 349 3.13 -3.22 -47.67
N LEU A 350 3.56 -3.28 -48.93
CA LEU A 350 2.72 -2.92 -50.06
C LEU A 350 1.44 -3.77 -50.15
N ARG A 351 1.56 -5.05 -49.82
CA ARG A 351 0.41 -5.96 -49.85
C ARG A 351 -0.67 -5.55 -48.84
N LYS A 352 -0.28 -5.40 -47.59
CA LYS A 352 -1.21 -4.97 -46.54
C LYS A 352 -1.78 -3.57 -46.82
N CYS A 353 -0.93 -2.65 -47.24
CA CYS A 353 -1.35 -1.28 -47.51
C CYS A 353 -2.39 -1.20 -48.63
N SER A 354 -2.15 -1.91 -49.73
CA SER A 354 -3.09 -1.95 -50.85
C SER A 354 -4.41 -2.52 -50.39
N ALA A 355 -4.33 -3.64 -49.69
CA ALA A 355 -5.47 -4.29 -49.10
C ALA A 355 -6.23 -3.37 -48.13
N ALA A 356 -5.48 -2.68 -47.27
CA ALA A 356 -6.06 -1.74 -46.34
C ALA A 356 -6.76 -0.61 -47.09
N ALA A 357 -6.10 -0.12 -48.14
CA ALA A 357 -6.65 0.96 -48.95
C ALA A 357 -7.98 0.52 -49.57
N LEU A 358 -8.02 -0.72 -50.04
CA LEU A 358 -9.19 -1.31 -50.69
C LEU A 358 -10.36 -1.52 -49.73
N ASP A 359 -10.04 -1.80 -48.46
CA ASP A 359 -11.04 -1.93 -47.40
C ASP A 359 -11.77 -0.60 -47.20
N VAL A 360 -11.00 0.48 -47.10
CA VAL A 360 -11.53 1.83 -46.90
C VAL A 360 -12.34 2.27 -48.12
N LEU A 361 -11.70 2.31 -49.28
CA LEU A 361 -12.38 2.65 -50.53
C LEU A 361 -13.74 1.97 -50.67
N ALA A 362 -13.82 0.71 -50.27
CA ALA A 362 -15.07 -0.03 -50.26
C ALA A 362 -16.09 0.62 -49.34
N ASN A 363 -15.64 1.06 -48.16
CA ASN A 363 -16.50 1.75 -47.19
C ASN A 363 -16.94 3.13 -47.67
N VAL A 364 -16.19 3.67 -48.61
CA VAL A 364 -16.51 4.98 -49.20
C VAL A 364 -17.62 4.86 -50.25
N TYR A 365 -17.35 4.14 -51.33
CA TYR A 365 -18.29 4.01 -52.44
C TYR A 365 -19.38 2.95 -52.25
N ARG A 366 -19.09 1.96 -51.40
CA ARG A 366 -19.99 0.85 -51.10
C ARG A 366 -20.38 0.08 -52.37
N ASP A 367 -21.67 -0.03 -52.66
CA ASP A 367 -22.15 -0.78 -53.83
C ASP A 367 -21.56 -0.24 -55.13
N GLU A 368 -21.44 1.09 -55.20
CA GLU A 368 -20.92 1.79 -56.38
C GLU A 368 -19.54 1.30 -56.83
N LEU A 369 -18.82 0.63 -55.93
CA LEU A 369 -17.48 0.12 -56.24
C LEU A 369 -17.54 -1.19 -57.02
N LEU A 370 -18.60 -1.97 -56.79
CA LEU A 370 -18.71 -3.32 -57.34
C LEU A 370 -18.54 -3.47 -58.86
N PRO A 371 -19.10 -2.54 -59.66
CA PRO A 371 -18.78 -2.52 -61.09
C PRO A 371 -17.28 -2.49 -61.40
N HIS A 372 -16.50 -1.78 -60.59
CA HIS A 372 -15.05 -1.69 -60.80
C HIS A 372 -14.28 -2.91 -60.29
N ILE A 373 -14.88 -3.66 -59.38
CA ILE A 373 -14.17 -4.77 -58.74
C ILE A 373 -14.60 -6.18 -59.18
N LEU A 374 -15.90 -6.37 -59.39
CA LEU A 374 -16.48 -7.70 -59.66
C LEU A 374 -15.90 -8.44 -60.87
N PRO A 375 -15.85 -7.78 -62.06
CA PRO A 375 -15.19 -8.38 -63.23
C PRO A 375 -13.80 -8.93 -62.91
N LEU A 376 -12.97 -8.10 -62.28
CA LEU A 376 -11.62 -8.49 -61.89
C LEU A 376 -11.64 -9.63 -60.86
N LEU A 377 -12.61 -9.57 -59.95
CA LEU A 377 -12.76 -10.58 -58.92
C LEU A 377 -13.18 -11.93 -59.50
N LYS A 378 -14.02 -11.88 -60.54
CA LYS A 378 -14.53 -13.09 -61.22
C LYS A 378 -13.41 -13.99 -61.71
N GLU A 379 -12.40 -13.42 -62.34
CA GLU A 379 -11.31 -14.23 -62.83
C GLU A 379 -10.38 -14.72 -61.72
N LEU A 380 -9.97 -13.81 -60.84
CA LEU A 380 -9.04 -14.12 -59.74
C LEU A 380 -9.44 -15.33 -58.90
N LEU A 381 -10.70 -15.35 -58.49
CA LEU A 381 -11.22 -16.34 -57.55
C LEU A 381 -11.06 -17.79 -57.99
N PHE A 382 -10.90 -17.99 -59.30
CA PHE A 382 -10.73 -19.33 -59.86
C PHE A 382 -9.40 -19.45 -60.58
N HIS A 383 -8.88 -18.33 -61.08
CA HIS A 383 -7.66 -18.27 -61.91
C HIS A 383 -6.47 -19.06 -61.39
N HIS A 384 -5.49 -19.25 -62.28
CA HIS A 384 -4.19 -19.86 -61.98
C HIS A 384 -4.27 -21.00 -60.96
N GLU A 385 -3.17 -21.18 -60.23
CA GLU A 385 -3.14 -21.93 -58.99
C GLU A 385 -2.82 -20.92 -57.87
N TRP A 386 -2.62 -21.45 -56.66
CA TRP A 386 -2.05 -20.74 -55.51
C TRP A 386 -2.26 -19.22 -55.46
N VAL A 387 -1.26 -18.49 -55.98
CA VAL A 387 -1.03 -17.09 -55.64
C VAL A 387 -2.12 -16.16 -56.14
N VAL A 388 -2.49 -16.30 -57.40
CA VAL A 388 -3.49 -15.42 -57.99
C VAL A 388 -4.84 -15.64 -57.32
N LYS A 389 -5.20 -16.90 -57.08
CA LYS A 389 -6.43 -17.23 -56.35
C LYS A 389 -6.43 -16.62 -54.94
N GLU A 390 -5.36 -16.87 -54.18
CA GLU A 390 -5.21 -16.34 -52.83
C GLU A 390 -5.53 -14.85 -52.78
N SER A 391 -4.91 -14.08 -53.67
CA SER A 391 -5.10 -12.64 -53.76
C SER A 391 -6.55 -12.28 -54.00
N GLY A 392 -7.27 -13.11 -54.76
CA GLY A 392 -8.69 -12.92 -54.99
C GLY A 392 -9.54 -13.16 -53.75
N ILE A 393 -9.11 -14.10 -52.93
CA ILE A 393 -9.79 -14.41 -51.68
C ILE A 393 -9.63 -13.25 -50.71
N LEU A 394 -8.40 -12.75 -50.63
CA LEU A 394 -8.09 -11.51 -49.91
C LEU A 394 -9.00 -10.36 -50.35
N VAL A 395 -9.10 -10.13 -51.65
CA VAL A 395 -9.96 -9.06 -52.15
C VAL A 395 -11.38 -9.21 -51.63
N LEU A 396 -11.91 -10.44 -51.73
CA LEU A 396 -13.30 -10.70 -51.35
C LEU A 396 -13.61 -10.31 -49.89
N GLY A 397 -12.70 -10.65 -48.98
CA GLY A 397 -12.82 -10.26 -47.58
C GLY A 397 -12.72 -8.77 -47.39
N ALA A 398 -11.77 -8.15 -48.08
CA ALA A 398 -11.52 -6.71 -48.01
C ALA A 398 -12.75 -5.92 -48.44
N ILE A 399 -13.40 -6.41 -49.50
CA ILE A 399 -14.64 -5.83 -50.03
C ILE A 399 -15.79 -5.84 -49.02
N ALA A 400 -15.80 -6.85 -48.16
CA ALA A 400 -16.99 -7.23 -47.38
C ALA A 400 -17.70 -6.06 -46.72
N GLU A 401 -17.16 -5.59 -45.61
CA GLU A 401 -17.76 -4.50 -44.84
C GLU A 401 -18.37 -3.42 -45.75
N GLY A 402 -17.55 -2.87 -46.65
CA GLY A 402 -17.98 -1.83 -47.58
C GLY A 402 -19.14 -2.22 -48.49
N CYS A 403 -18.93 -3.24 -49.31
CA CYS A 403 -19.91 -3.63 -50.32
C CYS A 403 -20.80 -4.82 -49.91
N MET A 404 -21.07 -4.95 -48.62
CA MET A 404 -21.80 -6.10 -48.09
C MET A 404 -23.14 -6.33 -48.80
N GLN A 405 -23.93 -5.28 -48.94
CA GLN A 405 -25.26 -5.38 -49.55
C GLN A 405 -25.17 -5.87 -50.99
N GLY A 406 -24.33 -5.22 -51.78
CA GLY A 406 -24.16 -5.58 -53.18
C GLY A 406 -23.53 -6.94 -53.39
N MET A 407 -23.05 -7.55 -52.31
CA MET A 407 -22.41 -8.86 -52.37
C MET A 407 -23.39 -10.01 -52.11
N ILE A 408 -24.45 -9.71 -51.35
CA ILE A 408 -25.45 -10.72 -50.98
C ILE A 408 -25.85 -11.63 -52.16
N PRO A 409 -26.37 -11.05 -53.26
CA PRO A 409 -26.63 -11.84 -54.47
C PRO A 409 -25.58 -12.91 -54.81
N TYR A 410 -24.29 -12.57 -54.71
CA TYR A 410 -23.22 -13.46 -55.13
C TYR A 410 -22.82 -14.46 -54.05
N LEU A 411 -23.39 -14.31 -52.85
CA LEU A 411 -22.99 -15.14 -51.72
C LEU A 411 -23.36 -16.62 -51.82
N PRO A 412 -24.64 -16.96 -52.15
CA PRO A 412 -25.07 -18.36 -52.28
C PRO A 412 -24.17 -19.21 -53.16
N GLU A 413 -23.49 -18.60 -54.11
CA GLU A 413 -22.55 -19.33 -54.96
C GLU A 413 -21.08 -19.21 -54.54
N LEU A 414 -20.75 -18.14 -53.82
CA LEU A 414 -19.36 -17.93 -53.38
C LEU A 414 -19.03 -18.60 -52.04
N ILE A 415 -19.94 -18.47 -51.05
CA ILE A 415 -19.73 -19.08 -49.74
C ILE A 415 -19.31 -20.57 -49.84
N PRO A 416 -20.10 -21.41 -50.55
CA PRO A 416 -19.72 -22.81 -50.74
C PRO A 416 -18.36 -22.97 -51.40
N HIS A 417 -18.02 -22.11 -52.37
CA HIS A 417 -16.69 -22.19 -52.97
C HIS A 417 -15.58 -21.86 -51.95
N LEU A 418 -15.88 -20.96 -51.02
CA LEU A 418 -14.93 -20.64 -49.96
C LEU A 418 -14.81 -21.77 -48.94
N ILE A 419 -15.96 -22.32 -48.53
CA ILE A 419 -16.00 -23.50 -47.67
C ILE A 419 -15.20 -24.61 -48.34
N GLN A 420 -15.28 -24.65 -49.67
CA GLN A 420 -14.53 -25.63 -50.44
C GLN A 420 -13.04 -25.34 -50.41
N CYS A 421 -12.68 -24.05 -50.43
CA CYS A 421 -11.28 -23.64 -50.43
C CYS A 421 -10.57 -23.90 -49.10
N LEU A 422 -11.34 -23.96 -48.01
CA LEU A 422 -10.78 -24.22 -46.68
C LEU A 422 -9.87 -25.43 -46.63
N SER A 423 -9.93 -26.28 -47.66
CA SER A 423 -9.21 -27.55 -47.66
C SER A 423 -8.06 -27.58 -48.66
N ASP A 424 -7.96 -26.54 -49.50
CA ASP A 424 -6.88 -26.39 -50.49
C ASP A 424 -5.55 -26.96 -50.01
N LYS A 425 -4.75 -27.45 -50.95
CA LYS A 425 -3.45 -28.04 -50.64
C LYS A 425 -2.51 -27.03 -49.99
N LYS A 426 -2.54 -25.79 -50.48
CA LYS A 426 -1.61 -24.76 -50.02
C LYS A 426 -2.07 -24.10 -48.73
N ALA A 427 -1.16 -24.05 -47.74
CA ALA A 427 -1.43 -23.49 -46.41
C ALA A 427 -1.97 -22.07 -46.45
N LEU A 428 -1.31 -21.22 -47.23
CA LEU A 428 -1.68 -19.81 -47.32
C LEU A 428 -3.04 -19.58 -47.95
N VAL A 429 -3.58 -20.56 -48.66
CA VAL A 429 -4.91 -20.40 -49.24
C VAL A 429 -5.97 -20.73 -48.19
N ARG A 430 -5.65 -21.70 -47.33
CA ARG A 430 -6.52 -22.04 -46.22
C ARG A 430 -6.65 -20.87 -45.25
N SER A 431 -5.51 -20.29 -44.85
CA SER A 431 -5.44 -19.14 -43.95
C SER A 431 -6.38 -18.00 -44.35
N ILE A 432 -6.14 -17.42 -45.52
CA ILE A 432 -6.92 -16.28 -45.99
C ILE A 432 -8.41 -16.61 -46.12
N THR A 433 -8.72 -17.86 -46.48
CA THR A 433 -10.11 -18.30 -46.65
C THR A 433 -10.85 -18.26 -45.31
N CYS A 434 -10.21 -18.74 -44.26
CA CYS A 434 -10.78 -18.62 -42.90
C CYS A 434 -11.20 -17.18 -42.64
N TRP A 435 -10.28 -16.25 -42.89
CA TRP A 435 -10.52 -14.83 -42.68
C TRP A 435 -11.68 -14.31 -43.52
N THR A 436 -11.60 -14.50 -44.83
CA THR A 436 -12.66 -14.02 -45.73
C THR A 436 -14.05 -14.55 -45.37
N LEU A 437 -14.11 -15.81 -44.91
CA LEU A 437 -15.39 -16.35 -44.48
C LEU A 437 -15.91 -15.63 -43.23
N SER A 438 -15.01 -15.34 -42.29
CA SER A 438 -15.39 -14.64 -41.06
C SER A 438 -15.95 -13.26 -41.37
N ARG A 439 -15.53 -12.72 -42.51
CA ARG A 439 -16.01 -11.40 -42.94
C ARG A 439 -17.42 -11.45 -43.50
N TYR A 440 -17.97 -12.66 -43.62
CA TYR A 440 -19.35 -12.88 -44.06
C TYR A 440 -20.15 -13.73 -43.07
N ALA A 441 -19.61 -13.87 -41.87
CA ALA A 441 -20.23 -14.64 -40.79
C ALA A 441 -21.69 -14.28 -40.54
N HIS A 442 -22.00 -12.98 -40.58
CA HIS A 442 -23.36 -12.51 -40.34
C HIS A 442 -24.39 -13.03 -41.33
N TRP A 443 -24.02 -13.11 -42.60
CA TRP A 443 -24.93 -13.65 -43.61
C TRP A 443 -25.13 -15.16 -43.45
N VAL A 444 -24.04 -15.89 -43.33
CA VAL A 444 -24.08 -17.33 -43.05
C VAL A 444 -25.08 -17.65 -41.93
N VAL A 445 -25.02 -16.88 -40.84
CA VAL A 445 -25.90 -17.07 -39.69
C VAL A 445 -27.39 -16.85 -40.03
N SER A 446 -27.68 -15.89 -40.90
CA SER A 446 -29.07 -15.51 -41.20
C SER A 446 -29.82 -16.51 -42.10
N GLN A 447 -29.10 -17.36 -42.82
CA GLN A 447 -29.71 -18.42 -43.62
C GLN A 447 -30.02 -19.66 -42.77
N PRO A 448 -30.82 -20.62 -43.31
CA PRO A 448 -31.05 -21.88 -42.61
C PRO A 448 -29.74 -22.57 -42.24
N PRO A 449 -29.54 -22.86 -40.95
CA PRO A 449 -28.29 -23.39 -40.38
C PRO A 449 -27.72 -24.59 -41.12
N ASP A 450 -28.55 -25.32 -41.85
CA ASP A 450 -28.11 -26.54 -42.52
C ASP A 450 -27.27 -26.27 -43.78
N THR A 451 -27.64 -25.24 -44.53
CA THR A 451 -27.03 -25.03 -45.85
C THR A 451 -25.64 -24.37 -45.84
N TYR A 452 -25.45 -23.37 -44.97
CA TYR A 452 -24.17 -22.64 -44.91
C TYR A 452 -23.40 -22.80 -43.59
N LEU A 453 -24.07 -22.52 -42.46
CA LEU A 453 -23.44 -22.62 -41.14
C LEU A 453 -22.86 -24.01 -40.86
N LYS A 454 -23.71 -25.03 -40.87
CA LYS A 454 -23.29 -26.41 -40.59
C LYS A 454 -22.07 -26.86 -41.38
N PRO A 455 -22.05 -26.68 -42.71
CA PRO A 455 -20.86 -27.07 -43.46
C PRO A 455 -19.64 -26.26 -43.07
N LEU A 456 -19.81 -24.94 -42.96
CA LEU A 456 -18.73 -24.03 -42.60
C LEU A 456 -18.20 -24.40 -41.23
N MET A 457 -19.09 -24.47 -40.26
CA MET A 457 -18.73 -24.77 -38.89
C MET A 457 -17.98 -26.11 -38.76
N THR A 458 -18.44 -27.12 -39.51
CA THR A 458 -17.77 -28.43 -39.54
C THR A 458 -16.36 -28.26 -40.07
N GLU A 459 -16.26 -27.57 -41.19
CA GLU A 459 -14.98 -27.37 -41.86
C GLU A 459 -14.02 -26.50 -41.03
N LEU A 460 -14.59 -25.49 -40.38
CA LEU A 460 -13.83 -24.56 -39.56
C LEU A 460 -13.21 -25.28 -38.35
N LEU A 461 -14.02 -26.11 -37.69
CA LEU A 461 -13.58 -26.92 -36.55
C LEU A 461 -12.40 -27.83 -36.89
N LYS A 462 -12.38 -28.34 -38.12
CA LYS A 462 -11.24 -29.12 -38.61
C LYS A 462 -10.01 -28.23 -38.76
N ARG A 463 -10.18 -27.06 -39.40
CA ARG A 463 -9.05 -26.15 -39.70
C ARG A 463 -8.30 -25.68 -38.47
N ILE A 464 -9.04 -25.46 -37.38
CA ILE A 464 -8.50 -25.09 -36.07
C ILE A 464 -7.32 -25.97 -35.66
N LEU A 465 -7.32 -27.21 -36.12
CA LEU A 465 -6.29 -28.15 -35.75
C LEU A 465 -5.30 -28.47 -36.88
N ASP A 466 -4.20 -29.11 -36.48
CA ASP A 466 -3.30 -29.87 -37.37
C ASP A 466 -2.55 -29.13 -38.51
N SER A 467 -2.97 -27.91 -38.85
CA SER A 467 -2.35 -27.28 -40.01
C SER A 467 -0.93 -26.79 -39.66
N ASN A 468 -0.55 -25.65 -40.22
CA ASN A 468 0.58 -24.92 -39.68
C ASN A 468 0.05 -23.85 -38.71
N LYS A 469 0.94 -23.19 -37.99
CA LYS A 469 0.59 -22.15 -37.02
C LYS A 469 -0.27 -21.03 -37.61
N ARG A 470 -0.11 -20.76 -38.90
CA ARG A 470 -0.82 -19.67 -39.56
C ARG A 470 -2.27 -19.99 -39.83
N VAL A 471 -2.57 -21.26 -40.11
CA VAL A 471 -3.94 -21.66 -40.38
C VAL A 471 -4.71 -21.86 -39.08
N GLN A 472 -4.02 -22.35 -38.05
CA GLN A 472 -4.58 -22.45 -36.71
C GLN A 472 -5.12 -21.10 -36.24
N GLU A 473 -4.26 -20.09 -36.23
CA GLU A 473 -4.63 -18.72 -35.83
C GLU A 473 -5.83 -18.20 -36.63
N ALA A 474 -5.76 -18.32 -37.95
CA ALA A 474 -6.82 -17.82 -38.81
C ALA A 474 -8.17 -18.52 -38.59
N ALA A 475 -8.13 -19.84 -38.41
CA ALA A 475 -9.34 -20.65 -38.26
C ALA A 475 -10.00 -20.43 -36.91
N CYS A 476 -9.16 -20.46 -35.87
CA CYS A 476 -9.58 -20.25 -34.50
C CYS A 476 -10.19 -18.86 -34.28
N SER A 477 -9.47 -17.84 -34.74
CA SER A 477 -9.95 -16.47 -34.74
C SER A 477 -11.27 -16.39 -35.48
N ALA A 478 -11.30 -16.91 -36.71
CA ALA A 478 -12.51 -16.88 -37.54
C ALA A 478 -13.69 -17.59 -36.86
N PHE A 479 -13.39 -18.67 -36.14
CA PHE A 479 -14.43 -19.41 -35.42
C PHE A 479 -15.02 -18.62 -34.26
N ALA A 480 -14.18 -17.86 -33.56
CA ALA A 480 -14.65 -17.00 -32.47
C ALA A 480 -15.63 -15.95 -32.98
N THR A 481 -15.36 -15.41 -34.16
CA THR A 481 -16.25 -14.46 -34.82
C THR A 481 -17.60 -15.13 -35.09
N LEU A 482 -17.53 -16.33 -35.66
CA LEU A 482 -18.70 -17.12 -35.99
C LEU A 482 -19.55 -17.44 -34.77
N GLU A 483 -18.91 -17.84 -33.67
CA GLU A 483 -19.59 -18.07 -32.39
C GLU A 483 -20.40 -16.87 -31.95
N GLU A 484 -19.77 -15.70 -31.99
CA GLU A 484 -20.38 -14.46 -31.55
C GLU A 484 -21.65 -14.20 -32.36
N GLU A 485 -21.60 -14.58 -33.63
CA GLU A 485 -22.72 -14.36 -34.54
C GLU A 485 -23.79 -15.47 -34.48
N ALA A 486 -23.36 -16.71 -34.22
CA ALA A 486 -24.25 -17.87 -34.24
C ALA A 486 -25.06 -18.05 -32.96
N CYS A 487 -24.36 -18.09 -31.82
CA CYS A 487 -24.99 -18.26 -30.51
C CYS A 487 -25.72 -19.58 -30.34
N THR A 488 -27.02 -19.51 -30.00
CA THR A 488 -27.89 -20.67 -29.79
C THR A 488 -27.72 -21.73 -30.87
N GLU A 489 -27.50 -21.29 -32.11
CA GLU A 489 -27.31 -22.20 -33.24
C GLU A 489 -26.14 -23.18 -33.09
N LEU A 490 -25.26 -22.94 -32.12
CA LEU A 490 -24.10 -23.79 -31.87
C LEU A 490 -24.41 -24.94 -30.92
N VAL A 491 -25.43 -24.76 -30.07
CA VAL A 491 -25.79 -25.76 -29.04
C VAL A 491 -25.81 -27.22 -29.56
N PRO A 492 -26.47 -27.48 -30.71
CA PRO A 492 -26.33 -28.76 -31.41
C PRO A 492 -24.92 -29.36 -31.45
N TYR A 493 -23.91 -28.53 -31.66
CA TYR A 493 -22.55 -29.04 -31.94
C TYR A 493 -21.58 -28.83 -30.79
N LEU A 494 -22.13 -28.46 -29.64
CA LEU A 494 -21.36 -28.08 -28.45
C LEU A 494 -20.30 -29.09 -28.02
N ALA A 495 -20.60 -30.38 -28.15
CA ALA A 495 -19.66 -31.44 -27.78
C ALA A 495 -18.47 -31.48 -28.74
N TYR A 496 -18.74 -31.36 -30.05
CA TYR A 496 -17.69 -31.36 -31.04
C TYR A 496 -16.85 -30.06 -30.95
N ILE A 497 -17.54 -28.92 -30.78
CA ILE A 497 -16.87 -27.64 -30.51
C ILE A 497 -15.94 -27.73 -29.28
N LEU A 498 -16.48 -28.22 -28.18
CA LEU A 498 -15.73 -28.26 -26.93
C LEU A 498 -14.57 -29.24 -26.94
N ASP A 499 -14.65 -30.27 -27.77
CA ASP A 499 -13.54 -31.22 -27.92
C ASP A 499 -12.39 -30.58 -28.67
N THR A 500 -12.74 -29.86 -29.75
CA THR A 500 -11.78 -29.15 -30.61
C THR A 500 -10.91 -28.17 -29.80
N LEU A 501 -11.57 -27.21 -29.15
CA LEU A 501 -10.87 -26.17 -28.43
C LEU A 501 -10.01 -26.73 -27.29
N VAL A 502 -10.56 -27.69 -26.54
CA VAL A 502 -9.84 -28.32 -25.44
C VAL A 502 -8.64 -29.11 -25.95
N PHE A 503 -8.78 -29.70 -27.13
CA PHE A 503 -7.67 -30.43 -27.73
C PHE A 503 -6.54 -29.48 -28.09
N ALA A 504 -6.91 -28.38 -28.76
CA ALA A 504 -5.98 -27.33 -29.16
C ALA A 504 -5.12 -26.88 -27.98
N PHE A 505 -5.68 -26.92 -26.78
CA PHE A 505 -4.94 -26.52 -25.60
C PHE A 505 -3.60 -27.24 -25.51
N SER A 506 -3.62 -28.55 -25.70
CA SER A 506 -2.38 -29.33 -25.71
C SER A 506 -1.58 -29.12 -27.01
N LYS A 507 -2.31 -29.07 -28.14
CA LYS A 507 -1.72 -28.86 -29.47
C LYS A 507 -0.99 -27.54 -29.63
N TYR A 508 -1.67 -26.44 -29.31
CA TYR A 508 -1.18 -25.08 -29.55
C TYR A 508 0.05 -24.70 -28.74
N GLN A 509 0.51 -23.48 -28.98
CA GLN A 509 1.73 -22.94 -28.42
C GLN A 509 1.54 -21.42 -28.19
N HIS A 510 2.24 -20.87 -27.21
CA HIS A 510 1.94 -19.54 -26.67
C HIS A 510 1.10 -18.60 -27.55
N LYS A 511 1.65 -18.20 -28.69
CA LYS A 511 1.00 -17.22 -29.56
C LYS A 511 -0.45 -17.58 -29.90
N ASN A 512 -0.67 -18.78 -30.41
CA ASN A 512 -2.00 -19.25 -30.83
C ASN A 512 -2.95 -19.52 -29.66
N LEU A 513 -2.35 -19.80 -28.51
CA LEU A 513 -3.10 -20.03 -27.27
C LEU A 513 -3.94 -18.82 -26.83
N LEU A 514 -3.42 -17.60 -27.02
CA LEU A 514 -4.17 -16.42 -26.65
C LEU A 514 -5.40 -16.25 -27.54
N ILE A 515 -5.29 -16.67 -28.80
CA ILE A 515 -6.42 -16.65 -29.73
C ILE A 515 -7.44 -17.71 -29.36
N LEU A 516 -6.97 -18.80 -28.77
CA LEU A 516 -7.84 -19.85 -28.30
C LEU A 516 -8.62 -19.39 -27.08
N TYR A 517 -7.94 -18.74 -26.13
CA TYR A 517 -8.61 -18.14 -24.96
C TYR A 517 -9.83 -17.32 -25.37
N ASP A 518 -9.67 -16.50 -26.42
CA ASP A 518 -10.73 -15.69 -26.95
C ASP A 518 -11.89 -16.53 -27.48
N ALA A 519 -11.56 -17.62 -28.17
CA ALA A 519 -12.56 -18.55 -28.74
C ALA A 519 -13.38 -19.26 -27.66
N ILE A 520 -12.71 -19.80 -26.65
CA ILE A 520 -13.40 -20.43 -25.52
C ILE A 520 -14.29 -19.42 -24.78
N GLY A 521 -13.74 -18.23 -24.55
CA GLY A 521 -14.48 -17.14 -23.96
C GLY A 521 -15.74 -16.80 -24.73
N THR A 522 -15.60 -16.61 -26.04
CA THR A 522 -16.74 -16.26 -26.89
C THR A 522 -17.83 -17.33 -26.86
N LEU A 523 -17.41 -18.60 -26.84
CA LEU A 523 -18.34 -19.72 -26.73
C LEU A 523 -19.23 -19.57 -25.51
N ALA A 524 -18.62 -19.63 -24.32
CA ALA A 524 -19.30 -19.39 -23.05
C ALA A 524 -20.36 -18.28 -23.19
N ASP A 525 -19.96 -17.13 -23.73
CA ASP A 525 -20.82 -15.97 -23.87
C ASP A 525 -21.96 -16.23 -24.80
N SER A 526 -21.68 -17.00 -25.86
CA SER A 526 -22.60 -17.14 -26.98
C SER A 526 -23.48 -18.38 -26.84
N VAL A 527 -23.48 -18.97 -25.67
CA VAL A 527 -24.15 -20.24 -25.45
C VAL A 527 -24.71 -20.25 -24.03
N GLY A 528 -24.16 -19.40 -23.17
CA GLY A 528 -24.68 -19.20 -21.82
C GLY A 528 -24.81 -20.48 -21.02
N HIS A 529 -25.90 -20.57 -20.25
CA HIS A 529 -26.15 -21.68 -19.33
C HIS A 529 -26.12 -23.07 -20.00
N HIS A 530 -26.37 -23.11 -21.31
CA HIS A 530 -26.27 -24.34 -22.10
C HIS A 530 -24.95 -25.05 -21.86
N LEU A 531 -23.90 -24.29 -21.55
CA LEU A 531 -22.57 -24.86 -21.32
C LEU A 531 -22.47 -25.62 -20.00
N ASN A 532 -23.38 -25.34 -19.08
CA ASN A 532 -23.39 -25.99 -17.77
C ASN A 532 -23.99 -27.40 -17.81
N LYS A 533 -23.13 -28.38 -18.10
CA LYS A 533 -23.47 -29.80 -18.02
C LYS A 533 -22.18 -30.56 -17.62
N PRO A 534 -22.27 -31.51 -16.68
CA PRO A 534 -21.08 -32.18 -16.13
C PRO A 534 -20.12 -32.73 -17.18
N GLU A 535 -20.67 -33.20 -18.31
CA GLU A 535 -19.83 -33.74 -19.41
C GLU A 535 -18.99 -32.65 -20.08
N TYR A 536 -19.52 -31.42 -20.11
CA TYR A 536 -18.80 -30.26 -20.63
C TYR A 536 -17.85 -29.69 -19.58
N ILE A 537 -18.34 -29.51 -18.36
CA ILE A 537 -17.52 -28.97 -17.27
C ILE A 537 -16.27 -29.81 -17.02
N GLN A 538 -16.42 -31.13 -17.02
CA GLN A 538 -15.30 -32.01 -16.66
C GLN A 538 -14.16 -32.07 -17.69
N MET A 539 -14.36 -31.47 -18.85
CA MET A 539 -13.28 -31.39 -19.83
C MET A 539 -12.72 -29.99 -20.04
N LEU A 540 -13.58 -28.98 -19.88
CA LEU A 540 -13.17 -27.59 -20.04
C LEU A 540 -12.35 -27.05 -18.88
N MET A 541 -12.70 -27.49 -17.67
CA MET A 541 -12.09 -26.95 -16.47
C MET A 541 -10.62 -27.34 -16.24
N PRO A 542 -10.28 -28.66 -16.30
CA PRO A 542 -8.90 -29.08 -16.03
C PRO A 542 -7.78 -28.31 -16.75
N PRO A 543 -7.90 -28.02 -18.07
CA PRO A 543 -6.78 -27.28 -18.65
C PRO A 543 -6.73 -25.82 -18.15
N LEU A 544 -7.90 -25.22 -17.93
CA LEU A 544 -8.00 -23.86 -17.42
C LEU A 544 -7.41 -23.74 -16.02
N ILE A 545 -7.71 -24.72 -15.16
CA ILE A 545 -7.11 -24.79 -13.83
C ILE A 545 -5.61 -25.11 -13.87
N GLN A 546 -5.20 -25.91 -14.85
CA GLN A 546 -3.77 -26.22 -15.04
C GLN A 546 -2.96 -24.95 -15.34
N LYS A 547 -3.49 -24.07 -16.19
CA LYS A 547 -2.81 -22.83 -16.52
C LYS A 547 -2.89 -21.87 -15.34
N TRP A 548 -3.98 -21.97 -14.59
CA TRP A 548 -4.22 -21.18 -13.40
C TRP A 548 -3.12 -21.40 -12.36
N ASN A 549 -2.88 -22.67 -12.03
CA ASN A 549 -1.83 -23.01 -11.08
C ASN A 549 -0.41 -22.82 -11.61
N MET A 550 -0.22 -23.04 -12.92
CA MET A 550 1.07 -22.84 -13.57
C MET A 550 1.51 -21.38 -13.56
N LEU A 551 0.56 -20.47 -13.79
CA LEU A 551 0.87 -19.05 -13.88
C LEU A 551 1.01 -18.39 -12.52
N LYS A 552 1.90 -17.41 -12.44
CA LYS A 552 2.18 -16.66 -11.21
C LYS A 552 1.67 -15.24 -11.34
N ASP A 553 1.34 -14.63 -10.20
CA ASP A 553 0.62 -13.34 -10.17
C ASP A 553 1.22 -12.18 -10.94
N GLU A 554 2.48 -12.31 -11.35
CA GLU A 554 3.21 -11.25 -12.04
C GLU A 554 3.25 -11.43 -13.57
N ASP A 555 2.70 -12.55 -14.04
CA ASP A 555 2.75 -12.95 -15.45
C ASP A 555 1.53 -12.46 -16.22
N LYS A 556 1.76 -11.56 -17.17
CA LYS A 556 0.71 -10.92 -17.95
C LYS A 556 -0.09 -11.89 -18.81
N ASP A 557 0.21 -13.18 -18.67
CA ASP A 557 -0.55 -14.22 -19.36
C ASP A 557 -1.84 -14.53 -18.62
N LEU A 558 -2.04 -13.85 -17.49
CA LEU A 558 -3.26 -14.04 -16.72
C LEU A 558 -4.42 -13.31 -17.37
N PHE A 559 -4.12 -12.19 -18.04
CA PHE A 559 -5.17 -11.37 -18.67
C PHE A 559 -6.10 -12.19 -19.57
N PRO A 560 -5.56 -12.96 -20.55
CA PRO A 560 -6.46 -13.68 -21.44
C PRO A 560 -7.11 -14.85 -20.72
N LEU A 561 -6.35 -15.50 -19.85
CA LEU A 561 -6.85 -16.62 -19.08
C LEU A 561 -8.00 -16.23 -18.17
N LEU A 562 -7.87 -15.12 -17.44
CA LEU A 562 -8.89 -14.76 -16.46
C LEU A 562 -10.14 -14.21 -17.14
N GLU A 563 -9.93 -13.40 -18.18
CA GLU A 563 -11.06 -12.91 -18.95
C GLU A 563 -11.84 -14.08 -19.52
N CYS A 564 -11.15 -15.17 -19.83
CA CYS A 564 -11.78 -16.40 -20.28
C CYS A 564 -12.69 -16.97 -19.18
N LEU A 565 -12.12 -17.15 -18.00
CA LEU A 565 -12.82 -17.68 -16.84
C LEU A 565 -14.03 -16.84 -16.41
N SER A 566 -13.99 -15.53 -16.63
CA SER A 566 -15.11 -14.69 -16.28
C SER A 566 -16.27 -14.94 -17.25
N SER A 567 -15.95 -15.26 -18.49
CA SER A 567 -16.96 -15.68 -19.46
C SER A 567 -17.51 -17.07 -19.09
N VAL A 568 -16.63 -17.94 -18.62
CA VAL A 568 -16.99 -19.31 -18.27
C VAL A 568 -17.81 -19.36 -16.99
N ALA A 569 -17.32 -18.73 -15.92
CA ALA A 569 -18.00 -18.71 -14.63
C ALA A 569 -19.46 -18.25 -14.72
N THR A 570 -19.69 -17.24 -15.56
CA THR A 570 -21.03 -16.71 -15.82
C THR A 570 -21.89 -17.75 -16.51
N ALA A 571 -21.35 -18.41 -17.53
CA ALA A 571 -22.12 -19.36 -18.31
C ALA A 571 -22.40 -20.64 -17.52
N LEU A 572 -21.42 -21.09 -16.71
CA LEU A 572 -21.57 -22.32 -15.94
C LEU A 572 -22.41 -22.10 -14.70
N GLN A 573 -22.79 -20.84 -14.46
CA GLN A 573 -23.59 -20.46 -13.30
C GLN A 573 -23.16 -21.23 -12.03
N SER A 574 -24.09 -21.98 -11.45
CA SER A 574 -23.84 -22.71 -10.22
C SER A 574 -22.97 -23.95 -10.44
N GLY A 575 -22.70 -24.27 -11.71
CA GLY A 575 -21.77 -25.36 -12.05
C GLY A 575 -20.34 -24.99 -11.69
N PHE A 576 -20.08 -23.69 -11.54
CA PHE A 576 -18.76 -23.17 -11.21
C PHE A 576 -18.44 -23.30 -9.71
N LEU A 577 -19.47 -23.64 -8.94
CA LEU A 577 -19.39 -23.74 -7.48
C LEU A 577 -18.14 -24.45 -6.92
N PRO A 578 -17.78 -25.65 -7.43
CA PRO A 578 -16.56 -26.32 -6.95
C PRO A 578 -15.26 -25.52 -7.07
N TYR A 579 -15.27 -24.46 -7.89
CA TYR A 579 -14.04 -23.73 -8.21
C TYR A 579 -13.95 -22.32 -7.66
N CYS A 580 -15.10 -21.75 -7.30
CA CYS A 580 -15.20 -20.34 -6.92
C CYS A 580 -14.34 -19.91 -5.74
N GLU A 581 -14.19 -20.79 -4.76
CA GLU A 581 -13.46 -20.48 -3.53
C GLU A 581 -12.03 -19.95 -3.80
N PRO A 582 -11.15 -20.77 -4.43
CA PRO A 582 -9.79 -20.32 -4.71
C PRO A 582 -9.71 -19.17 -5.71
N VAL A 583 -10.56 -19.21 -6.74
CA VAL A 583 -10.67 -18.18 -7.80
C VAL A 583 -10.95 -16.78 -7.21
N TYR A 584 -11.98 -16.69 -6.36
CA TYR A 584 -12.32 -15.47 -5.66
C TYR A 584 -11.13 -14.97 -4.85
N GLN A 585 -10.59 -15.83 -3.99
CA GLN A 585 -9.52 -15.44 -3.09
C GLN A 585 -8.34 -14.83 -3.85
N ARG A 586 -7.95 -15.48 -4.95
CA ARG A 586 -6.87 -14.96 -5.81
C ARG A 586 -7.18 -13.58 -6.41
N CYS A 587 -8.36 -13.42 -7.01
CA CYS A 587 -8.79 -12.15 -7.60
C CYS A 587 -8.69 -10.97 -6.63
N VAL A 588 -9.13 -11.18 -5.39
CA VAL A 588 -9.12 -10.13 -4.38
C VAL A 588 -7.69 -9.73 -4.11
N ASN A 589 -6.84 -10.73 -3.90
CA ASN A 589 -5.40 -10.53 -3.73
C ASN A 589 -4.76 -9.70 -4.82
N LEU A 590 -5.12 -9.98 -6.07
CA LEU A 590 -4.58 -9.24 -7.20
C LEU A 590 -4.98 -7.77 -7.14
N VAL A 591 -6.23 -7.51 -6.79
CA VAL A 591 -6.77 -6.15 -6.67
C VAL A 591 -6.11 -5.44 -5.50
N GLN A 592 -6.05 -6.14 -4.36
CA GLN A 592 -5.43 -5.59 -3.15
C GLN A 592 -3.98 -5.15 -3.42
N LYS A 593 -3.19 -6.07 -3.97
CA LYS A 593 -1.81 -5.83 -4.31
C LYS A 593 -1.61 -4.71 -5.32
N THR A 594 -2.44 -4.63 -6.35
CA THR A 594 -2.29 -3.59 -7.37
C THR A 594 -2.50 -2.25 -6.70
N LEU A 595 -3.54 -2.18 -5.88
CA LEU A 595 -3.86 -0.97 -5.12
C LEU A 595 -2.71 -0.57 -4.19
N ALA A 596 -2.18 -1.56 -3.47
CA ALA A 596 -1.04 -1.38 -2.59
C ALA A 596 0.16 -0.82 -3.36
N GLN A 597 0.52 -1.50 -4.46
CA GLN A 597 1.63 -1.07 -5.32
C GLN A 597 1.43 0.36 -5.86
N ALA A 598 0.19 0.73 -6.13
CA ALA A 598 -0.11 2.03 -6.69
C ALA A 598 0.09 3.12 -5.65
N MET A 599 -0.13 2.76 -4.39
CA MET A 599 0.04 3.67 -3.26
C MET A 599 1.51 3.99 -3.07
N LEU A 600 2.32 2.94 -2.90
CA LEU A 600 3.78 3.07 -2.80
C LEU A 600 4.31 3.98 -3.91
N ASN A 601 4.01 3.65 -5.16
CA ASN A 601 4.43 4.49 -6.29
C ASN A 601 4.02 5.95 -6.13
N ASN A 602 2.81 6.20 -5.64
CA ASN A 602 2.32 7.56 -5.41
C ASN A 602 3.14 8.32 -4.34
N ALA A 603 3.47 7.63 -3.25
CA ALA A 603 4.31 8.19 -2.20
C ALA A 603 5.76 8.38 -2.63
N GLN A 604 6.30 7.42 -3.37
CA GLN A 604 7.72 7.43 -3.78
C GLN A 604 7.90 7.05 -5.26
N PRO A 605 7.52 7.94 -6.19
CA PRO A 605 7.56 7.60 -7.63
C PRO A 605 8.93 7.11 -8.11
N ASP A 606 9.98 7.75 -7.62
CA ASP A 606 11.36 7.44 -7.99
C ASP A 606 11.95 6.24 -7.23
N GLN A 607 11.15 5.57 -6.39
CA GLN A 607 11.63 4.44 -5.58
C GLN A 607 10.76 3.18 -5.71
N TYR A 608 9.54 3.34 -6.21
CA TYR A 608 8.60 2.22 -6.38
C TYR A 608 7.97 2.27 -7.76
N GLU A 609 8.00 1.12 -8.45
CA GLU A 609 7.44 1.02 -9.80
C GLU A 609 5.91 1.07 -9.76
N ALA A 610 5.32 1.83 -10.68
CA ALA A 610 3.88 1.84 -10.86
C ALA A 610 3.39 0.45 -11.27
N PRO A 611 2.26 0.00 -10.70
CA PRO A 611 1.76 -1.33 -11.01
C PRO A 611 1.14 -1.39 -12.40
N ASP A 612 1.16 -2.58 -13.00
CA ASP A 612 0.41 -2.82 -14.23
C ASP A 612 -1.04 -3.03 -13.79
N LYS A 613 -1.89 -2.07 -14.13
CA LYS A 613 -3.25 -2.09 -13.61
C LYS A 613 -4.15 -3.10 -14.33
N ASP A 614 -3.67 -3.64 -15.44
CA ASP A 614 -4.39 -4.68 -16.17
C ASP A 614 -4.69 -5.91 -15.29
N PHE A 615 -3.86 -6.15 -14.27
CA PHE A 615 -4.11 -7.24 -13.33
C PHE A 615 -5.35 -6.96 -12.51
N MET A 616 -5.53 -5.69 -12.16
CA MET A 616 -6.67 -5.24 -11.37
C MET A 616 -7.94 -5.27 -12.21
N ILE A 617 -7.85 -4.70 -13.41
CA ILE A 617 -8.98 -4.70 -14.35
C ILE A 617 -9.50 -6.10 -14.63
N VAL A 618 -8.58 -7.05 -14.75
CA VAL A 618 -8.93 -8.42 -15.09
C VAL A 618 -9.51 -9.20 -13.91
N ALA A 619 -8.96 -8.99 -12.71
CA ALA A 619 -9.43 -9.68 -11.51
C ALA A 619 -10.84 -9.19 -11.14
N LEU A 620 -11.06 -7.89 -11.28
CA LEU A 620 -12.37 -7.30 -11.07
C LEU A 620 -13.37 -7.94 -12.01
N ASP A 621 -13.03 -8.00 -13.29
CA ASP A 621 -13.93 -8.58 -14.29
C ASP A 621 -14.28 -10.03 -14.03
N LEU A 622 -13.34 -10.79 -13.46
CA LEU A 622 -13.59 -12.18 -13.12
C LEU A 622 -14.48 -12.30 -11.88
N LEU A 623 -14.28 -11.36 -10.93
CA LEU A 623 -15.12 -11.28 -9.74
C LEU A 623 -16.56 -10.98 -10.11
N SER A 624 -16.75 -10.03 -11.02
CA SER A 624 -18.08 -9.70 -11.48
C SER A 624 -18.72 -10.89 -12.21
N GLY A 625 -17.89 -11.75 -12.80
CA GLY A 625 -18.35 -12.92 -13.54
C GLY A 625 -18.78 -14.02 -12.60
N LEU A 626 -18.15 -14.08 -11.43
CA LEU A 626 -18.55 -14.98 -10.35
C LEU A 626 -19.86 -14.48 -9.77
N ALA A 627 -19.97 -13.16 -9.61
CA ALA A 627 -21.13 -12.53 -9.01
C ALA A 627 -22.38 -12.78 -9.83
N GLU A 628 -22.22 -12.80 -11.16
CA GLU A 628 -23.35 -12.97 -12.06
C GLU A 628 -23.80 -14.42 -12.11
N GLY A 629 -22.86 -15.32 -12.33
CA GLY A 629 -23.15 -16.76 -12.46
C GLY A 629 -23.60 -17.41 -11.16
N LEU A 630 -23.03 -16.98 -10.04
CA LEU A 630 -23.28 -17.61 -8.74
C LEU A 630 -24.43 -16.99 -7.95
N GLY A 631 -24.76 -15.75 -8.28
CA GLY A 631 -25.81 -15.02 -7.56
C GLY A 631 -25.57 -15.03 -6.07
N GLY A 632 -26.62 -15.38 -5.32
CA GLY A 632 -26.57 -15.37 -3.85
C GLY A 632 -25.48 -16.23 -3.22
N ASN A 633 -25.08 -17.30 -3.92
CA ASN A 633 -24.04 -18.21 -3.46
C ASN A 633 -22.68 -17.56 -3.21
N ILE A 634 -22.51 -16.33 -3.70
CA ILE A 634 -21.28 -15.57 -3.46
C ILE A 634 -21.27 -14.83 -2.10
N GLU A 635 -22.45 -14.63 -1.51
CA GLU A 635 -22.60 -13.74 -0.34
C GLU A 635 -21.56 -13.99 0.77
N GLN A 636 -21.34 -15.26 1.11
CA GLN A 636 -20.40 -15.62 2.16
C GLN A 636 -19.00 -15.09 1.86
N LEU A 637 -18.45 -15.51 0.72
CA LEU A 637 -17.16 -15.03 0.22
C LEU A 637 -17.01 -13.51 0.30
N VAL A 638 -18.07 -12.79 -0.05
CA VAL A 638 -18.10 -11.33 0.04
C VAL A 638 -18.07 -10.87 1.50
N ALA A 639 -18.94 -11.47 2.32
CA ALA A 639 -19.09 -11.09 3.71
C ALA A 639 -17.78 -11.25 4.46
N ARG A 640 -17.12 -12.39 4.21
CA ARG A 640 -15.86 -12.73 4.85
C ARG A 640 -14.62 -12.03 4.26
N SER A 641 -14.81 -11.24 3.22
CA SER A 641 -13.67 -10.60 2.56
C SER A 641 -13.61 -9.10 2.84
N ASN A 642 -12.69 -8.42 2.17
CA ASN A 642 -12.60 -6.98 2.25
C ASN A 642 -12.80 -6.37 0.87
N ILE A 643 -13.55 -7.09 0.04
CA ILE A 643 -13.78 -6.74 -1.36
C ILE A 643 -14.38 -5.34 -1.56
N LEU A 644 -15.37 -4.99 -0.73
CA LEU A 644 -16.06 -3.70 -0.86
C LEU A 644 -15.20 -2.51 -0.46
N THR A 645 -14.33 -2.68 0.53
CA THR A 645 -13.37 -1.65 0.89
C THR A 645 -12.43 -1.39 -0.28
N LEU A 646 -12.01 -2.48 -0.93
CA LEU A 646 -11.10 -2.38 -2.07
C LEU A 646 -11.83 -1.77 -3.24
N MET A 647 -13.02 -2.30 -3.54
CA MET A 647 -13.89 -1.77 -4.59
C MET A 647 -14.00 -0.26 -4.54
N TYR A 648 -14.08 0.26 -3.31
CA TYR A 648 -14.25 1.68 -3.06
C TYR A 648 -13.09 2.52 -3.58
N GLN A 649 -11.85 2.02 -3.42
CA GLN A 649 -10.67 2.71 -3.96
C GLN A 649 -10.58 2.58 -5.48
N CYS A 650 -11.02 1.45 -6.01
CA CYS A 650 -11.05 1.20 -7.46
C CYS A 650 -11.94 2.20 -8.20
N MET A 651 -13.05 2.57 -7.57
CA MET A 651 -14.01 3.49 -8.16
C MET A 651 -13.47 4.91 -8.21
N GLN A 652 -12.37 5.14 -7.51
CA GLN A 652 -11.76 6.45 -7.40
C GLN A 652 -10.49 6.55 -8.22
N ASP A 653 -10.10 5.43 -8.82
CA ASP A 653 -8.88 5.31 -9.59
C ASP A 653 -8.87 6.27 -10.79
N LYS A 654 -7.69 6.74 -11.16
CA LYS A 654 -7.53 7.66 -12.28
C LYS A 654 -7.91 7.00 -13.59
N MET A 655 -7.65 5.71 -13.70
CA MET A 655 -7.83 4.98 -14.96
C MET A 655 -9.29 4.58 -15.19
N PRO A 656 -9.92 5.17 -16.23
CA PRO A 656 -11.31 4.90 -16.59
C PRO A 656 -11.65 3.41 -16.61
N GLU A 657 -10.84 2.61 -17.31
CA GLU A 657 -10.99 1.16 -17.35
C GLU A 657 -11.14 0.50 -15.97
N VAL A 658 -10.45 1.03 -14.96
CA VAL A 658 -10.52 0.47 -13.61
C VAL A 658 -11.87 0.79 -12.98
N ARG A 659 -12.34 2.03 -13.15
CA ARG A 659 -13.62 2.47 -12.62
C ARG A 659 -14.74 1.68 -13.28
N GLN A 660 -14.69 1.65 -14.61
CA GLN A 660 -15.60 0.88 -15.45
C GLN A 660 -15.80 -0.56 -14.96
N SER A 661 -14.69 -1.23 -14.66
CA SER A 661 -14.76 -2.58 -14.13
C SER A 661 -15.44 -2.60 -12.78
N SER A 662 -14.96 -1.81 -11.83
CA SER A 662 -15.54 -1.80 -10.48
C SER A 662 -17.03 -1.50 -10.44
N PHE A 663 -17.47 -0.51 -11.22
CA PHE A 663 -18.90 -0.17 -11.30
C PHE A 663 -19.76 -1.32 -11.83
N ALA A 664 -19.23 -2.07 -12.78
CA ALA A 664 -19.89 -3.28 -13.25
C ALA A 664 -20.01 -4.26 -12.09
N LEU A 665 -18.90 -4.44 -11.35
CA LEU A 665 -18.89 -5.33 -10.18
C LEU A 665 -19.89 -4.87 -9.12
N LEU A 666 -19.99 -3.56 -8.93
CA LEU A 666 -20.93 -2.98 -7.97
C LEU A 666 -22.34 -3.40 -8.26
N GLY A 667 -22.75 -3.22 -9.52
CA GLY A 667 -24.09 -3.62 -9.95
C GLY A 667 -24.32 -5.11 -9.80
N ASP A 668 -23.29 -5.91 -10.05
CA ASP A 668 -23.38 -7.35 -9.90
C ASP A 668 -23.54 -7.78 -8.45
N LEU A 669 -22.92 -7.04 -7.53
CA LEU A 669 -22.97 -7.37 -6.12
C LEU A 669 -24.28 -6.87 -5.52
N THR A 670 -24.70 -5.70 -5.99
CA THR A 670 -25.99 -5.10 -5.67
C THR A 670 -27.11 -6.08 -5.92
N LYS A 671 -26.96 -6.85 -6.98
CA LYS A 671 -27.96 -7.80 -7.44
C LYS A 671 -27.83 -9.17 -6.76
N ALA A 672 -26.64 -9.50 -6.24
CA ALA A 672 -26.38 -10.86 -5.76
C ALA A 672 -26.43 -11.01 -4.24
N CYS A 673 -25.96 -9.98 -3.53
CA CYS A 673 -25.97 -9.96 -2.07
C CYS A 673 -26.00 -8.53 -1.56
N PHE A 674 -27.14 -7.87 -1.76
CA PHE A 674 -27.32 -6.48 -1.35
C PHE A 674 -27.17 -6.32 0.15
N GLN A 675 -27.48 -7.39 0.90
CA GLN A 675 -27.29 -7.45 2.35
C GLN A 675 -25.98 -6.78 2.73
N HIS A 676 -24.91 -7.23 2.07
CA HIS A 676 -23.55 -6.78 2.30
C HIS A 676 -23.22 -5.43 1.65
N VAL A 677 -23.88 -5.11 0.53
CA VAL A 677 -23.64 -3.84 -0.18
C VAL A 677 -24.28 -2.64 0.52
N LYS A 678 -25.53 -2.81 0.94
CA LYS A 678 -26.35 -1.72 1.52
C LYS A 678 -25.61 -0.76 2.49
N PRO A 679 -24.89 -1.29 3.50
CA PRO A 679 -24.12 -0.43 4.42
C PRO A 679 -23.26 0.61 3.71
N CYS A 680 -22.87 0.33 2.47
CA CYS A 680 -21.99 1.22 1.73
C CYS A 680 -22.71 2.15 0.76
N ILE A 681 -24.04 2.02 0.67
CA ILE A 681 -24.81 2.80 -0.31
C ILE A 681 -24.56 4.29 -0.15
N ALA A 682 -24.48 4.74 1.10
CA ALA A 682 -24.20 6.14 1.40
C ALA A 682 -22.84 6.61 0.85
N ASP A 683 -21.87 5.70 0.86
CA ASP A 683 -20.51 5.97 0.36
C ASP A 683 -20.39 5.96 -1.18
N PHE A 684 -21.02 4.98 -1.83
CA PHE A 684 -20.85 4.75 -3.28
C PHE A 684 -21.58 5.75 -4.17
N MET A 685 -22.77 6.14 -3.73
CA MET A 685 -23.63 7.01 -4.53
C MET A 685 -23.02 8.36 -4.95
N PRO A 686 -22.34 9.07 -4.02
CA PRO A 686 -21.66 10.29 -4.45
C PRO A 686 -20.63 10.05 -5.55
N ILE A 687 -19.92 8.92 -5.46
CA ILE A 687 -18.93 8.55 -6.48
C ILE A 687 -19.66 8.22 -7.78
N LEU A 688 -20.70 7.38 -7.66
CA LEU A 688 -21.56 7.06 -8.80
C LEU A 688 -22.01 8.34 -9.50
N GLY A 689 -22.35 9.37 -8.72
CA GLY A 689 -22.76 10.66 -9.25
C GLY A 689 -21.68 11.40 -10.02
N THR A 690 -20.47 11.42 -9.46
CA THR A 690 -19.30 12.02 -10.11
C THR A 690 -19.06 11.38 -11.48
N ASN A 691 -19.12 10.05 -11.50
CA ASN A 691 -18.80 9.29 -12.69
C ASN A 691 -19.87 9.28 -13.78
N LEU A 692 -20.98 9.97 -13.52
CA LEU A 692 -22.02 10.20 -14.54
C LEU A 692 -21.58 11.31 -15.49
N ASN A 693 -20.50 11.04 -16.20
CA ASN A 693 -19.87 11.99 -17.08
C ASN A 693 -19.53 11.28 -18.40
N PRO A 694 -20.21 11.67 -19.49
CA PRO A 694 -20.14 10.98 -20.79
C PRO A 694 -18.84 11.17 -21.58
N GLU A 695 -17.89 11.93 -21.04
CA GLU A 695 -16.56 11.96 -21.63
C GLU A 695 -16.00 10.54 -21.70
N PHE A 696 -16.37 9.71 -20.72
CA PHE A 696 -15.93 8.32 -20.62
C PHE A 696 -17.15 7.40 -20.72
N ILE A 697 -17.69 7.28 -21.94
CA ILE A 697 -18.94 6.57 -22.23
C ILE A 697 -19.12 5.23 -21.51
N SER A 698 -18.03 4.49 -21.35
CA SER A 698 -18.06 3.17 -20.75
C SER A 698 -18.12 3.17 -19.21
N VAL A 699 -17.55 4.19 -18.58
CA VAL A 699 -17.63 4.33 -17.13
C VAL A 699 -19.02 4.83 -16.75
N CYS A 700 -19.45 5.87 -17.46
CA CYS A 700 -20.72 6.51 -17.26
C CYS A 700 -21.86 5.53 -17.48
N ASN A 701 -21.70 4.62 -18.43
CA ASN A 701 -22.71 3.59 -18.68
C ASN A 701 -22.85 2.65 -17.48
N ASN A 702 -21.72 2.12 -17.03
CA ASN A 702 -21.71 1.19 -15.91
C ASN A 702 -22.17 1.83 -14.60
N ALA A 703 -21.86 3.12 -14.42
CA ALA A 703 -22.35 3.87 -13.27
C ALA A 703 -23.88 3.88 -13.29
N THR A 704 -24.41 4.43 -14.38
CA THR A 704 -25.85 4.46 -14.67
C THR A 704 -26.53 3.13 -14.37
N TRP A 705 -26.05 2.07 -15.01
CA TRP A 705 -26.56 0.74 -14.76
C TRP A 705 -26.54 0.29 -13.29
N ALA A 706 -25.51 0.68 -12.54
CA ALA A 706 -25.45 0.30 -11.12
C ALA A 706 -26.50 1.05 -10.30
N ILE A 707 -26.68 2.34 -10.60
CA ILE A 707 -27.66 3.19 -9.93
C ILE A 707 -29.07 2.60 -9.99
N GLY A 708 -29.49 2.24 -11.21
CA GLY A 708 -30.78 1.62 -11.42
C GLY A 708 -30.97 0.31 -10.68
N GLU A 709 -29.90 -0.49 -10.62
CA GLU A 709 -29.95 -1.79 -9.95
C GLU A 709 -30.00 -1.60 -8.45
N ILE A 710 -29.42 -0.49 -7.98
CA ILE A 710 -29.52 -0.07 -6.59
C ILE A 710 -30.97 0.32 -6.23
N SER A 711 -31.65 1.04 -7.12
CA SER A 711 -33.07 1.40 -6.95
C SER A 711 -33.90 0.18 -6.60
N ILE A 712 -34.01 -0.76 -7.53
CA ILE A 712 -34.80 -1.97 -7.32
C ILE A 712 -34.59 -2.43 -5.89
N GLN A 713 -33.33 -2.42 -5.46
CA GLN A 713 -32.94 -3.03 -4.20
C GLN A 713 -33.33 -2.24 -2.95
N MET A 714 -33.34 -0.92 -3.04
CA MET A 714 -33.65 -0.08 -1.89
C MET A 714 -35.13 0.30 -1.75
N GLY A 715 -35.80 0.47 -2.88
CA GLY A 715 -37.19 0.95 -2.87
C GLY A 715 -37.21 2.40 -2.44
N ILE A 716 -38.25 2.78 -1.70
CA ILE A 716 -38.46 4.18 -1.23
C ILE A 716 -37.28 4.83 -0.47
N GLU A 717 -36.35 4.01 0.00
CA GLU A 717 -35.17 4.49 0.71
C GLU A 717 -34.21 5.27 -0.20
N MET A 718 -34.34 5.06 -1.50
CA MET A 718 -33.50 5.70 -2.52
C MET A 718 -33.65 7.23 -2.53
N GLN A 719 -34.82 7.70 -2.07
CA GLN A 719 -35.21 9.12 -2.02
C GLN A 719 -34.07 10.17 -1.77
N PRO A 720 -33.30 10.03 -0.66
CA PRO A 720 -32.24 11.00 -0.34
C PRO A 720 -31.15 11.12 -1.41
N TYR A 721 -31.01 10.07 -2.21
CA TYR A 721 -29.88 9.93 -3.13
C TYR A 721 -30.19 10.40 -4.53
N ILE A 722 -31.47 10.50 -4.85
CA ILE A 722 -31.91 10.88 -6.19
C ILE A 722 -31.41 12.25 -6.65
N PRO A 723 -31.45 13.29 -5.78
CA PRO A 723 -30.90 14.60 -6.14
C PRO A 723 -29.48 14.59 -6.72
N MET A 724 -28.57 13.81 -6.12
CA MET A 724 -27.16 13.77 -6.58
C MET A 724 -26.94 13.01 -7.90
N VAL A 725 -28.03 12.51 -8.47
CA VAL A 725 -27.95 11.63 -9.64
C VAL A 725 -28.85 12.07 -10.81
N LEU A 726 -30.13 12.34 -10.52
CA LEU A 726 -31.17 12.56 -11.53
C LEU A 726 -30.86 13.64 -12.58
N HIS A 727 -30.42 14.81 -12.11
CA HIS A 727 -30.11 15.93 -13.01
C HIS A 727 -29.15 15.51 -14.12
N GLN A 728 -28.04 14.89 -13.73
CA GLN A 728 -27.00 14.43 -14.67
C GLN A 728 -27.54 13.40 -15.66
N LEU A 729 -28.41 12.52 -15.19
CA LEU A 729 -29.02 11.49 -16.04
C LEU A 729 -29.93 12.07 -17.11
N VAL A 730 -30.71 13.09 -16.75
CA VAL A 730 -31.62 13.74 -17.71
C VAL A 730 -30.79 14.51 -18.75
N GLU A 731 -29.62 14.97 -18.31
CA GLU A 731 -28.71 15.67 -19.18
C GLU A 731 -28.15 14.76 -20.28
N ILE A 732 -27.83 13.52 -19.94
CA ILE A 732 -27.18 12.62 -20.90
C ILE A 732 -28.16 11.91 -21.83
N ILE A 733 -29.41 11.77 -21.41
CA ILE A 733 -30.45 11.20 -22.26
C ILE A 733 -30.89 12.23 -23.32
N ASN A 734 -30.76 13.51 -22.99
CA ASN A 734 -31.09 14.61 -23.89
C ASN A 734 -29.93 15.03 -24.78
N ARG A 735 -28.75 14.50 -24.48
CA ARG A 735 -27.54 14.85 -25.20
C ARG A 735 -27.53 14.22 -26.59
N PRO A 736 -27.24 15.03 -27.63
CA PRO A 736 -27.16 14.51 -29.00
C PRO A 736 -25.90 13.69 -29.21
N ASN A 737 -25.93 12.81 -30.22
CA ASN A 737 -24.82 11.90 -30.53
C ASN A 737 -24.29 11.11 -29.33
N THR A 738 -25.14 10.22 -28.81
CA THR A 738 -24.79 9.36 -27.69
C THR A 738 -25.11 7.91 -28.06
N PRO A 739 -24.16 6.98 -27.82
CA PRO A 739 -24.35 5.58 -28.21
C PRO A 739 -25.66 4.99 -27.70
N LYS A 740 -26.25 4.11 -28.49
CA LYS A 740 -27.53 3.46 -28.19
C LYS A 740 -27.57 2.82 -26.80
N THR A 741 -26.49 2.14 -26.43
CA THR A 741 -26.38 1.41 -25.16
C THR A 741 -26.47 2.34 -23.94
N LEU A 742 -25.75 3.46 -24.00
CA LEU A 742 -25.77 4.43 -22.91
C LEU A 742 -27.16 5.04 -22.76
N LEU A 743 -27.77 5.40 -23.88
CA LEU A 743 -29.12 5.97 -23.88
C LEU A 743 -30.15 5.01 -23.28
N GLU A 744 -30.03 3.74 -23.64
CA GLU A 744 -30.95 2.70 -23.19
C GLU A 744 -30.84 2.47 -21.69
N ASN A 745 -29.61 2.38 -21.20
CA ASN A 745 -29.37 2.18 -19.78
C ASN A 745 -29.84 3.34 -18.92
N THR A 746 -29.71 4.55 -19.47
CA THR A 746 -30.19 5.76 -18.80
C THR A 746 -31.72 5.77 -18.73
N ALA A 747 -32.34 5.32 -19.82
CA ALA A 747 -33.79 5.20 -19.93
C ALA A 747 -34.37 4.22 -18.92
N ILE A 748 -33.67 3.09 -18.73
CA ILE A 748 -34.07 2.09 -17.74
C ILE A 748 -33.79 2.56 -16.31
N THR A 749 -32.69 3.28 -16.11
CA THR A 749 -32.31 3.75 -14.79
C THR A 749 -33.26 4.83 -14.30
N ILE A 750 -33.64 5.75 -15.19
CA ILE A 750 -34.62 6.76 -14.83
C ILE A 750 -35.94 6.07 -14.47
N GLY A 751 -36.36 5.15 -15.32
CA GLY A 751 -37.57 4.37 -15.11
C GLY A 751 -37.60 3.73 -13.74
N ARG A 752 -36.54 2.99 -13.43
CA ARG A 752 -36.41 2.32 -12.13
C ARG A 752 -36.41 3.31 -10.96
N LEU A 753 -35.68 4.41 -11.11
CA LEU A 753 -35.70 5.47 -10.10
C LEU A 753 -37.12 6.02 -9.92
N GLY A 754 -37.85 6.11 -11.04
CA GLY A 754 -39.23 6.55 -11.02
C GLY A 754 -40.07 5.55 -10.24
N TYR A 755 -40.16 4.33 -10.75
CA TYR A 755 -40.90 3.24 -10.13
C TYR A 755 -40.73 3.17 -8.62
N VAL A 756 -39.62 3.70 -8.12
CA VAL A 756 -39.27 3.57 -6.72
C VAL A 756 -39.45 4.88 -5.96
N CYS A 757 -39.31 6.00 -6.67
CA CYS A 757 -39.53 7.33 -6.12
C CYS A 757 -40.23 8.23 -7.12
N PRO A 758 -41.56 8.09 -7.26
CA PRO A 758 -42.27 8.89 -8.26
C PRO A 758 -42.29 10.37 -7.89
N GLN A 759 -42.51 10.67 -6.61
CA GLN A 759 -42.60 12.03 -6.10
C GLN A 759 -41.30 12.81 -6.30
N GLU A 760 -40.24 12.10 -6.66
CA GLU A 760 -38.90 12.67 -6.80
C GLU A 760 -38.54 12.91 -8.26
N VAL A 761 -38.94 11.97 -9.11
CA VAL A 761 -38.54 11.98 -10.50
C VAL A 761 -39.62 12.59 -11.40
N ALA A 762 -40.89 12.32 -11.09
CA ALA A 762 -42.02 12.91 -11.84
C ALA A 762 -41.90 14.43 -12.04
N PRO A 763 -41.60 15.19 -10.97
CA PRO A 763 -41.33 16.61 -11.17
C PRO A 763 -40.59 16.97 -12.47
N MET A 764 -39.75 16.07 -12.97
CA MET A 764 -38.93 16.36 -14.15
C MET A 764 -39.33 15.58 -15.40
N LEU A 765 -40.48 14.91 -15.32
CA LEU A 765 -40.99 14.05 -16.40
C LEU A 765 -41.03 14.72 -17.77
N GLN A 766 -41.38 16.01 -17.79
CA GLN A 766 -41.51 16.76 -19.04
C GLN A 766 -40.20 16.90 -19.80
N GLN A 767 -39.08 16.77 -19.09
CA GLN A 767 -37.77 17.07 -19.65
C GLN A 767 -37.08 15.89 -20.32
N PHE A 768 -37.47 14.67 -19.96
CA PHE A 768 -36.76 13.49 -20.44
C PHE A 768 -37.57 12.47 -21.24
N ILE A 769 -38.89 12.63 -21.30
CA ILE A 769 -39.73 11.61 -21.92
C ILE A 769 -39.54 11.48 -23.43
N ARG A 770 -39.25 12.60 -24.09
CA ARG A 770 -39.01 12.62 -25.55
C ARG A 770 -37.89 11.65 -25.92
N PRO A 771 -36.68 11.84 -25.36
CA PRO A 771 -35.57 10.90 -25.66
C PRO A 771 -35.79 9.53 -25.05
N TRP A 772 -36.44 9.49 -23.88
CA TRP A 772 -36.75 8.24 -23.21
C TRP A 772 -37.48 7.29 -24.15
N CYS A 773 -38.61 7.73 -24.67
CA CYS A 773 -39.38 6.97 -25.65
C CYS A 773 -38.56 6.60 -26.88
N THR A 774 -37.87 7.60 -27.44
CA THR A 774 -37.04 7.38 -28.62
C THR A 774 -36.11 6.17 -28.45
N SER A 775 -35.52 6.06 -27.25
CA SER A 775 -34.62 4.94 -26.95
C SER A 775 -35.34 3.61 -26.96
N LEU A 776 -36.14 3.36 -25.93
CA LEU A 776 -36.79 2.07 -25.73
C LEU A 776 -37.80 1.68 -26.81
N ARG A 777 -38.11 2.63 -27.68
CA ARG A 777 -39.01 2.44 -28.82
C ARG A 777 -38.51 1.34 -29.77
N ASN A 778 -37.21 1.37 -30.06
CA ASN A 778 -36.64 0.45 -31.04
C ASN A 778 -36.23 -0.90 -30.46
N ILE A 779 -36.01 -0.93 -29.15
CA ILE A 779 -35.64 -2.14 -28.42
C ILE A 779 -36.86 -3.07 -28.32
N ARG A 780 -36.64 -4.37 -28.54
CA ARG A 780 -37.70 -5.38 -28.41
C ARG A 780 -38.16 -5.55 -26.95
N ASP A 781 -39.24 -6.31 -26.76
CA ASP A 781 -39.80 -6.54 -25.43
C ASP A 781 -38.78 -7.24 -24.55
N ASN A 782 -38.77 -6.90 -23.26
CA ASN A 782 -37.88 -7.54 -22.28
C ASN A 782 -38.17 -7.14 -20.82
N GLU A 783 -37.84 -8.03 -19.88
CA GLU A 783 -38.13 -7.81 -18.47
C GLU A 783 -37.60 -6.46 -17.98
N GLU A 784 -36.53 -5.97 -18.61
CA GLU A 784 -35.90 -4.71 -18.23
C GLU A 784 -36.70 -3.53 -18.78
N LYS A 785 -37.04 -3.60 -20.06
CA LYS A 785 -37.87 -2.59 -20.75
C LYS A 785 -39.23 -2.52 -20.08
N ASP A 786 -39.70 -3.66 -19.60
CA ASP A 786 -40.94 -3.75 -18.85
C ASP A 786 -40.90 -2.90 -17.60
N SER A 787 -39.80 -3.01 -16.85
CA SER A 787 -39.67 -2.35 -15.55
C SER A 787 -39.47 -0.84 -15.66
N ALA A 788 -39.04 -0.39 -16.84
CA ALA A 788 -38.80 1.03 -17.06
C ALA A 788 -40.10 1.74 -17.38
N PHE A 789 -40.98 1.02 -18.08
CA PHE A 789 -42.31 1.51 -18.40
C PHE A 789 -43.21 1.56 -17.18
N ARG A 790 -43.11 0.55 -16.32
CA ARG A 790 -43.84 0.53 -15.06
C ARG A 790 -43.49 1.75 -14.21
N GLY A 791 -42.27 2.24 -14.41
CA GLY A 791 -41.79 3.44 -13.73
C GLY A 791 -42.46 4.66 -14.29
N ILE A 792 -42.38 4.80 -15.62
CA ILE A 792 -43.04 5.89 -16.33
C ILE A 792 -44.53 5.97 -16.01
N CYS A 793 -45.17 4.81 -15.92
CA CYS A 793 -46.60 4.75 -15.58
C CYS A 793 -46.92 5.31 -14.19
N THR A 794 -46.14 4.94 -13.17
CA THR A 794 -46.35 5.46 -11.82
C THR A 794 -45.93 6.92 -11.74
N MET A 795 -45.11 7.35 -12.68
CA MET A 795 -44.60 8.71 -12.73
C MET A 795 -45.64 9.63 -13.35
N ILE A 796 -46.35 9.12 -14.37
CA ILE A 796 -47.47 9.80 -14.99
C ILE A 796 -48.61 9.97 -13.98
N SER A 797 -49.02 8.85 -13.39
CA SER A 797 -50.08 8.82 -12.38
C SER A 797 -49.75 9.64 -11.12
N VAL A 798 -48.81 10.57 -11.26
CA VAL A 798 -48.47 11.54 -10.23
C VAL A 798 -48.41 12.91 -10.88
N ASN A 799 -47.82 12.98 -12.07
CA ASN A 799 -47.64 14.24 -12.77
C ASN A 799 -48.07 14.13 -14.24
N PRO A 800 -49.39 14.08 -14.49
CA PRO A 800 -49.89 13.84 -15.85
C PRO A 800 -49.59 15.00 -16.81
N SER A 801 -49.40 16.19 -16.25
CA SER A 801 -49.00 17.36 -17.03
C SER A 801 -47.67 17.17 -17.79
N GLY A 802 -46.75 16.39 -17.22
CA GLY A 802 -45.41 16.19 -17.78
C GLY A 802 -45.35 15.51 -19.13
N VAL A 803 -46.41 14.78 -19.46
CA VAL A 803 -46.44 14.01 -20.70
C VAL A 803 -47.14 14.75 -21.84
N ILE A 804 -48.18 15.54 -21.51
CA ILE A 804 -48.98 16.31 -22.47
C ILE A 804 -48.19 16.90 -23.63
N GLN A 805 -47.14 17.66 -23.29
CA GLN A 805 -46.33 18.35 -24.30
C GLN A 805 -45.75 17.41 -25.35
N ASP A 806 -45.54 16.14 -24.97
CA ASP A 806 -44.96 15.16 -25.90
C ASP A 806 -45.72 13.83 -25.90
N PHE A 807 -46.98 13.86 -25.48
CA PHE A 807 -47.84 12.67 -25.35
C PHE A 807 -47.83 11.78 -26.59
N ILE A 808 -47.53 12.37 -27.74
CA ILE A 808 -47.39 11.66 -29.02
C ILE A 808 -46.40 10.51 -28.90
N PHE A 809 -45.27 10.79 -28.25
CA PHE A 809 -44.18 9.85 -28.13
C PHE A 809 -44.51 8.71 -27.19
N PHE A 810 -45.14 9.04 -26.06
CA PHE A 810 -45.55 8.03 -25.08
C PHE A 810 -46.52 7.02 -25.70
N CYS A 811 -47.26 7.45 -26.72
CA CYS A 811 -48.17 6.57 -27.44
C CYS A 811 -47.41 5.63 -28.36
N ASP A 812 -46.45 6.19 -29.09
CA ASP A 812 -45.53 5.43 -29.93
C ASP A 812 -44.76 4.41 -29.10
N ALA A 813 -44.39 4.81 -27.88
CA ALA A 813 -43.68 3.94 -26.94
C ALA A 813 -44.52 2.75 -26.53
N VAL A 814 -45.81 2.98 -26.29
CA VAL A 814 -46.76 1.92 -25.96
C VAL A 814 -47.03 1.02 -27.17
N ALA A 815 -46.99 1.62 -28.36
CA ALA A 815 -47.23 0.92 -29.62
C ALA A 815 -46.06 0.02 -30.06
N SER A 816 -44.89 0.22 -29.47
CA SER A 816 -43.72 -0.58 -29.82
C SER A 816 -43.79 -1.99 -29.25
N TRP A 817 -44.54 -2.13 -28.15
CA TRP A 817 -44.69 -3.40 -27.46
C TRP A 817 -45.46 -4.45 -28.26
N ILE A 818 -44.76 -5.51 -28.68
CA ILE A 818 -45.37 -6.60 -29.45
C ILE A 818 -46.24 -7.53 -28.57
N ASN A 819 -45.73 -7.91 -27.41
CA ASN A 819 -46.50 -8.73 -26.45
C ASN A 819 -46.27 -8.29 -25.00
N PRO A 820 -47.09 -7.33 -24.52
CA PRO A 820 -46.98 -6.84 -23.14
C PRO A 820 -47.44 -7.89 -22.16
N LYS A 821 -46.89 -7.85 -20.95
CA LYS A 821 -47.37 -8.69 -19.87
C LYS A 821 -48.75 -8.15 -19.49
N ASP A 822 -49.66 -9.06 -19.15
CA ASP A 822 -51.04 -8.69 -18.79
C ASP A 822 -51.07 -7.57 -17.74
N ASP A 823 -50.08 -7.57 -16.86
CA ASP A 823 -49.97 -6.58 -15.79
C ASP A 823 -49.69 -5.18 -16.33
N LEU A 824 -48.88 -5.12 -17.40
CA LEU A 824 -48.49 -3.86 -18.03
C LEU A 824 -49.64 -3.30 -18.89
N ARG A 825 -50.30 -4.21 -19.62
CA ARG A 825 -51.43 -3.87 -20.49
C ARG A 825 -52.46 -2.98 -19.82
N ASP A 826 -52.83 -3.32 -18.59
CA ASP A 826 -53.82 -2.56 -17.84
C ASP A 826 -53.34 -1.13 -17.56
N MET A 827 -52.07 -1.00 -17.15
CA MET A 827 -51.51 0.31 -16.83
C MET A 827 -51.56 1.24 -18.04
N PHE A 828 -51.21 0.71 -19.20
CA PHE A 828 -51.19 1.47 -20.45
C PHE A 828 -52.59 1.94 -20.85
N CYS A 829 -53.56 1.04 -20.71
CA CYS A 829 -54.96 1.37 -21.01
C CYS A 829 -55.50 2.44 -20.07
N LYS A 830 -55.35 2.25 -18.76
CA LYS A 830 -55.83 3.20 -17.76
C LYS A 830 -55.26 4.61 -17.95
N ILE A 831 -54.03 4.69 -18.47
CA ILE A 831 -53.38 5.98 -18.71
C ILE A 831 -53.88 6.59 -20.03
N LEU A 832 -53.90 5.80 -21.09
CA LEU A 832 -54.35 6.26 -22.41
C LEU A 832 -55.82 6.69 -22.42
N HIS A 833 -56.70 5.84 -21.90
CA HIS A 833 -58.12 6.18 -21.78
C HIS A 833 -58.31 7.34 -20.81
N GLY A 834 -57.52 7.35 -19.73
CA GLY A 834 -57.52 8.43 -18.75
C GLY A 834 -57.26 9.82 -19.32
N PHE A 835 -56.48 9.90 -20.39
CA PHE A 835 -56.20 11.17 -21.07
C PHE A 835 -57.27 11.54 -22.09
N LYS A 836 -57.82 10.53 -22.76
CA LYS A 836 -58.99 10.69 -23.61
C LYS A 836 -60.11 11.33 -22.79
N ASN A 837 -60.21 10.90 -21.53
CA ASN A 837 -61.18 11.42 -20.57
C ASN A 837 -60.92 12.88 -20.21
N GLN A 838 -59.65 13.27 -20.17
CA GLN A 838 -59.27 14.61 -19.74
C GLN A 838 -59.39 15.64 -20.86
N VAL A 839 -58.76 15.36 -21.98
CA VAL A 839 -58.68 16.29 -23.10
C VAL A 839 -60.02 16.44 -23.81
N GLY A 840 -60.88 15.43 -23.67
CA GLY A 840 -62.19 15.40 -24.31
C GLY A 840 -62.19 14.54 -25.57
N ASP A 841 -63.34 13.94 -25.86
CA ASP A 841 -63.52 13.09 -27.04
C ASP A 841 -63.29 13.79 -28.39
N GLU A 842 -63.58 15.08 -28.45
CA GLU A 842 -63.39 15.88 -29.67
C GLU A 842 -61.90 16.12 -29.93
N ASN A 843 -61.19 16.59 -28.90
CA ASN A 843 -59.76 16.87 -28.99
C ASN A 843 -58.93 15.61 -29.24
N TRP A 844 -59.41 14.48 -28.70
CA TRP A 844 -58.76 13.18 -28.82
C TRP A 844 -58.76 12.67 -30.26
N ARG A 845 -59.86 12.94 -30.98
CA ARG A 845 -59.99 12.52 -32.38
C ARG A 845 -59.10 13.35 -33.30
N ARG A 846 -59.10 14.67 -33.12
CA ARG A 846 -58.28 15.59 -33.92
C ARG A 846 -56.79 15.33 -33.75
N PHE A 847 -56.41 14.94 -32.54
CA PHE A 847 -55.03 14.62 -32.19
C PHE A 847 -54.59 13.30 -32.79
N SER A 848 -55.38 12.25 -32.56
CA SER A 848 -55.08 10.91 -33.09
C SER A 848 -55.33 10.81 -34.60
N ASP A 849 -55.40 11.96 -35.25
CA ASP A 849 -55.50 12.03 -36.72
C ASP A 849 -54.17 12.35 -37.37
N GLN A 850 -53.38 13.22 -36.74
CA GLN A 850 -52.03 13.56 -37.21
C GLN A 850 -51.07 12.37 -37.11
N PHE A 851 -51.55 11.30 -36.48
CA PHE A 851 -50.84 10.03 -36.36
C PHE A 851 -50.35 9.49 -37.71
N PRO A 852 -49.13 8.94 -37.76
CA PRO A 852 -48.79 8.05 -38.86
C PRO A 852 -49.79 6.90 -38.90
N LEU A 853 -50.28 6.58 -40.10
CA LEU A 853 -51.40 5.65 -40.29
C LEU A 853 -51.28 4.28 -39.58
N PRO A 854 -50.13 3.59 -39.73
CA PRO A 854 -49.97 2.28 -39.07
C PRO A 854 -50.06 2.37 -37.55
N LEU A 855 -49.50 3.42 -36.97
CA LEU A 855 -49.59 3.69 -35.53
C LEU A 855 -51.05 3.90 -35.09
N LYS A 856 -51.78 4.68 -35.88
CA LYS A 856 -53.20 4.93 -35.64
C LYS A 856 -53.96 3.62 -35.57
N GLU A 857 -53.64 2.71 -36.50
CA GLU A 857 -54.25 1.38 -36.53
C GLU A 857 -53.72 0.49 -35.40
N ARG A 858 -52.42 0.62 -35.11
CA ARG A 858 -51.77 -0.18 -34.08
C ARG A 858 -52.33 0.15 -32.70
N LEU A 859 -52.49 1.44 -32.43
CA LEU A 859 -52.99 1.89 -31.13
C LEU A 859 -54.50 1.75 -31.03
N ALA A 860 -55.19 1.94 -32.15
CA ALA A 860 -56.64 1.77 -32.19
C ALA A 860 -57.02 0.34 -31.85
N ALA A 861 -56.40 -0.62 -32.53
CA ALA A 861 -56.73 -2.03 -32.35
C ALA A 861 -56.31 -2.58 -30.98
N PHE A 862 -55.07 -2.32 -30.58
CA PHE A 862 -54.47 -2.98 -29.42
C PHE A 862 -54.95 -2.45 -28.06
N TYR A 863 -55.35 -1.18 -28.01
CA TYR A 863 -55.75 -0.56 -26.74
C TYR A 863 -57.13 0.10 -26.77
N GLY A 864 -57.88 -0.14 -27.85
CA GLY A 864 -59.27 0.30 -27.98
C GLY A 864 -59.44 1.79 -28.05
N VAL A 865 -58.71 2.44 -28.97
CA VAL A 865 -58.78 3.89 -29.14
C VAL A 865 -59.63 4.28 -30.36
N LYS B 6 33.96 -45.42 7.76
CA LYS B 6 35.02 -46.15 7.02
C LYS B 6 35.94 -45.19 6.25
N PRO B 7 35.33 -44.35 5.41
CA PRO B 7 36.08 -43.39 4.60
C PRO B 7 35.79 -41.93 5.01
N ASP B 8 34.56 -41.67 5.42
CA ASP B 8 34.12 -40.35 5.87
C ASP B 8 34.57 -40.04 7.30
N GLU B 9 34.82 -41.09 8.08
CA GLU B 9 35.35 -40.96 9.44
C GLU B 9 36.86 -40.73 9.42
N GLN B 10 37.52 -41.21 8.37
CA GLN B 10 38.95 -40.98 8.15
C GLN B 10 39.22 -39.54 7.69
N GLY B 11 38.19 -38.90 7.15
CA GLY B 11 38.24 -37.48 6.77
C GLY B 11 37.70 -36.56 7.87
N LEU B 12 37.13 -37.17 8.91
CA LEU B 12 36.62 -36.44 10.08
C LEU B 12 37.73 -36.16 11.09
N GLN B 13 38.80 -36.94 11.03
CA GLN B 13 40.02 -36.68 11.78
C GLN B 13 40.75 -35.49 11.14
N GLN B 14 40.57 -35.33 9.83
CA GLN B 14 41.13 -34.21 9.07
C GLN B 14 40.19 -33.00 9.08
N ILE B 15 38.95 -33.20 9.51
CA ILE B 15 37.95 -32.14 9.60
C ILE B 15 38.00 -31.37 10.93
N LEU B 16 38.37 -32.07 12.00
CA LEU B 16 38.51 -31.48 13.33
C LEU B 16 39.97 -31.09 13.65
N GLN B 17 40.86 -31.34 12.69
CA GLN B 17 42.25 -30.88 12.76
C GLN B 17 42.46 -29.64 11.88
N LEU B 18 41.56 -29.44 10.92
CA LEU B 18 41.49 -28.22 10.10
C LEU B 18 40.62 -27.17 10.79
N LEU B 19 39.89 -27.61 11.81
CA LEU B 19 39.21 -26.73 12.75
C LEU B 19 40.06 -26.57 14.01
N LYS B 20 41.33 -26.99 13.91
CA LYS B 20 42.31 -26.85 14.99
C LYS B 20 43.65 -26.30 14.46
N GLU B 21 43.79 -26.25 13.14
CA GLU B 21 44.95 -25.63 12.49
C GLU B 21 44.85 -24.11 12.55
N SER B 22 45.94 -23.45 12.91
CA SER B 22 45.98 -22.02 13.18
C SER B 22 45.65 -21.11 11.97
N GLN B 23 45.91 -21.63 10.77
CA GLN B 23 45.81 -20.84 9.53
C GLN B 23 44.45 -20.16 9.29
N SER B 24 44.50 -18.94 8.75
CA SER B 24 43.29 -18.18 8.39
C SER B 24 42.70 -18.67 7.07
N PRO B 25 43.52 -19.36 6.26
CA PRO B 25 43.08 -19.97 5.01
C PRO B 25 42.23 -21.22 5.26
N ASP B 26 42.53 -21.92 6.36
CA ASP B 26 41.74 -23.07 6.80
C ASP B 26 40.65 -22.66 7.80
N THR B 27 40.65 -21.38 8.20
CA THR B 27 39.61 -20.81 9.05
C THR B 27 38.41 -20.37 8.20
N THR B 28 38.64 -20.25 6.90
CA THR B 28 37.59 -19.91 5.93
C THR B 28 37.14 -21.15 5.14
N ILE B 29 38.10 -22.02 4.81
CA ILE B 29 37.83 -23.23 4.02
C ILE B 29 37.10 -24.32 4.82
N GLN B 30 37.42 -24.44 6.11
CA GLN B 30 36.72 -25.37 7.00
C GLN B 30 35.35 -24.85 7.43
N ARG B 31 35.17 -23.53 7.33
CA ARG B 31 33.88 -22.89 7.57
C ARG B 31 32.93 -23.13 6.38
N THR B 32 33.52 -23.32 5.19
CA THR B 32 32.77 -23.65 3.98
C THR B 32 32.54 -25.16 3.85
N VAL B 33 33.47 -25.95 4.40
CA VAL B 33 33.35 -27.41 4.41
C VAL B 33 32.46 -27.92 5.55
N GLN B 34 32.30 -27.09 6.58
CA GLN B 34 31.48 -27.43 7.75
C GLN B 34 30.00 -27.62 7.38
N GLN B 35 29.30 -26.51 7.14
CA GLN B 35 27.89 -26.55 6.75
C GLN B 35 27.74 -27.00 5.29
N LYS B 36 27.83 -28.31 5.08
CA LYS B 36 27.75 -28.90 3.74
C LYS B 36 27.03 -30.24 3.77
N PRO B 44 26.15 -36.50 8.34
CA PRO B 44 26.96 -35.69 9.24
C PRO B 44 26.48 -35.80 10.69
N ASP B 45 25.16 -35.77 10.88
CA ASP B 45 24.56 -35.78 12.21
C ASP B 45 24.55 -37.16 12.88
N PHE B 46 25.08 -38.16 12.19
CA PHE B 46 25.18 -39.51 12.74
C PHE B 46 26.63 -39.89 13.02
N ASN B 47 27.55 -39.45 12.15
CA ASN B 47 28.96 -39.77 12.25
C ASN B 47 29.63 -39.17 13.49
N ASN B 48 29.27 -37.93 13.81
CA ASN B 48 29.86 -37.19 14.93
C ASN B 48 29.72 -37.93 16.26
N TYR B 49 28.50 -38.36 16.59
CA TYR B 49 28.19 -39.04 17.86
C TYR B 49 29.05 -40.28 18.10
N LEU B 50 29.51 -40.92 17.03
CA LEU B 50 30.39 -42.08 17.12
C LEU B 50 31.79 -41.67 17.59
N ILE B 51 32.24 -40.51 17.15
CA ILE B 51 33.55 -39.96 17.54
C ILE B 51 33.59 -39.57 19.02
N PHE B 52 32.45 -39.14 19.55
CA PHE B 52 32.33 -38.73 20.94
C PHE B 52 32.01 -39.89 21.88
N VAL B 53 31.11 -40.77 21.47
CA VAL B 53 30.64 -41.87 22.32
C VAL B 53 31.50 -43.14 22.25
N LEU B 54 32.16 -43.37 21.12
CA LEU B 54 32.93 -44.60 20.90
C LEU B 54 34.38 -44.40 20.44
N THR B 55 34.57 -43.58 19.40
CA THR B 55 35.89 -43.39 18.77
C THR B 55 36.75 -42.37 19.52
N SER B 59 40.63 -43.46 21.52
CA SER B 59 41.58 -43.75 20.46
C SER B 59 42.38 -42.51 20.04
N GLU B 60 41.69 -41.38 19.91
CA GLU B 60 42.31 -40.12 19.50
C GLU B 60 42.35 -39.10 20.64
N ASP B 61 42.97 -37.94 20.37
CA ASP B 61 43.09 -36.85 21.34
C ASP B 61 41.72 -36.44 21.91
N GLU B 62 41.71 -36.04 23.18
CA GLU B 62 40.48 -35.69 23.89
C GLU B 62 39.77 -34.38 23.48
N PRO B 63 40.52 -33.36 22.99
CA PRO B 63 39.82 -32.20 22.44
C PRO B 63 39.07 -32.51 21.14
N THR B 64 39.56 -33.48 20.37
CA THR B 64 38.97 -33.86 19.09
C THR B 64 37.67 -34.65 19.28
N ARG B 65 37.58 -35.41 20.38
CA ARG B 65 36.38 -36.17 20.71
C ARG B 65 35.23 -35.28 21.17
N SER B 66 35.55 -34.13 21.76
CA SER B 66 34.53 -33.20 22.27
C SER B 66 34.17 -32.10 21.27
N LEU B 67 35.09 -31.81 20.35
CA LEU B 67 34.82 -30.88 19.25
C LEU B 67 33.87 -31.52 18.24
N SER B 68 33.81 -32.86 18.28
CA SER B 68 32.80 -33.62 17.54
C SER B 68 31.42 -33.42 18.15
N GLY B 69 31.39 -33.12 19.45
CA GLY B 69 30.15 -32.86 20.18
C GLY B 69 29.57 -31.47 19.92
N LEU B 70 30.44 -30.47 19.78
CA LEU B 70 30.01 -29.08 19.54
C LEU B 70 29.31 -28.90 18.19
N ILE B 71 29.81 -29.56 17.16
CA ILE B 71 29.23 -29.47 15.82
C ILE B 71 27.99 -30.37 15.69
N LEU B 72 27.88 -31.37 16.57
CA LEU B 72 26.69 -32.22 16.62
C LEU B 72 25.51 -31.52 17.33
N LYS B 73 25.81 -30.89 18.46
CA LYS B 73 24.84 -30.09 19.22
C LYS B 73 24.38 -28.86 18.42
N ASN B 74 25.29 -28.35 17.60
CA ASN B 74 25.00 -27.33 16.60
C ASN B 74 23.89 -27.79 15.66
N ASN B 75 23.96 -29.06 15.24
CA ASN B 75 22.97 -29.66 14.35
C ASN B 75 21.69 -30.03 15.08
N PHE B 80 17.51 -29.90 12.35
CA PHE B 80 16.07 -30.08 12.46
C PHE B 80 15.55 -31.25 11.62
N GLN B 81 16.31 -31.62 10.58
CA GLN B 81 15.96 -32.72 9.68
C GLN B 81 16.37 -34.09 10.22
N ASN B 82 17.38 -34.10 11.09
CA ASN B 82 17.89 -35.33 11.72
C ASN B 82 17.06 -35.77 12.94
N PHE B 83 16.16 -34.89 13.38
CA PHE B 83 15.29 -35.14 14.54
C PHE B 83 14.14 -36.11 14.24
N PRO B 84 13.89 -36.35 12.95
CA PRO B 84 12.88 -37.32 12.50
C PRO B 84 13.47 -38.38 11.55
N ASN B 85 14.76 -38.23 11.23
CA ASN B 85 15.43 -39.09 10.25
C ASN B 85 16.01 -40.39 10.83
N GLY B 86 15.28 -40.99 11.77
CA GLY B 86 15.68 -42.29 12.35
C GLY B 86 16.90 -42.25 13.27
N VAL B 87 17.70 -41.18 13.14
CA VAL B 87 18.91 -41.01 13.94
C VAL B 87 18.60 -40.51 15.36
N THR B 88 17.46 -39.83 15.52
CA THR B 88 17.00 -39.36 16.83
C THR B 88 16.55 -40.51 17.75
N ASP B 89 16.90 -41.73 17.36
CA ASP B 89 16.73 -42.92 18.19
C ASP B 89 18.05 -43.70 18.25
N PHE B 90 18.97 -43.35 17.35
CA PHE B 90 20.29 -43.99 17.28
C PHE B 90 21.34 -43.20 18.05
N ILE B 91 21.24 -41.87 18.02
CA ILE B 91 22.11 -40.98 18.80
C ILE B 91 21.68 -41.02 20.26
N LYS B 92 20.37 -40.92 20.49
CA LYS B 92 19.77 -41.02 21.82
C LYS B 92 20.13 -42.34 22.52
N SER B 93 20.52 -43.33 21.72
CA SER B 93 20.97 -44.62 22.21
C SER B 93 22.35 -44.50 22.85
N GLU B 94 23.25 -43.80 22.16
CA GLU B 94 24.66 -43.69 22.57
C GLU B 94 24.88 -42.81 23.80
N CYS B 95 24.08 -41.74 23.92
CA CYS B 95 24.27 -40.76 25.00
C CYS B 95 23.72 -41.24 26.34
N LEU B 96 22.51 -41.76 26.35
CA LEU B 96 21.90 -42.30 27.57
C LEU B 96 22.62 -43.53 28.10
N ASN B 97 23.34 -44.23 27.21
CA ASN B 97 24.12 -45.40 27.59
C ASN B 97 25.47 -45.00 28.22
N ASN B 98 25.99 -43.84 27.81
CA ASN B 98 27.28 -43.34 28.30
C ASN B 98 27.14 -41.95 28.96
N ILE B 99 26.20 -41.83 29.90
CA ILE B 99 25.92 -40.56 30.58
C ILE B 99 26.85 -40.28 31.76
N GLY B 100 27.74 -41.23 32.07
CA GLY B 100 28.72 -41.08 33.14
C GLY B 100 30.12 -41.45 32.70
N ASP B 101 30.60 -40.81 31.63
CA ASP B 101 31.91 -41.10 31.03
C ASP B 101 33.09 -40.80 31.96
N SER B 102 34.28 -41.22 31.52
CA SER B 102 35.51 -41.10 32.33
C SER B 102 35.90 -39.66 32.62
N SER B 103 36.25 -38.90 31.57
CA SER B 103 36.56 -37.48 31.71
C SER B 103 35.27 -36.68 31.95
N PRO B 104 35.33 -35.69 32.86
CA PRO B 104 34.14 -34.88 33.17
C PRO B 104 33.60 -34.09 31.98
N LEU B 105 34.49 -33.78 31.04
CA LEU B 105 34.15 -33.05 29.81
C LEU B 105 33.06 -33.77 29.03
N ILE B 106 33.34 -35.03 28.69
CA ILE B 106 32.44 -35.87 27.89
C ILE B 106 31.08 -36.07 28.55
N ARG B 107 31.08 -36.13 29.88
CA ARG B 107 29.85 -36.33 30.67
C ARG B 107 28.88 -35.15 30.56
N ALA B 108 29.43 -33.94 30.54
CA ALA B 108 28.62 -32.72 30.45
C ALA B 108 28.17 -32.43 29.02
N THR B 109 29.03 -32.74 28.05
CA THR B 109 28.73 -32.56 26.61
C THR B 109 27.49 -33.38 26.22
N VAL B 110 27.36 -34.56 26.81
CA VAL B 110 26.18 -35.41 26.67
C VAL B 110 24.95 -34.73 27.29
N GLY B 111 25.18 -34.06 28.42
CA GLY B 111 24.12 -33.32 29.12
C GLY B 111 23.49 -32.24 28.28
N ILE B 112 24.32 -31.51 27.54
CA ILE B 112 23.84 -30.51 26.58
C ILE B 112 23.07 -31.18 25.44
N LEU B 113 23.61 -32.31 24.96
CA LEU B 113 23.04 -33.05 23.84
C LEU B 113 21.66 -33.64 24.14
N ILE B 114 21.48 -34.21 25.33
CA ILE B 114 20.18 -34.71 25.76
C ILE B 114 19.18 -33.56 25.86
N THR B 115 19.66 -32.40 26.31
CA THR B 115 18.84 -31.19 26.41
C THR B 115 18.37 -30.74 25.02
N THR B 116 19.34 -30.42 24.14
CA THR B 116 19.04 -29.86 22.81
C THR B 116 18.17 -30.78 21.92
N ILE B 117 18.34 -32.09 22.06
CA ILE B 117 17.52 -33.07 21.32
C ILE B 117 16.06 -33.04 21.78
N ALA B 118 15.84 -32.89 23.08
CA ALA B 118 14.50 -32.73 23.63
C ALA B 118 14.02 -31.27 23.55
N SER B 119 14.98 -30.34 23.51
CA SER B 119 14.70 -28.90 23.50
C SER B 119 14.13 -28.38 22.17
N LYS B 120 14.42 -29.10 21.08
CA LYS B 120 13.80 -28.80 19.79
C LYS B 120 12.29 -29.02 19.91
N GLY B 121 11.58 -27.98 20.33
CA GLY B 121 10.16 -28.04 20.66
C GLY B 121 9.89 -28.88 21.90
N GLU B 122 8.68 -29.41 21.99
CA GLU B 122 8.31 -30.39 23.01
C GLU B 122 8.23 -31.79 22.37
N LEU B 123 9.34 -32.20 21.76
CA LEU B 123 9.41 -33.41 20.94
C LEU B 123 9.12 -34.70 21.70
N GLN B 124 8.24 -35.52 21.13
CA GLN B 124 7.88 -36.81 21.71
C GLN B 124 8.37 -37.99 20.88
N ASN B 125 9.69 -38.07 20.73
CA ASN B 125 10.38 -39.27 20.28
C ASN B 125 11.05 -39.93 21.49
N TRP B 126 10.69 -39.47 22.69
CA TRP B 126 11.35 -39.88 23.92
C TRP B 126 10.33 -40.11 25.05
N PRO B 127 9.69 -41.29 25.06
CA PRO B 127 8.77 -41.63 26.16
C PRO B 127 9.50 -42.15 27.40
N ASP B 128 10.68 -42.75 27.18
CA ASP B 128 11.49 -43.30 28.25
C ASP B 128 12.29 -42.23 29.00
N LEU B 129 12.54 -41.11 28.33
CA LEU B 129 13.44 -40.05 28.83
C LEU B 129 13.33 -39.79 30.33
N LEU B 130 12.24 -39.12 30.74
CA LEU B 130 12.02 -38.79 32.14
C LEU B 130 12.13 -40.03 33.02
N PRO B 131 11.28 -41.05 32.79
CA PRO B 131 11.32 -42.26 33.63
C PRO B 131 12.67 -42.99 33.67
N LYS B 132 13.52 -42.74 32.68
CA LYS B 132 14.83 -43.39 32.61
C LYS B 132 15.87 -42.70 33.49
N LEU B 133 15.94 -41.38 33.39
CA LEU B 133 16.87 -40.56 34.18
C LEU B 133 16.53 -40.58 35.66
N CYS B 134 15.23 -40.63 35.95
CA CYS B 134 14.72 -40.70 37.33
C CYS B 134 14.94 -42.08 37.95
N SER B 135 15.37 -43.02 37.11
CA SER B 135 15.80 -44.34 37.57
C SER B 135 17.33 -44.39 37.69
N LEU B 136 18.01 -43.64 36.81
CA LEU B 136 19.48 -43.53 36.86
C LEU B 136 19.97 -42.80 38.11
N LEU B 137 19.07 -42.08 38.77
CA LEU B 137 19.41 -41.33 39.98
C LEU B 137 19.83 -42.20 41.16
N ASP B 138 19.26 -43.40 41.25
CA ASP B 138 19.57 -44.31 42.35
C ASP B 138 20.68 -45.31 42.02
N SER B 139 21.45 -45.00 40.98
CA SER B 139 22.61 -45.79 40.58
C SER B 139 23.73 -45.75 41.63
N GLU B 140 24.53 -46.82 41.68
CA GLU B 140 25.68 -46.90 42.58
C GLU B 140 26.81 -45.99 42.10
N ASP B 141 27.06 -46.03 40.80
CA ASP B 141 28.08 -45.20 40.16
C ASP B 141 27.73 -43.72 40.28
N TYR B 142 28.61 -42.97 40.94
CA TYR B 142 28.44 -41.53 41.17
C TYR B 142 28.14 -40.76 39.88
N ASN B 143 28.98 -40.93 38.87
CA ASN B 143 28.87 -40.20 37.61
C ASN B 143 27.60 -40.52 36.80
N THR B 144 26.95 -41.64 37.13
CA THR B 144 25.65 -41.99 36.55
C THR B 144 24.56 -41.19 37.27
N CYS B 145 24.69 -41.08 38.59
CA CYS B 145 23.76 -40.31 39.41
C CYS B 145 23.89 -38.81 39.14
N GLU B 146 25.13 -38.33 39.12
CA GLU B 146 25.41 -36.92 38.89
C GLU B 146 25.05 -36.53 37.46
N GLY B 147 25.34 -37.42 36.52
CA GLY B 147 25.05 -37.20 35.10
C GLY B 147 23.58 -36.94 34.85
N ALA B 148 22.74 -37.80 35.41
CA ALA B 148 21.30 -37.68 35.28
C ALA B 148 20.77 -36.42 35.95
N PHE B 149 21.32 -36.09 37.12
CA PHE B 149 20.85 -34.94 37.90
C PHE B 149 21.19 -33.63 37.21
N GLY B 150 22.36 -33.59 36.57
CA GLY B 150 22.78 -32.44 35.77
C GLY B 150 21.94 -32.28 34.53
N ALA B 151 21.40 -33.41 34.04
CA ALA B 151 20.51 -33.42 32.88
C ALA B 151 19.09 -33.02 33.28
N LEU B 152 18.62 -33.56 34.41
CA LEU B 152 17.28 -33.23 34.94
C LEU B 152 17.17 -31.76 35.35
N GLN B 153 18.28 -31.16 35.77
CA GLN B 153 18.29 -29.73 36.13
C GLN B 153 18.16 -28.84 34.90
N LYS B 154 18.94 -29.14 33.86
CA LYS B 154 18.91 -28.39 32.59
C LYS B 154 17.50 -28.39 31.98
N ILE B 155 16.77 -29.48 32.18
CA ILE B 155 15.37 -29.62 31.74
C ILE B 155 14.43 -28.71 32.55
N CYS B 156 14.52 -28.80 33.87
CA CYS B 156 13.70 -28.01 34.80
C CYS B 156 13.79 -26.49 34.56
N GLU B 157 14.95 -26.04 34.11
CA GLU B 157 15.19 -24.63 33.86
C GLU B 157 14.73 -24.20 32.47
N ASP B 158 14.50 -25.18 31.59
CA ASP B 158 14.02 -24.93 30.24
C ASP B 158 12.60 -25.48 30.04
N PRO B 171 4.95 -31.95 34.50
CA PRO B 171 4.92 -33.42 34.36
C PRO B 171 5.90 -34.13 35.31
N LEU B 172 7.03 -33.48 35.61
CA LEU B 172 8.09 -34.04 36.46
C LEU B 172 7.90 -33.81 37.95
N ASN B 173 6.72 -33.33 38.35
CA ASN B 173 6.48 -32.90 39.73
C ASN B 173 6.60 -34.02 40.77
N ILE B 174 6.40 -35.25 40.33
CA ILE B 174 6.44 -36.42 41.20
C ILE B 174 7.85 -36.66 41.73
N MET B 175 8.82 -36.07 41.05
CA MET B 175 10.23 -36.16 41.44
C MET B 175 10.54 -35.32 42.67
N ILE B 176 9.71 -34.32 42.94
CA ILE B 176 9.95 -33.38 44.04
C ILE B 176 10.27 -34.07 45.38
N PRO B 177 9.40 -35.00 45.85
CA PRO B 177 9.76 -35.72 47.09
C PRO B 177 11.05 -36.55 47.00
N LYS B 178 11.39 -37.03 45.80
CA LYS B 178 12.66 -37.75 45.61
C LYS B 178 13.82 -36.79 45.56
N PHE B 179 13.61 -35.65 44.89
CA PHE B 179 14.59 -34.57 44.85
C PHE B 179 14.94 -34.16 46.26
N LEU B 180 13.91 -33.92 47.07
CA LEU B 180 14.07 -33.57 48.49
C LEU B 180 14.99 -34.51 49.28
N GLN B 181 15.08 -35.77 48.86
CA GLN B 181 15.94 -36.77 49.52
C GLN B 181 17.43 -36.51 49.29
N PHE B 182 17.78 -36.01 48.11
CA PHE B 182 19.16 -35.76 47.73
C PHE B 182 19.75 -34.50 48.37
N PHE B 183 18.90 -33.76 49.07
CA PHE B 183 19.34 -32.62 49.88
C PHE B 183 20.36 -33.04 50.94
N LYS B 184 20.29 -34.31 51.33
CA LYS B 184 21.07 -34.82 52.46
C LYS B 184 22.47 -35.34 52.09
N HIS B 185 22.54 -36.55 51.56
CA HIS B 185 23.76 -37.36 51.71
C HIS B 185 24.97 -36.97 50.85
N SER B 186 24.74 -36.70 49.57
CA SER B 186 25.84 -36.81 48.59
C SER B 186 26.96 -35.74 48.63
N SER B 187 27.55 -35.48 47.47
CA SER B 187 28.59 -34.47 47.31
C SER B 187 28.03 -33.05 47.45
N PRO B 188 28.87 -32.02 47.22
CA PRO B 188 28.31 -30.69 46.98
C PRO B 188 27.46 -30.63 45.70
N LYS B 189 28.00 -31.16 44.59
CA LYS B 189 27.36 -31.12 43.28
C LYS B 189 25.92 -31.61 43.27
N ILE B 190 25.71 -32.83 43.78
CA ILE B 190 24.39 -33.46 43.77
C ILE B 190 23.39 -32.70 44.63
N ARG B 191 23.81 -32.27 45.81
CA ARG B 191 22.95 -31.42 46.64
C ARG B 191 22.56 -30.15 45.91
N SER B 192 23.48 -29.61 45.09
CA SER B 192 23.22 -28.34 44.41
C SER B 192 22.17 -28.48 43.30
N HIS B 193 22.24 -29.59 42.55
CA HIS B 193 21.22 -29.92 41.57
C HIS B 193 19.87 -30.20 42.24
N ALA B 194 19.92 -30.87 43.38
CA ALA B 194 18.73 -31.22 44.15
C ALA B 194 17.92 -30.00 44.49
N VAL B 195 18.57 -28.96 45.00
CA VAL B 195 17.88 -27.72 45.38
C VAL B 195 17.54 -26.91 44.14
N ALA B 196 18.39 -27.05 43.11
CA ALA B 196 18.20 -26.34 41.85
C ALA B 196 16.93 -26.78 41.13
N CYS B 197 16.66 -28.08 41.16
CA CYS B 197 15.47 -28.65 40.54
C CYS B 197 14.19 -28.28 41.29
N VAL B 198 14.15 -28.53 42.60
CA VAL B 198 12.97 -28.19 43.41
C VAL B 198 12.60 -26.71 43.26
N ASN B 199 13.57 -25.87 42.93
CA ASN B 199 13.33 -24.43 42.81
C ASN B 199 12.42 -24.04 41.62
N GLN B 200 12.52 -24.81 40.54
CA GLN B 200 11.74 -24.54 39.32
C GLN B 200 10.27 -25.00 39.43
N PHE B 201 9.79 -25.21 40.64
CA PHE B 201 8.42 -25.71 40.86
C PHE B 201 7.66 -24.88 41.90
N ILE B 202 8.36 -23.96 42.56
CA ILE B 202 7.76 -23.10 43.58
C ILE B 202 6.77 -22.13 42.94
N ILE B 203 7.14 -21.56 41.78
CA ILE B 203 6.26 -20.67 41.04
C ILE B 203 5.03 -21.42 40.54
N SER B 204 5.24 -22.62 40.01
CA SER B 204 4.14 -23.51 39.59
C SER B 204 3.19 -23.87 40.73
N ARG B 205 3.66 -23.77 41.98
CA ARG B 205 2.83 -23.97 43.17
C ARG B 205 2.25 -25.38 43.19
N THR B 206 3.03 -26.34 42.71
CA THR B 206 2.56 -27.69 42.45
C THR B 206 2.24 -28.45 43.73
N GLN B 207 1.17 -29.24 43.66
CA GLN B 207 0.73 -30.12 44.75
C GLN B 207 1.83 -31.02 45.28
N ALA B 208 2.61 -31.58 44.35
CA ALA B 208 3.70 -32.48 44.70
C ALA B 208 4.77 -31.85 45.61
N LEU B 209 4.80 -30.52 45.69
CA LEU B 209 5.69 -29.82 46.61
C LEU B 209 4.91 -29.16 47.75
N MET B 210 3.76 -28.58 47.42
CA MET B 210 2.96 -27.84 48.40
C MET B 210 2.50 -28.71 49.57
N LEU B 211 2.37 -30.01 49.32
CA LEU B 211 2.06 -30.98 50.37
C LEU B 211 3.29 -31.21 51.24
N HIS B 212 4.47 -31.07 50.64
CA HIS B 212 5.74 -31.30 51.33
C HIS B 212 6.43 -30.04 51.82
N ILE B 213 5.68 -28.92 51.82
CA ILE B 213 6.16 -27.61 52.30
C ILE B 213 7.28 -27.66 53.35
N ASP B 214 6.94 -28.15 54.53
CA ASP B 214 7.85 -28.12 55.68
C ASP B 214 9.11 -28.95 55.49
N SER B 215 9.01 -30.06 54.74
CA SER B 215 10.18 -30.87 54.41
C SER B 215 11.18 -30.07 53.59
N PHE B 216 10.66 -29.21 52.71
CA PHE B 216 11.49 -28.33 51.90
C PHE B 216 12.12 -27.26 52.78
N ILE B 217 11.29 -26.56 53.52
CA ILE B 217 11.71 -25.51 54.45
C ILE B 217 12.77 -26.02 55.43
N GLU B 218 12.47 -27.12 56.13
CA GLU B 218 13.41 -27.71 57.09
C GLU B 218 14.69 -28.17 56.42
N ASN B 219 14.56 -28.81 55.25
CA ASN B 219 15.73 -29.22 54.49
C ASN B 219 16.56 -28.05 53.99
N LEU B 220 15.89 -26.93 53.69
CA LEU B 220 16.58 -25.69 53.33
C LEU B 220 17.41 -25.15 54.48
N PHE B 221 16.81 -25.14 55.67
CA PHE B 221 17.50 -24.70 56.88
C PHE B 221 18.76 -25.52 57.17
N ALA B 222 18.63 -26.84 57.06
CA ALA B 222 19.77 -27.73 57.25
C ALA B 222 20.84 -27.52 56.17
N LEU B 223 20.45 -26.93 55.05
CA LEU B 223 21.36 -26.64 53.93
C LEU B 223 21.86 -25.18 53.93
N ALA B 224 21.44 -24.43 54.94
CA ALA B 224 21.90 -23.06 55.16
C ALA B 224 23.40 -23.02 55.52
N GLY B 225 23.78 -23.77 56.56
CA GLY B 225 25.17 -23.82 57.02
C GLY B 225 26.15 -24.36 55.99
N ASP B 226 25.64 -24.80 54.85
CA ASP B 226 26.45 -25.46 53.83
C ASP B 226 27.63 -24.61 53.38
N GLU B 227 28.83 -25.19 53.48
CA GLU B 227 30.08 -24.53 53.09
C GLU B 227 30.35 -24.63 51.58
N GLU B 228 29.30 -24.40 50.79
CA GLU B 228 29.42 -24.40 49.33
C GLU B 228 28.52 -23.31 48.75
N PRO B 229 29.13 -22.37 48.01
CA PRO B 229 28.43 -21.17 47.57
C PRO B 229 27.30 -21.49 46.59
N GLU B 230 27.56 -22.42 45.68
CA GLU B 230 26.57 -22.85 44.69
C GLU B 230 25.28 -23.34 45.35
N VAL B 231 25.41 -24.14 46.40
CA VAL B 231 24.27 -24.59 47.19
C VAL B 231 23.61 -23.38 47.83
N ARG B 232 24.43 -22.54 48.45
CA ARG B 232 23.97 -21.46 49.30
C ARG B 232 23.06 -20.46 48.60
N LYS B 233 23.37 -20.16 47.33
CA LYS B 233 22.55 -19.19 46.60
C LYS B 233 21.19 -19.77 46.23
N ASN B 234 21.17 -21.03 45.82
CA ASN B 234 19.91 -21.72 45.52
C ASN B 234 18.99 -21.72 46.74
N VAL B 235 19.57 -22.01 47.91
CA VAL B 235 18.85 -21.94 49.18
C VAL B 235 18.27 -20.54 49.40
N CYS B 236 19.05 -19.54 49.04
CA CYS B 236 18.62 -18.13 49.13
C CYS B 236 17.49 -17.86 48.15
N ARG B 237 17.71 -18.27 46.90
CA ARG B 237 16.75 -18.08 45.83
C ARG B 237 15.40 -18.75 46.17
N ALA B 238 15.47 -19.95 46.73
CA ALA B 238 14.28 -20.70 47.13
C ALA B 238 13.50 -19.93 48.18
N LEU B 239 14.21 -19.48 49.22
CA LEU B 239 13.60 -18.69 50.29
C LEU B 239 13.02 -17.38 49.78
N VAL B 240 13.52 -16.89 48.66
CA VAL B 240 12.98 -15.67 48.04
C VAL B 240 11.64 -15.97 47.35
N MET B 241 11.62 -16.97 46.47
CA MET B 241 10.40 -17.38 45.78
C MET B 241 9.32 -17.81 46.76
N LEU B 242 9.75 -18.40 47.88
CA LEU B 242 8.86 -18.77 48.96
C LEU B 242 8.18 -17.58 49.62
N LEU B 243 8.82 -16.41 49.53
CA LEU B 243 8.25 -15.18 50.06
C LEU B 243 6.99 -14.82 49.29
N GLU B 244 6.99 -15.17 48.00
CA GLU B 244 5.95 -14.74 47.08
C GLU B 244 4.88 -15.79 46.82
N VAL B 245 5.16 -17.04 47.20
CA VAL B 245 4.28 -18.15 46.89
C VAL B 245 3.67 -18.79 48.14
N ARG B 246 4.43 -18.81 49.22
CA ARG B 246 3.98 -19.40 50.47
C ARG B 246 4.43 -18.59 51.68
N MET B 247 3.87 -17.38 51.79
CA MET B 247 4.16 -16.47 52.89
C MET B 247 3.78 -17.09 54.25
N ASP B 248 2.65 -17.80 54.28
CA ASP B 248 2.09 -18.39 55.50
C ASP B 248 3.05 -19.30 56.27
N ARG B 249 3.90 -20.00 55.53
CA ARG B 249 4.82 -20.98 56.09
C ARG B 249 6.10 -20.38 56.67
N LEU B 250 6.52 -19.25 56.11
CA LEU B 250 7.76 -18.60 56.55
C LEU B 250 7.58 -17.71 57.79
N LEU B 251 6.38 -17.16 57.96
CA LEU B 251 6.09 -16.23 59.06
C LEU B 251 6.45 -16.78 60.45
N PRO B 252 6.07 -18.05 60.75
CA PRO B 252 6.50 -18.70 62.00
C PRO B 252 7.99 -18.56 62.32
N HIS B 253 8.82 -18.43 61.29
CA HIS B 253 10.27 -18.30 61.46
C HIS B 253 10.73 -16.85 61.26
N MET B 254 10.35 -16.28 60.12
CA MET B 254 10.72 -14.92 59.68
C MET B 254 11.91 -14.22 60.34
N HIS B 255 11.70 -13.69 61.55
CA HIS B 255 12.76 -12.99 62.30
C HIS B 255 14.02 -13.85 62.43
N ASN B 256 13.85 -15.16 62.21
CA ASN B 256 14.95 -16.12 62.20
C ASN B 256 15.62 -16.20 60.82
N ILE B 257 14.80 -16.11 59.77
CA ILE B 257 15.28 -16.17 58.38
C ILE B 257 16.00 -14.86 58.01
N VAL B 258 15.54 -13.75 58.59
CA VAL B 258 16.14 -12.43 58.36
C VAL B 258 17.60 -12.43 58.80
N GLU B 259 17.86 -12.88 60.03
CA GLU B 259 19.21 -12.98 60.59
C GLU B 259 20.15 -13.76 59.67
N TYR B 260 19.60 -14.77 58.99
CA TYR B 260 20.34 -15.56 58.02
C TYR B 260 20.57 -14.80 56.73
N MET B 261 19.52 -14.15 56.24
CA MET B 261 19.56 -13.43 54.97
C MET B 261 20.52 -12.24 55.04
N LEU B 262 20.52 -11.60 56.20
CA LEU B 262 21.44 -10.50 56.52
C LEU B 262 22.90 -10.93 56.45
N GLN B 263 23.18 -12.18 56.83
CA GLN B 263 24.54 -12.74 56.77
C GLN B 263 24.90 -13.14 55.35
N ARG B 264 23.90 -13.60 54.59
CA ARG B 264 24.11 -14.04 53.22
C ARG B 264 24.24 -12.85 52.28
N THR B 265 23.61 -11.73 52.65
CA THR B 265 23.71 -10.48 51.92
C THR B 265 25.15 -9.97 52.00
N GLN B 266 25.83 -10.36 53.07
CA GLN B 266 27.18 -9.92 53.39
C GLN B 266 28.23 -10.96 52.97
N ASP B 267 27.78 -12.01 52.28
CA ASP B 267 28.61 -13.17 51.99
C ASP B 267 29.82 -12.86 51.11
N GLN B 268 30.91 -13.60 51.34
CA GLN B 268 31.98 -13.71 50.35
C GLN B 268 31.34 -14.33 49.11
N ASP B 269 31.92 -14.09 47.93
CA ASP B 269 31.30 -14.56 46.67
C ASP B 269 30.04 -13.72 46.39
N GLU B 270 30.16 -12.84 45.39
CA GLU B 270 29.13 -11.83 45.11
C GLU B 270 27.82 -12.41 44.56
N ASN B 271 27.91 -13.58 43.92
CA ASN B 271 26.73 -14.31 43.43
C ASN B 271 25.74 -14.61 44.54
N VAL B 272 26.20 -15.31 45.58
CA VAL B 272 25.35 -15.63 46.72
C VAL B 272 24.83 -14.35 47.37
N ALA B 273 25.70 -13.34 47.47
CA ALA B 273 25.35 -12.08 48.09
C ALA B 273 24.18 -11.43 47.38
N LEU B 274 24.26 -11.37 46.05
CA LEU B 274 23.24 -10.77 45.21
C LEU B 274 21.89 -11.50 45.34
N GLU B 275 21.92 -12.82 45.22
CA GLU B 275 20.70 -13.63 45.34
C GLU B 275 20.06 -13.46 46.72
N ALA B 276 20.90 -13.26 47.72
CA ALA B 276 20.44 -12.96 49.07
C ALA B 276 19.81 -11.57 49.12
N CYS B 277 20.40 -10.63 48.39
CA CYS B 277 19.89 -9.26 48.35
C CYS B 277 18.45 -9.16 47.86
N GLU B 278 18.11 -9.91 46.81
CA GLU B 278 16.76 -9.93 46.23
C GLU B 278 15.69 -10.14 47.29
N PHE B 279 16.12 -10.71 48.42
CA PHE B 279 15.26 -10.94 49.55
C PHE B 279 14.59 -9.66 50.02
N TRP B 280 15.42 -8.67 50.38
CA TRP B 280 14.95 -7.39 50.93
C TRP B 280 14.00 -6.66 50.00
N LEU B 281 14.27 -6.79 48.70
CA LEU B 281 13.46 -6.16 47.66
C LEU B 281 12.11 -6.84 47.61
N THR B 282 12.10 -8.16 47.72
CA THR B 282 10.86 -8.93 47.67
C THR B 282 10.05 -8.75 48.95
N LEU B 283 10.73 -8.86 50.09
CA LEU B 283 10.09 -8.72 51.41
C LEU B 283 9.37 -7.39 51.51
N ALA B 284 10.04 -6.32 51.06
CA ALA B 284 9.50 -4.96 51.11
C ALA B 284 8.25 -4.76 50.26
N GLU B 285 7.84 -5.79 49.53
CA GLU B 285 6.66 -5.73 48.69
C GLU B 285 5.45 -6.41 49.36
N GLN B 286 5.65 -7.00 50.54
CA GLN B 286 4.59 -7.68 51.28
C GLN B 286 4.19 -6.86 52.51
N PRO B 287 2.88 -6.71 52.79
CA PRO B 287 2.42 -5.78 53.84
C PRO B 287 3.00 -6.07 55.22
N ILE B 288 3.42 -7.32 55.41
CA ILE B 288 3.98 -7.82 56.66
C ILE B 288 5.31 -7.12 56.99
N CYS B 289 5.99 -6.66 55.93
CA CYS B 289 7.31 -6.05 56.03
C CYS B 289 7.41 -4.92 57.05
N LYS B 290 6.48 -3.96 56.98
CA LYS B 290 6.51 -2.77 57.80
C LYS B 290 6.84 -3.07 59.25
N ASP B 291 5.99 -3.87 59.90
CA ASP B 291 6.13 -4.20 61.33
C ASP B 291 7.26 -5.20 61.63
N VAL B 292 7.55 -6.08 60.67
CA VAL B 292 8.55 -7.14 60.87
C VAL B 292 10.00 -6.62 60.93
N LEU B 293 10.36 -5.78 59.96
CA LEU B 293 11.76 -5.35 59.81
C LEU B 293 12.25 -4.30 60.82
N VAL B 294 11.32 -3.48 61.34
CA VAL B 294 11.66 -2.34 62.21
C VAL B 294 12.82 -2.61 63.17
N ARG B 295 12.81 -3.79 63.79
CA ARG B 295 13.84 -4.23 64.72
C ARG B 295 15.21 -4.39 64.05
N HIS B 296 15.21 -4.84 62.80
CA HIS B 296 16.44 -5.18 62.10
C HIS B 296 17.12 -4.00 61.42
N LEU B 297 16.34 -2.97 61.11
CA LEU B 297 16.82 -1.79 60.38
C LEU B 297 18.25 -1.32 60.75
N PRO B 298 18.54 -1.14 62.06
CA PRO B 298 19.90 -0.75 62.42
C PRO B 298 20.98 -1.73 61.94
N LYS B 299 20.64 -3.01 61.81
CA LYS B 299 21.58 -4.00 61.28
C LYS B 299 21.59 -4.01 59.75
N LEU B 300 20.40 -3.91 59.14
CA LEU B 300 20.21 -4.04 57.70
C LEU B 300 20.84 -2.91 56.90
N ILE B 301 20.35 -1.68 57.12
CA ILE B 301 20.75 -0.48 56.36
C ILE B 301 22.26 -0.34 56.14
N PRO B 302 23.07 -0.40 57.21
CA PRO B 302 24.51 -0.33 57.01
C PRO B 302 25.02 -1.33 55.99
N VAL B 303 24.39 -2.52 55.97
CA VAL B 303 24.81 -3.61 55.07
C VAL B 303 24.46 -3.29 53.63
N LEU B 304 23.25 -2.76 53.41
CA LEU B 304 22.83 -2.34 52.08
C LEU B 304 23.77 -1.26 51.55
N VAL B 305 23.85 -0.15 52.30
CA VAL B 305 24.71 0.98 51.98
C VAL B 305 26.15 0.58 51.69
N ASN B 306 26.67 -0.37 52.47
CA ASN B 306 28.00 -0.92 52.23
C ASN B 306 28.13 -1.60 50.86
N GLY B 307 27.05 -2.24 50.43
CA GLY B 307 27.03 -2.96 49.15
C GLY B 307 26.80 -2.05 47.95
N MET B 308 26.43 -0.80 48.24
CA MET B 308 26.10 0.19 47.21
C MET B 308 27.28 0.86 46.54
N LYS B 309 28.50 0.53 46.95
CA LYS B 309 29.71 1.02 46.28
C LYS B 309 30.29 -0.03 45.32
N TYR B 310 31.36 0.29 44.59
CA TYR B 310 31.89 -0.67 43.61
C TYR B 310 33.42 -0.82 43.52
N SER B 311 33.90 -2.00 43.11
CA SER B 311 35.36 -2.24 43.05
C SER B 311 35.89 -2.97 41.80
N ASP B 312 35.37 -4.16 41.53
CA ASP B 312 35.69 -4.90 40.31
C ASP B 312 35.12 -4.11 39.14
N ILE B 313 33.80 -3.88 39.22
CA ILE B 313 33.04 -3.08 38.24
C ILE B 313 33.61 -1.68 38.05
N ASP B 314 34.19 -1.14 39.13
CA ASP B 314 34.86 0.15 39.11
C ASP B 314 35.91 0.31 38.00
N ILE B 315 36.74 -0.70 37.80
CA ILE B 315 37.81 -0.60 36.79
C ILE B 315 37.31 -0.85 35.37
N ILE B 316 36.20 -1.56 35.23
CA ILE B 316 35.58 -1.80 33.93
C ILE B 316 34.82 -0.56 33.45
N LEU B 317 34.80 0.49 34.29
CA LEU B 317 34.15 1.74 33.94
C LEU B 317 35.15 2.83 33.52
N LEU B 318 36.29 2.90 34.19
CA LEU B 318 37.36 3.79 33.76
C LEU B 318 38.04 3.24 32.50
N LYS B 319 38.71 2.10 32.65
CA LYS B 319 39.43 1.45 31.55
C LYS B 319 38.46 0.84 30.54
N THR B 344 30.99 -0.65 30.04
CA THR B 344 29.73 -0.78 30.80
C THR B 344 29.71 -2.04 31.65
N ILE B 345 29.10 -1.93 32.83
CA ILE B 345 28.89 -3.07 33.72
C ILE B 345 27.52 -3.70 33.46
N SER B 346 27.17 -4.73 34.23
CA SER B 346 25.96 -5.52 34.01
C SER B 346 24.67 -4.74 34.23
N ASP B 347 23.55 -5.32 33.83
CA ASP B 347 22.22 -4.73 34.07
C ASP B 347 21.75 -4.92 35.51
N TRP B 348 22.41 -5.83 36.24
CA TRP B 348 22.04 -6.12 37.63
C TRP B 348 23.20 -6.76 38.39
N ASN B 349 23.61 -6.09 39.46
CA ASN B 349 24.68 -6.52 40.34
C ASN B 349 24.25 -6.21 41.78
N LEU B 350 25.11 -6.50 42.75
CA LEU B 350 24.80 -6.22 44.16
C LEU B 350 24.52 -4.75 44.45
N ARG B 351 25.36 -3.87 43.90
CA ARG B 351 25.21 -2.42 44.08
C ARG B 351 23.77 -1.97 43.78
N LYS B 352 23.30 -2.24 42.57
CA LYS B 352 21.99 -1.81 42.13
C LYS B 352 20.86 -2.42 42.97
N CYS B 353 21.00 -3.72 43.29
CA CYS B 353 19.99 -4.41 44.09
C CYS B 353 19.86 -3.77 45.48
N SER B 354 21.01 -3.50 46.09
CA SER B 354 21.06 -2.87 47.40
C SER B 354 20.40 -1.49 47.36
N ALA B 355 20.78 -0.71 46.33
CA ALA B 355 20.20 0.59 46.06
C ALA B 355 18.66 0.53 45.90
N ALA B 356 18.21 -0.38 45.03
CA ALA B 356 16.77 -0.61 44.80
C ALA B 356 16.06 -0.98 46.09
N ALA B 357 16.60 -1.93 46.83
CA ALA B 357 16.05 -2.27 48.14
C ALA B 357 15.89 -1.00 48.99
N LEU B 358 17.00 -0.27 49.16
CA LEU B 358 17.03 0.97 49.95
C LEU B 358 16.04 2.04 49.50
N ASP B 359 15.82 2.14 48.19
CA ASP B 359 14.81 3.02 47.62
C ASP B 359 13.43 2.58 48.11
N VAL B 360 13.15 1.28 48.02
CA VAL B 360 11.83 0.75 48.34
C VAL B 360 11.54 0.87 49.85
N LEU B 361 12.54 0.56 50.67
CA LEU B 361 12.40 0.67 52.12
C LEU B 361 12.08 2.11 52.53
N ALA B 362 12.73 3.05 51.86
CA ALA B 362 12.49 4.47 52.07
C ALA B 362 11.05 4.82 51.76
N ASN B 363 10.46 4.13 50.79
CA ASN B 363 9.06 4.32 50.44
C ASN B 363 8.11 3.61 51.41
N VAL B 364 8.65 2.69 52.20
CA VAL B 364 7.85 1.93 53.14
C VAL B 364 7.82 2.62 54.50
N TYR B 365 9.01 3.01 54.97
CA TYR B 365 9.16 3.61 56.29
C TYR B 365 9.02 5.13 56.31
N ARG B 366 9.18 5.72 55.12
CA ARG B 366 9.19 7.18 54.94
C ARG B 366 10.26 7.85 55.83
N ASP B 367 9.82 8.75 56.70
CA ASP B 367 10.74 9.51 57.55
C ASP B 367 11.42 8.68 58.63
N GLU B 368 10.76 7.60 59.08
CA GLU B 368 11.34 6.71 60.11
C GLU B 368 12.65 6.08 59.68
N LEU B 369 12.93 6.12 58.39
CA LEU B 369 14.16 5.57 57.85
C LEU B 369 15.33 6.48 58.18
N LEU B 370 15.04 7.78 58.36
CA LEU B 370 16.08 8.82 58.52
C LEU B 370 17.06 8.60 59.68
N PRO B 371 16.54 8.41 60.91
CA PRO B 371 17.41 8.18 62.08
C PRO B 371 18.38 7.02 61.89
N HIS B 372 17.98 6.05 61.07
CA HIS B 372 18.81 4.89 60.78
C HIS B 372 19.91 5.19 59.75
N ILE B 373 19.77 6.32 59.05
CA ILE B 373 20.60 6.55 57.86
C ILE B 373 21.39 7.86 57.86
N LEU B 374 20.79 8.94 58.38
CA LEU B 374 21.45 10.25 58.42
C LEU B 374 22.86 10.17 59.01
N PRO B 375 23.00 9.66 60.26
CA PRO B 375 24.32 9.39 60.81
C PRO B 375 25.31 8.92 59.74
N LEU B 376 24.99 7.82 59.05
CA LEU B 376 25.84 7.25 58.01
C LEU B 376 26.08 8.22 56.87
N LEU B 377 25.03 8.92 56.47
CA LEU B 377 25.04 9.81 55.30
C LEU B 377 26.07 10.93 55.45
N LYS B 378 26.22 11.45 56.67
CA LYS B 378 27.20 12.48 56.97
C LYS B 378 28.64 11.96 56.82
N GLU B 379 28.88 10.74 57.31
CA GLU B 379 30.20 10.13 57.23
C GLU B 379 30.60 9.84 55.79
N LEU B 380 29.60 9.82 54.91
CA LEU B 380 29.79 9.40 53.53
C LEU B 380 29.85 10.56 52.55
N LEU B 381 28.90 11.49 52.67
CA LEU B 381 28.75 12.60 51.72
C LEU B 381 29.99 13.48 51.64
N PHE B 382 30.46 13.95 52.79
CA PHE B 382 31.64 14.79 52.85
C PHE B 382 32.88 13.94 53.03
N HIS B 383 33.00 13.33 54.21
CA HIS B 383 34.21 12.59 54.57
C HIS B 383 34.63 11.52 53.54
N HIS B 384 35.91 11.18 53.57
CA HIS B 384 36.56 10.25 52.65
C HIS B 384 36.54 10.72 51.19
N GLU B 385 37.19 9.93 50.34
CA GLU B 385 37.35 10.23 48.93
C GLU B 385 36.50 9.34 48.01
N TRP B 386 36.80 9.45 46.71
CA TRP B 386 36.00 8.94 45.58
C TRP B 386 34.87 7.94 45.88
N VAL B 387 35.20 6.66 45.99
CA VAL B 387 34.18 5.61 46.03
C VAL B 387 33.27 5.71 47.25
N VAL B 388 33.87 5.96 48.41
CA VAL B 388 33.12 6.04 49.67
C VAL B 388 32.17 7.23 49.65
N LYS B 389 32.62 8.31 49.02
CA LYS B 389 31.82 9.53 48.82
C LYS B 389 30.69 9.30 47.80
N GLU B 390 31.05 8.75 46.64
CA GLU B 390 30.11 8.50 45.56
C GLU B 390 28.86 7.79 46.06
N SER B 391 29.06 6.78 46.90
CA SER B 391 27.99 5.95 47.40
C SER B 391 27.10 6.70 48.37
N GLY B 392 27.67 7.68 49.06
CA GLY B 392 26.91 8.48 50.00
C GLY B 392 25.90 9.33 49.26
N ILE B 393 26.27 9.76 48.06
CA ILE B 393 25.37 10.59 47.26
C ILE B 393 24.31 9.75 46.55
N LEU B 394 24.67 8.54 46.12
CA LEU B 394 23.70 7.56 45.64
C LEU B 394 22.68 7.25 46.73
N VAL B 395 23.16 7.04 47.95
CA VAL B 395 22.25 6.85 49.08
C VAL B 395 21.32 8.04 49.17
N LEU B 396 21.86 9.24 48.94
CA LEU B 396 21.09 10.47 49.07
C LEU B 396 19.96 10.55 48.05
N GLY B 397 20.24 10.08 46.83
CA GLY B 397 19.22 9.95 45.80
C GLY B 397 18.25 8.79 46.01
N ALA B 398 18.76 7.66 46.51
CA ALA B 398 17.93 6.47 46.76
C ALA B 398 16.82 6.80 47.76
N ILE B 399 17.23 7.32 48.91
CA ILE B 399 16.35 7.82 49.96
C ILE B 399 15.26 8.77 49.45
N ALA B 400 15.62 9.54 48.41
CA ALA B 400 14.92 10.75 48.01
C ALA B 400 13.39 10.68 47.92
N GLU B 401 12.86 9.80 47.08
CA GLU B 401 11.39 9.72 46.90
C GLU B 401 10.65 9.42 48.20
N GLY B 402 11.03 8.32 48.84
CA GLY B 402 10.39 7.87 50.07
C GLY B 402 10.43 8.93 51.14
N CYS B 403 11.62 9.17 51.69
CA CYS B 403 11.75 10.13 52.78
C CYS B 403 12.15 11.53 52.30
N MET B 404 11.29 12.11 51.45
CA MET B 404 11.52 13.46 50.93
C MET B 404 11.29 14.49 52.01
N GLN B 405 10.04 14.58 52.48
CA GLN B 405 9.63 15.60 53.44
C GLN B 405 10.58 15.71 54.62
N GLY B 406 11.01 14.57 55.14
CA GLY B 406 11.93 14.54 56.27
C GLY B 406 13.32 15.09 55.98
N MET B 407 13.63 15.28 54.70
CA MET B 407 14.98 15.70 54.31
C MET B 407 15.08 17.15 53.82
N ILE B 408 13.93 17.80 53.64
CA ILE B 408 13.90 19.22 53.26
C ILE B 408 14.80 20.07 54.18
N PRO B 409 14.57 20.04 55.52
CA PRO B 409 15.47 20.78 56.42
C PRO B 409 16.95 20.72 56.04
N TYR B 410 17.37 19.61 55.44
CA TYR B 410 18.79 19.34 55.20
C TYR B 410 19.26 19.78 53.81
N LEU B 411 18.33 20.22 52.99
CA LEU B 411 18.62 20.56 51.59
C LEU B 411 19.41 21.86 51.37
N PRO B 412 19.01 22.98 52.04
CA PRO B 412 19.74 24.23 51.93
C PRO B 412 21.24 24.10 52.13
N GLU B 413 21.68 23.03 52.77
CA GLU B 413 23.10 22.78 52.97
C GLU B 413 23.66 21.74 51.99
N LEU B 414 22.80 20.81 51.57
CA LEU B 414 23.23 19.66 50.74
C LEU B 414 23.23 19.92 49.24
N ILE B 415 22.20 20.60 48.75
CA ILE B 415 22.10 20.93 47.33
C ILE B 415 23.25 21.84 46.84
N PRO B 416 23.59 22.89 47.60
CA PRO B 416 24.82 23.60 47.27
C PRO B 416 26.04 22.66 47.26
N HIS B 417 26.10 21.75 48.22
CA HIS B 417 27.20 20.81 48.26
C HIS B 417 27.21 19.89 47.03
N LEU B 418 26.01 19.50 46.59
CA LEU B 418 25.87 18.69 45.39
C LEU B 418 26.27 19.50 44.17
N ILE B 419 25.74 20.72 44.05
CA ILE B 419 26.12 21.62 42.95
C ILE B 419 27.64 21.74 42.82
N GLN B 420 28.36 21.66 43.94
CA GLN B 420 29.82 21.65 43.92
C GLN B 420 30.38 20.37 43.32
N CYS B 421 29.80 19.23 43.69
CA CYS B 421 30.30 17.94 43.21
C CYS B 421 30.13 17.77 41.71
N LEU B 422 29.18 18.50 41.13
CA LEU B 422 28.96 18.50 39.69
C LEU B 422 30.21 18.71 38.86
N SER B 423 31.29 19.13 39.52
CA SER B 423 32.56 19.39 38.85
C SER B 423 33.71 18.71 39.58
N ASP B 424 33.41 17.61 40.26
CA ASP B 424 34.44 16.76 40.84
C ASP B 424 35.34 16.26 39.72
N LYS B 425 36.62 16.06 40.01
CA LYS B 425 37.57 15.64 38.99
C LYS B 425 37.36 14.19 38.56
N LYS B 426 36.53 13.47 39.33
CA LYS B 426 36.16 12.09 39.01
C LYS B 426 34.77 12.00 38.35
N ALA B 427 34.74 11.43 37.14
CA ALA B 427 33.52 11.33 36.34
C ALA B 427 32.39 10.63 37.09
N LEU B 428 32.68 9.45 37.64
CA LEU B 428 31.67 8.69 38.36
C LEU B 428 31.06 9.42 39.57
N VAL B 429 31.75 10.43 40.09
CA VAL B 429 31.16 11.32 41.10
C VAL B 429 30.29 12.39 40.41
N ARG B 430 30.71 12.84 39.22
CA ARG B 430 29.90 13.78 38.46
C ARG B 430 28.52 13.22 38.12
N SER B 431 28.51 12.02 37.53
CA SER B 431 27.28 11.32 37.09
C SER B 431 26.14 11.20 38.10
N ILE B 432 26.38 10.58 39.25
CA ILE B 432 25.30 10.42 40.22
C ILE B 432 24.92 11.74 40.85
N THR B 433 25.83 12.71 40.79
CA THR B 433 25.49 14.04 41.28
C THR B 433 24.35 14.60 40.43
N CYS B 434 24.45 14.46 39.11
CA CYS B 434 23.40 14.85 38.20
C CYS B 434 22.11 14.16 38.62
N TRP B 435 22.18 12.83 38.76
CA TRP B 435 21.01 12.03 39.10
C TRP B 435 20.42 12.41 40.45
N THR B 436 21.22 12.36 41.51
CA THR B 436 20.72 12.70 42.86
C THR B 436 20.08 14.08 42.90
N LEU B 437 20.67 15.03 42.20
CA LEU B 437 20.10 16.37 42.11
C LEU B 437 18.71 16.36 41.48
N SER B 438 18.56 15.64 40.36
CA SER B 438 17.27 15.52 39.69
C SER B 438 16.18 14.90 40.57
N ARG B 439 16.59 14.17 41.59
CA ARG B 439 15.65 13.54 42.52
C ARG B 439 15.09 14.56 43.49
N TYR B 440 15.64 15.77 43.44
CA TYR B 440 15.24 16.86 44.32
C TYR B 440 14.82 18.11 43.54
N ALA B 441 14.77 17.98 42.21
CA ALA B 441 14.37 19.07 41.31
C ALA B 441 13.15 19.84 41.80
N HIS B 442 12.16 19.14 42.36
CA HIS B 442 10.95 19.80 42.78
C HIS B 442 11.16 20.79 43.92
N TRP B 443 12.12 20.51 44.80
CA TRP B 443 12.40 21.47 45.86
C TRP B 443 13.18 22.67 45.32
N VAL B 444 14.27 22.38 44.61
CA VAL B 444 15.08 23.41 43.94
C VAL B 444 14.23 24.44 43.18
N VAL B 445 13.22 23.98 42.44
CA VAL B 445 12.34 24.84 41.66
C VAL B 445 11.30 25.57 42.53
N SER B 446 11.04 25.05 43.73
CA SER B 446 10.09 25.68 44.63
C SER B 446 10.74 26.79 45.47
N GLN B 447 12.04 26.97 45.30
CA GLN B 447 12.76 28.04 46.00
C GLN B 447 13.06 29.20 45.05
N PRO B 448 13.30 30.42 45.60
CA PRO B 448 13.75 31.56 44.81
C PRO B 448 14.84 31.19 43.80
N PRO B 449 14.56 31.40 42.50
CA PRO B 449 15.40 30.94 41.37
C PRO B 449 16.89 31.24 41.45
N ASP B 450 17.27 32.33 42.09
CA ASP B 450 18.67 32.75 42.10
C ASP B 450 19.55 31.90 43.01
N THR B 451 18.96 31.26 44.01
CA THR B 451 19.76 30.54 45.02
C THR B 451 20.13 29.11 44.60
N TYR B 452 19.18 28.39 44.01
CA TYR B 452 19.41 26.99 43.65
C TYR B 452 19.23 26.71 42.16
N LEU B 453 18.12 27.17 41.59
CA LEU B 453 17.82 26.92 40.19
C LEU B 453 18.90 27.46 39.26
N LYS B 454 19.14 28.78 39.30
CA LYS B 454 20.15 29.44 38.45
C LYS B 454 21.54 28.77 38.43
N PRO B 455 22.14 28.48 39.61
CA PRO B 455 23.43 27.80 39.58
C PRO B 455 23.35 26.35 39.09
N LEU B 456 22.25 25.67 39.40
CA LEU B 456 22.06 24.28 38.99
C LEU B 456 21.99 24.20 37.47
N MET B 457 21.07 25.00 36.91
CA MET B 457 20.88 25.12 35.47
C MET B 457 22.18 25.49 34.77
N THR B 458 23.03 26.24 35.47
CA THR B 458 24.32 26.64 34.94
C THR B 458 25.28 25.45 34.86
N GLU B 459 25.49 24.79 36.00
CA GLU B 459 26.45 23.69 36.09
C GLU B 459 26.00 22.48 35.27
N LEU B 460 24.71 22.15 35.38
CA LEU B 460 24.13 21.03 34.65
C LEU B 460 24.35 21.18 33.15
N LEU B 461 24.09 22.39 32.64
CA LEU B 461 24.35 22.72 31.24
C LEU B 461 25.80 22.48 30.82
N LYS B 462 26.74 22.73 31.73
CA LYS B 462 28.15 22.44 31.45
C LYS B 462 28.37 20.95 31.31
N ARG B 463 27.74 20.21 32.22
CA ARG B 463 27.84 18.75 32.29
C ARG B 463 27.23 18.03 31.09
N ILE B 464 26.18 18.60 30.52
CA ILE B 464 25.58 18.11 29.29
C ILE B 464 26.66 17.97 28.20
N LEU B 465 27.50 19.00 28.08
CA LEU B 465 28.59 18.96 27.13
C LEU B 465 29.83 18.34 27.75
N ASP B 466 30.84 18.14 26.92
CA ASP B 466 32.09 17.50 27.34
C ASP B 466 31.94 16.41 28.42
N SER B 467 33.07 16.02 29.02
CA SER B 467 33.19 14.86 29.91
C SER B 467 33.16 13.57 29.06
N ASN B 468 32.77 12.47 29.69
CA ASN B 468 32.50 11.24 28.99
C ASN B 468 31.01 11.06 28.72
N LYS B 469 30.72 10.10 27.84
CA LYS B 469 29.37 9.74 27.46
C LYS B 469 28.45 9.46 28.65
N ARG B 470 28.99 8.96 29.76
CA ARG B 470 28.15 8.61 30.91
C ARG B 470 27.71 9.81 31.75
N VAL B 471 28.53 10.85 31.83
CA VAL B 471 28.12 12.06 32.56
C VAL B 471 27.21 12.92 31.68
N GLN B 472 27.44 12.91 30.37
CA GLN B 472 26.55 13.57 29.43
C GLN B 472 25.15 13.05 29.68
N GLU B 473 24.99 11.75 29.50
CA GLU B 473 23.73 11.05 29.67
C GLU B 473 23.00 11.44 30.96
N ALA B 474 23.69 11.38 32.09
CA ALA B 474 23.09 11.67 33.39
C ALA B 474 22.62 13.09 33.47
N ALA B 475 23.45 14.00 32.97
CA ALA B 475 23.21 15.44 33.03
C ALA B 475 22.08 15.93 32.12
N CYS B 476 22.09 15.45 30.88
CA CYS B 476 21.04 15.75 29.91
C CYS B 476 19.69 15.20 30.33
N SER B 477 19.68 13.97 30.85
CA SER B 477 18.50 13.40 31.45
C SER B 477 18.08 14.14 32.72
N ALA B 478 19.05 14.56 33.53
CA ALA B 478 18.73 15.35 34.72
C ALA B 478 18.13 16.69 34.33
N PHE B 479 18.70 17.34 33.31
CA PHE B 479 18.22 18.64 32.86
C PHE B 479 16.77 18.60 32.37
N ALA B 480 16.39 17.51 31.70
CA ALA B 480 15.02 17.31 31.29
C ALA B 480 14.09 17.27 32.50
N THR B 481 14.53 16.64 33.59
CA THR B 481 13.78 16.61 34.84
C THR B 481 13.62 18.01 35.42
N LEU B 482 14.68 18.79 35.34
CA LEU B 482 14.63 20.19 35.72
C LEU B 482 13.60 20.98 34.86
N GLU B 483 13.72 20.89 33.54
CA GLU B 483 12.82 21.57 32.61
C GLU B 483 11.37 21.30 32.95
N GLU B 484 11.12 20.04 33.28
CA GLU B 484 9.79 19.53 33.56
C GLU B 484 9.22 20.15 34.81
N GLU B 485 10.05 20.33 35.84
CA GLU B 485 9.62 20.92 37.10
C GLU B 485 9.67 22.44 37.10
N ALA B 486 10.61 23.00 36.33
CA ALA B 486 10.82 24.44 36.26
C ALA B 486 9.80 25.14 35.37
N CYS B 487 9.44 24.50 34.27
CA CYS B 487 8.52 25.07 33.29
C CYS B 487 8.85 26.51 32.90
N THR B 488 7.89 27.39 33.15
CA THR B 488 7.98 28.78 32.73
C THR B 488 9.10 29.55 33.43
N GLU B 489 9.68 28.96 34.47
CA GLU B 489 10.76 29.59 35.21
C GLU B 489 12.05 29.68 34.38
N LEU B 490 12.10 28.96 33.28
CA LEU B 490 13.28 28.92 32.41
C LEU B 490 13.20 29.90 31.23
N VAL B 491 12.06 30.60 31.08
CA VAL B 491 11.91 31.57 29.98
C VAL B 491 13.03 32.63 29.96
N PRO B 492 13.39 33.19 31.14
CA PRO B 492 14.57 34.03 31.24
C PRO B 492 15.86 33.42 30.68
N TYR B 493 15.86 32.14 30.31
CA TYR B 493 17.10 31.49 29.86
C TYR B 493 16.99 30.68 28.56
N LEU B 494 15.83 30.69 27.92
CA LEU B 494 15.60 29.93 26.68
C LEU B 494 16.75 29.98 25.69
N ALA B 495 17.22 31.19 25.38
CA ALA B 495 18.31 31.37 24.41
C ALA B 495 19.60 30.73 24.91
N TYR B 496 19.80 30.86 26.21
CA TYR B 496 20.97 30.32 26.89
C TYR B 496 20.98 28.82 26.87
N ILE B 497 19.85 28.22 27.26
CA ILE B 497 19.71 26.78 27.26
C ILE B 497 19.89 26.24 25.83
N LEU B 498 19.07 26.76 24.91
CA LEU B 498 19.10 26.32 23.51
C LEU B 498 20.48 26.38 22.88
N ASP B 499 21.29 27.34 23.30
CA ASP B 499 22.66 27.44 22.80
C ASP B 499 23.43 26.13 23.01
N THR B 500 23.34 25.59 24.23
CA THR B 500 24.09 24.40 24.64
C THR B 500 23.51 23.12 24.02
N LEU B 501 22.19 22.98 24.07
CA LEU B 501 21.51 21.78 23.53
C LEU B 501 21.71 21.64 22.03
N VAL B 502 21.95 22.74 21.33
CA VAL B 502 22.28 22.70 19.91
C VAL B 502 23.72 22.21 19.69
N PHE B 503 24.63 22.59 20.61
CA PHE B 503 26.00 22.08 20.59
C PHE B 503 26.03 20.61 20.88
N ALA B 504 25.24 20.21 21.87
CA ALA B 504 25.05 18.81 22.20
C ALA B 504 24.66 18.02 20.95
N PHE B 505 23.81 18.60 20.12
CA PHE B 505 23.33 17.95 18.92
C PHE B 505 24.44 17.60 17.94
N SER B 506 25.49 18.43 17.90
CA SER B 506 26.66 18.13 17.09
C SER B 506 27.59 17.13 17.76
N LYS B 507 27.77 17.29 19.06
CA LYS B 507 28.73 16.49 19.83
C LYS B 507 28.25 15.05 20.04
N TYR B 508 26.98 14.88 20.39
CA TYR B 508 26.43 13.60 20.87
C TYR B 508 26.45 12.48 19.85
N GLN B 509 26.63 11.25 20.34
CA GLN B 509 26.50 10.04 19.54
C GLN B 509 25.09 9.51 19.66
N HIS B 510 24.75 8.50 18.86
CA HIS B 510 23.39 7.96 18.76
C HIS B 510 22.69 7.76 20.09
N LYS B 511 23.35 7.10 21.04
CA LYS B 511 22.68 6.74 22.30
C LYS B 511 22.22 7.97 23.08
N ASN B 512 23.14 8.92 23.28
CA ASN B 512 22.85 10.16 24.01
C ASN B 512 21.95 11.10 23.23
N LEU B 513 22.06 11.03 21.90
CA LEU B 513 21.20 11.78 21.02
C LEU B 513 19.76 11.53 21.41
N LEU B 514 19.40 10.26 21.61
CA LEU B 514 18.05 9.94 22.04
C LEU B 514 17.64 10.73 23.29
N ILE B 515 18.50 10.75 24.30
CA ILE B 515 18.22 11.47 25.55
C ILE B 515 18.12 12.99 25.32
N LEU B 516 18.95 13.51 24.43
CA LEU B 516 18.86 14.91 24.03
C LEU B 516 17.49 15.27 23.42
N TYR B 517 17.05 14.48 22.44
CA TYR B 517 15.72 14.62 21.84
C TYR B 517 14.64 14.78 22.90
N ASP B 518 14.67 13.92 23.92
CA ASP B 518 13.76 14.00 25.05
C ASP B 518 13.87 15.34 25.79
N ALA B 519 15.08 15.83 25.98
CA ALA B 519 15.31 17.10 26.66
C ALA B 519 14.75 18.29 25.85
N ILE B 520 14.93 18.24 24.53
CA ILE B 520 14.36 19.24 23.64
C ILE B 520 12.82 19.15 23.61
N GLY B 521 12.30 17.94 23.46
CA GLY B 521 10.87 17.71 23.57
C GLY B 521 10.32 18.26 24.87
N THR B 522 10.91 17.84 25.99
CA THR B 522 10.47 18.29 27.32
C THR B 522 10.52 19.79 27.45
N LEU B 523 11.53 20.41 26.82
CA LEU B 523 11.67 21.85 26.86
C LEU B 523 10.46 22.52 26.20
N ALA B 524 10.21 22.16 24.94
CA ALA B 524 9.05 22.63 24.19
C ALA B 524 7.74 22.47 24.97
N ASP B 525 7.54 21.30 25.59
CA ASP B 525 6.34 21.03 26.37
C ASP B 525 6.23 21.87 27.64
N SER B 526 7.36 22.08 28.30
CA SER B 526 7.39 22.76 29.60
C SER B 526 7.29 24.28 29.49
N VAL B 527 7.57 24.80 28.29
CA VAL B 527 7.65 26.24 28.08
C VAL B 527 6.56 26.78 27.12
N GLY B 528 5.99 25.88 26.32
CA GLY B 528 4.89 26.21 25.42
C GLY B 528 5.20 27.31 24.43
N HIS B 529 4.26 28.25 24.32
CA HIS B 529 4.32 29.38 23.38
C HIS B 529 5.58 30.22 23.52
N HIS B 530 6.13 30.28 24.73
CA HIS B 530 7.34 31.05 24.99
C HIS B 530 8.49 30.64 24.09
N LEU B 531 8.34 29.51 23.38
CA LEU B 531 9.35 29.09 22.43
C LEU B 531 9.14 29.79 21.09
N ASN B 532 8.02 30.47 20.92
CA ASN B 532 7.66 31.08 19.63
C ASN B 532 8.29 32.46 19.40
N LYS B 533 9.61 32.51 19.34
CA LYS B 533 10.37 33.74 19.09
C LYS B 533 11.49 33.46 18.10
N PRO B 534 11.61 34.30 17.04
CA PRO B 534 12.57 34.08 15.94
C PRO B 534 14.00 33.81 16.39
N GLU B 535 14.42 34.40 17.51
CA GLU B 535 15.76 34.10 18.04
C GLU B 535 15.89 32.58 18.29
N TYR B 536 14.89 32.03 18.98
CA TYR B 536 14.88 30.64 19.42
C TYR B 536 14.66 29.66 18.27
N ILE B 537 13.64 29.90 17.46
CA ILE B 537 13.40 29.03 16.33
C ILE B 537 14.58 29.05 15.35
N GLN B 538 15.29 30.16 15.29
CA GLN B 538 16.44 30.29 14.38
C GLN B 538 17.61 29.38 14.73
N MET B 539 17.73 29.02 16.01
CA MET B 539 18.82 28.14 16.45
C MET B 539 18.42 26.67 16.67
N LEU B 540 17.19 26.44 17.12
CA LEU B 540 16.71 25.08 17.35
C LEU B 540 16.32 24.32 16.08
N MET B 541 15.90 25.04 15.04
CA MET B 541 15.30 24.40 13.87
C MET B 541 16.27 23.86 12.81
N PRO B 542 17.33 24.63 12.48
CA PRO B 542 18.36 24.11 11.55
C PRO B 542 18.96 22.73 11.88
N PRO B 543 19.35 22.46 13.15
CA PRO B 543 19.92 21.15 13.42
C PRO B 543 18.91 20.03 13.22
N LEU B 544 17.64 20.33 13.48
CA LEU B 544 16.57 19.35 13.34
C LEU B 544 16.21 19.08 11.88
N ILE B 545 16.24 20.13 11.06
CA ILE B 545 16.00 19.98 9.63
C ILE B 545 17.14 19.20 9.00
N GLN B 546 18.37 19.51 9.42
CA GLN B 546 19.54 18.80 8.95
C GLN B 546 19.40 17.28 9.10
N LYS B 547 19.03 16.83 10.29
CA LYS B 547 18.82 15.40 10.57
C LYS B 547 17.67 14.85 9.73
N TRP B 548 16.61 15.64 9.63
CA TRP B 548 15.43 15.30 8.85
C TRP B 548 15.82 15.04 7.40
N ASN B 549 16.57 15.96 6.80
CA ASN B 549 17.07 15.78 5.43
C ASN B 549 18.06 14.64 5.28
N MET B 550 18.90 14.45 6.29
CA MET B 550 19.92 13.41 6.27
C MET B 550 19.32 12.00 6.35
N LEU B 551 18.19 11.86 7.03
CA LEU B 551 17.57 10.54 7.20
C LEU B 551 16.64 10.14 6.05
N LYS B 552 16.66 8.85 5.72
CA LYS B 552 15.82 8.28 4.68
C LYS B 552 14.63 7.57 5.35
N ASP B 553 13.51 7.49 4.64
CA ASP B 553 12.23 7.01 5.20
C ASP B 553 12.25 5.64 5.90
N GLU B 554 13.29 4.85 5.64
CA GLU B 554 13.38 3.49 6.19
C GLU B 554 14.23 3.41 7.46
N ASP B 555 14.76 4.56 7.90
CA ASP B 555 15.68 4.65 9.04
C ASP B 555 14.93 4.83 10.37
N LYS B 556 15.08 3.86 11.27
CA LYS B 556 14.40 3.88 12.57
C LYS B 556 14.83 5.03 13.48
N ASP B 557 15.87 5.75 13.07
CA ASP B 557 16.32 6.90 13.85
C ASP B 557 15.41 8.10 13.62
N LEU B 558 14.39 7.85 12.82
CA LEU B 558 13.40 8.83 12.44
C LEU B 558 12.34 8.94 13.52
N PHE B 559 12.24 7.93 14.39
CA PHE B 559 11.23 7.93 15.44
C PHE B 559 11.41 9.05 16.47
N PRO B 560 12.62 9.18 17.09
CA PRO B 560 12.77 10.19 18.13
C PRO B 560 12.71 11.60 17.57
N LEU B 561 13.27 11.79 16.39
CA LEU B 561 13.27 13.08 15.71
C LEU B 561 11.86 13.63 15.51
N LEU B 562 10.97 12.78 15.00
CA LEU B 562 9.61 13.23 14.70
C LEU B 562 8.80 13.41 15.97
N GLU B 563 9.08 12.60 16.98
CA GLU B 563 8.38 12.76 18.25
C GLU B 563 8.85 14.03 18.95
N CYS B 564 10.06 14.47 18.63
CA CYS B 564 10.59 15.71 19.17
C CYS B 564 9.93 16.87 18.45
N LEU B 565 10.00 16.81 17.13
CA LEU B 565 9.45 17.80 16.22
C LEU B 565 7.94 17.97 16.41
N SER B 566 7.29 16.98 17.00
CA SER B 566 5.88 17.02 17.35
C SER B 566 5.63 17.92 18.57
N SER B 567 6.45 17.77 19.61
CA SER B 567 6.35 18.62 20.80
C SER B 567 6.71 20.06 20.48
N VAL B 568 7.67 20.21 19.57
CA VAL B 568 8.20 21.51 19.20
C VAL B 568 7.17 22.28 18.38
N ALA B 569 6.52 21.58 17.44
CA ALA B 569 5.50 22.18 16.57
C ALA B 569 4.32 22.76 17.33
N THR B 570 3.94 22.13 18.44
CA THR B 570 2.89 22.65 19.31
C THR B 570 3.38 23.92 20.02
N ALA B 571 4.57 23.85 20.58
CA ALA B 571 5.15 24.98 21.31
C ALA B 571 5.24 26.20 20.42
N LEU B 572 5.78 26.03 19.22
CA LEU B 572 5.76 27.09 18.22
C LEU B 572 4.36 27.08 17.65
N GLN B 573 3.57 28.11 17.93
CA GLN B 573 2.22 28.14 17.38
C GLN B 573 2.37 28.27 15.86
N SER B 574 2.49 29.50 15.39
CA SER B 574 2.50 29.81 13.96
C SER B 574 3.93 29.94 13.42
N GLY B 575 4.90 29.94 14.33
CA GLY B 575 6.31 30.00 13.97
C GLY B 575 6.72 28.83 13.10
N PHE B 576 6.00 27.72 13.23
CA PHE B 576 6.31 26.50 12.51
C PHE B 576 5.80 26.53 11.07
N LEU B 577 5.12 27.61 10.68
CA LEU B 577 4.59 27.78 9.33
C LEU B 577 5.63 27.66 8.20
N PRO B 578 6.77 28.38 8.30
CA PRO B 578 7.81 28.21 7.28
C PRO B 578 8.27 26.76 7.05
N TYR B 579 8.03 25.89 8.04
CA TYR B 579 8.54 24.52 7.98
C TYR B 579 7.47 23.47 7.75
N CYS B 580 6.20 23.88 7.78
CA CYS B 580 5.10 22.95 7.97
C CYS B 580 4.68 22.14 6.75
N GLU B 581 5.03 22.61 5.55
CA GLU B 581 4.60 21.93 4.34
C GLU B 581 5.29 20.56 4.13
N PRO B 582 6.63 20.52 4.12
CA PRO B 582 7.32 19.25 3.87
C PRO B 582 7.15 18.27 5.01
N VAL B 583 7.03 18.80 6.24
CA VAL B 583 6.83 18.01 7.44
C VAL B 583 5.50 17.29 7.35
N TYR B 584 4.47 18.03 6.94
CA TYR B 584 3.17 17.46 6.65
C TYR B 584 3.27 16.38 5.57
N GLN B 585 3.79 16.74 4.40
CA GLN B 585 3.86 15.83 3.25
C GLN B 585 4.60 14.51 3.52
N ARG B 586 5.69 14.59 4.25
CA ARG B 586 6.49 13.42 4.57
C ARG B 586 5.70 12.48 5.46
N CYS B 587 4.99 13.04 6.43
CA CYS B 587 4.18 12.23 7.37
C CYS B 587 3.11 11.43 6.64
N VAL B 588 2.42 12.08 5.71
CA VAL B 588 1.37 11.44 4.94
C VAL B 588 1.96 10.30 4.12
N ASN B 589 3.10 10.56 3.47
CA ASN B 589 3.88 9.52 2.76
C ASN B 589 4.18 8.32 3.64
N LEU B 590 4.69 8.58 4.84
CA LEU B 590 5.00 7.52 5.79
C LEU B 590 3.80 6.64 6.10
N VAL B 591 2.66 7.26 6.35
CA VAL B 591 1.42 6.56 6.68
C VAL B 591 0.93 5.76 5.47
N GLN B 592 0.99 6.41 4.30
CA GLN B 592 0.58 5.77 3.06
C GLN B 592 1.43 4.55 2.73
N LYS B 593 2.75 4.71 2.81
CA LYS B 593 3.66 3.62 2.51
C LYS B 593 3.52 2.48 3.53
N THR B 594 3.38 2.81 4.81
CA THR B 594 3.27 1.81 5.86
C THR B 594 2.06 0.92 5.66
N LEU B 595 0.92 1.54 5.31
CA LEU B 595 -0.33 0.80 5.10
C LEU B 595 -0.27 -0.01 3.81
N ALA B 596 0.36 0.55 2.79
CA ALA B 596 0.51 -0.12 1.50
C ALA B 596 1.27 -1.41 1.67
N GLN B 597 2.40 -1.34 2.39
CA GLN B 597 3.25 -2.51 2.64
C GLN B 597 2.53 -3.56 3.48
N ALA B 598 1.70 -3.09 4.42
CA ALA B 598 0.91 -3.96 5.26
C ALA B 598 -0.12 -4.70 4.41
N MET B 599 -0.58 -4.05 3.34
CA MET B 599 -1.56 -4.65 2.43
C MET B 599 -0.93 -5.80 1.64
N LEU B 600 0.28 -5.55 1.14
CA LEU B 600 1.07 -6.54 0.41
C LEU B 600 1.33 -7.77 1.29
N ASN B 601 1.81 -7.52 2.51
CA ASN B 601 2.00 -8.58 3.50
C ASN B 601 0.72 -9.36 3.78
N ASN B 602 -0.39 -8.64 3.90
CA ASN B 602 -1.70 -9.26 4.14
C ASN B 602 -2.07 -10.18 2.97
N ALA B 603 -1.80 -9.69 1.76
CA ALA B 603 -2.03 -10.43 0.54
C ALA B 603 -1.12 -11.64 0.43
N GLN B 604 0.18 -11.43 0.66
CA GLN B 604 1.19 -12.49 0.59
C GLN B 604 2.30 -12.34 1.62
N PRO B 605 2.16 -13.03 2.76
CA PRO B 605 3.18 -13.01 3.81
C PRO B 605 4.45 -13.70 3.34
N ASP B 606 4.29 -14.73 2.51
CA ASP B 606 5.38 -15.48 1.90
C ASP B 606 6.40 -14.56 1.21
N GLN B 607 5.90 -13.50 0.56
CA GLN B 607 6.70 -12.72 -0.37
C GLN B 607 6.92 -11.26 0.03
N TYR B 608 6.22 -10.79 1.07
CA TYR B 608 6.26 -9.37 1.43
C TYR B 608 6.48 -9.14 2.92
N GLU B 609 7.58 -8.46 3.25
CA GLU B 609 7.91 -8.14 4.63
C GLU B 609 6.87 -7.21 5.26
N ALA B 610 6.30 -7.63 6.39
CA ALA B 610 5.41 -6.78 7.19
C ALA B 610 6.17 -5.54 7.67
N PRO B 611 5.48 -4.38 7.76
CA PRO B 611 6.21 -3.14 8.04
C PRO B 611 6.38 -2.86 9.54
N ASP B 612 7.29 -1.96 9.88
CA ASP B 612 7.38 -1.45 11.23
C ASP B 612 6.35 -0.34 11.32
N LYS B 613 5.25 -0.61 12.01
CA LYS B 613 4.17 0.37 12.08
C LYS B 613 4.51 1.57 12.96
N ASP B 614 5.74 1.60 13.48
CA ASP B 614 6.18 2.72 14.29
C ASP B 614 6.41 3.97 13.46
N PHE B 615 6.71 3.78 12.17
CA PHE B 615 6.82 4.91 11.24
C PHE B 615 5.50 5.64 11.12
N MET B 616 4.42 4.86 11.24
CA MET B 616 3.06 5.35 11.15
C MET B 616 2.66 6.01 12.46
N ILE B 617 2.86 5.32 13.59
CA ILE B 617 2.60 5.90 14.91
C ILE B 617 3.31 7.24 15.11
N VAL B 618 4.54 7.32 14.63
CA VAL B 618 5.33 8.52 14.76
C VAL B 618 4.84 9.64 13.81
N ALA B 619 4.50 9.28 12.58
CA ALA B 619 3.94 10.24 11.62
C ALA B 619 2.57 10.77 12.06
N LEU B 620 1.72 9.89 12.58
CA LEU B 620 0.41 10.28 13.08
C LEU B 620 0.51 11.22 14.30
N ASP B 621 1.47 10.97 15.17
CA ASP B 621 1.67 11.82 16.34
C ASP B 621 2.25 13.19 15.99
N LEU B 622 2.96 13.26 14.87
CA LEU B 622 3.53 14.51 14.39
C LEU B 622 2.48 15.34 13.63
N LEU B 623 1.60 14.66 12.89
CA LEU B 623 0.48 15.31 12.24
C LEU B 623 -0.50 15.84 13.30
N SER B 624 -0.63 15.11 14.40
CA SER B 624 -1.48 15.53 15.50
C SER B 624 -0.89 16.73 16.25
N GLY B 625 0.43 16.85 16.26
CA GLY B 625 1.09 17.99 16.92
C GLY B 625 1.13 19.19 15.99
N LEU B 626 1.15 18.91 14.71
CA LEU B 626 1.08 19.93 13.66
C LEU B 626 -0.32 20.55 13.65
N ALA B 627 -1.33 19.68 13.76
CA ALA B 627 -2.73 20.10 13.80
C ALA B 627 -3.02 20.93 15.04
N GLU B 628 -2.49 20.51 16.19
CA GLU B 628 -2.68 21.26 17.44
C GLU B 628 -1.99 22.61 17.40
N GLY B 629 -0.89 22.70 16.65
CA GLY B 629 -0.09 23.92 16.61
C GLY B 629 -0.62 24.94 15.63
N LEU B 630 -0.82 24.51 14.38
CA LEU B 630 -1.27 25.38 13.30
C LEU B 630 -2.78 25.64 13.28
N GLY B 631 -3.54 24.71 13.87
CA GLY B 631 -5.01 24.73 13.92
C GLY B 631 -5.74 25.77 13.10
N GLY B 632 -6.17 25.38 11.90
CA GLY B 632 -6.81 26.34 11.01
C GLY B 632 -5.90 26.60 9.84
N ASN B 633 -4.63 26.82 10.13
CA ASN B 633 -3.63 26.97 9.09
C ASN B 633 -3.35 25.64 8.38
N ILE B 634 -3.60 24.53 9.09
CA ILE B 634 -3.45 23.18 8.55
C ILE B 634 -4.51 22.90 7.49
N GLU B 635 -5.63 23.61 7.61
CA GLU B 635 -6.78 23.48 6.73
C GLU B 635 -6.40 23.17 5.27
N GLN B 636 -5.68 24.10 4.64
CA GLN B 636 -5.26 23.94 3.24
C GLN B 636 -4.57 22.59 2.99
N LEU B 637 -3.55 22.28 3.81
CA LEU B 637 -2.78 21.04 3.68
C LEU B 637 -3.67 19.81 3.75
N VAL B 638 -4.55 19.81 4.75
CA VAL B 638 -5.51 18.71 4.93
C VAL B 638 -6.34 18.49 3.67
N ALA B 639 -6.90 19.58 3.14
CA ALA B 639 -7.81 19.56 1.99
C ALA B 639 -7.18 18.85 0.78
N ARG B 640 -5.97 19.26 0.45
CA ARG B 640 -5.24 18.70 -0.69
C ARG B 640 -4.67 17.29 -0.45
N SER B 641 -4.52 16.89 0.80
CA SER B 641 -3.96 15.57 1.10
C SER B 641 -5.06 14.53 1.18
N ASN B 642 -4.68 13.27 1.38
CA ASN B 642 -5.63 12.20 1.58
C ASN B 642 -5.56 11.61 2.99
N ILE B 643 -5.13 12.42 3.97
CA ILE B 643 -5.03 11.97 5.37
C ILE B 643 -6.26 11.26 5.88
N LEU B 644 -7.43 11.87 5.62
CA LEU B 644 -8.68 11.36 6.18
C LEU B 644 -9.02 9.96 5.68
N THR B 645 -8.72 9.67 4.41
CA THR B 645 -8.87 8.31 3.89
C THR B 645 -7.93 7.36 4.62
N LEU B 646 -6.69 7.80 4.79
CA LEU B 646 -5.66 7.02 5.46
C LEU B 646 -5.99 6.79 6.94
N MET B 647 -6.40 7.86 7.61
CA MET B 647 -6.86 7.82 8.99
C MET B 647 -7.94 6.77 9.21
N TYR B 648 -8.80 6.62 8.21
CA TYR B 648 -9.90 5.66 8.26
C TYR B 648 -9.40 4.23 8.22
N GLN B 649 -8.29 4.01 7.51
CA GLN B 649 -7.60 2.71 7.52
C GLN B 649 -6.89 2.50 8.85
N CYS B 650 -6.33 3.57 9.40
CA CYS B 650 -5.57 3.52 10.64
C CYS B 650 -6.46 3.19 11.82
N MET B 651 -7.61 3.85 11.88
CA MET B 651 -8.58 3.62 12.93
C MET B 651 -8.98 2.14 12.97
N GLN B 652 -8.79 1.47 11.83
CA GLN B 652 -9.14 0.05 11.67
C GLN B 652 -7.98 -0.92 11.96
N ASP B 653 -6.75 -0.38 11.93
CA ASP B 653 -5.54 -1.18 12.13
C ASP B 653 -5.65 -2.03 13.39
N LYS B 654 -5.08 -3.23 13.32
CA LYS B 654 -5.17 -4.19 14.42
C LYS B 654 -4.27 -3.83 15.61
N MET B 655 -3.36 -2.88 15.43
CA MET B 655 -2.46 -2.47 16.50
C MET B 655 -3.03 -1.28 17.26
N PRO B 656 -3.30 -1.47 18.57
CA PRO B 656 -3.93 -0.45 19.40
C PRO B 656 -3.26 0.91 19.26
N GLU B 657 -1.92 0.93 19.29
CA GLU B 657 -1.17 2.17 19.16
C GLU B 657 -1.51 2.98 17.92
N VAL B 658 -1.76 2.29 16.81
CA VAL B 658 -2.09 2.96 15.56
C VAL B 658 -3.49 3.55 15.66
N ARG B 659 -4.39 2.86 16.35
CA ARG B 659 -5.74 3.35 16.59
C ARG B 659 -5.69 4.55 17.54
N GLN B 660 -4.95 4.37 18.65
CA GLN B 660 -4.71 5.42 19.64
C GLN B 660 -4.20 6.72 19.02
N SER B 661 -3.29 6.61 18.05
CA SER B 661 -2.71 7.78 17.46
C SER B 661 -3.67 8.49 16.51
N SER B 662 -4.37 7.72 15.70
CA SER B 662 -5.32 8.30 14.74
C SER B 662 -6.55 8.94 15.41
N PHE B 663 -7.10 8.31 16.45
CA PHE B 663 -8.22 8.95 17.17
C PHE B 663 -7.79 10.29 17.77
N ALA B 664 -6.54 10.34 18.25
CA ALA B 664 -5.94 11.57 18.74
C ALA B 664 -5.90 12.60 17.64
N LEU B 665 -5.46 12.18 16.45
CA LEU B 665 -5.44 13.06 15.28
C LEU B 665 -6.86 13.46 14.88
N LEU B 666 -7.81 12.53 14.98
CA LEU B 666 -9.20 12.80 14.62
C LEU B 666 -9.75 13.96 15.42
N GLY B 667 -9.57 13.90 16.74
CA GLY B 667 -10.04 14.97 17.61
C GLY B 667 -9.31 16.26 17.36
N ASP B 668 -8.02 16.17 17.07
CA ASP B 668 -7.19 17.33 16.74
C ASP B 668 -7.65 18.03 15.47
N LEU B 669 -8.04 17.24 14.47
CA LEU B 669 -8.46 17.77 13.18
C LEU B 669 -9.92 18.25 13.21
N THR B 670 -10.68 17.72 14.16
CA THR B 670 -12.07 18.12 14.40
C THR B 670 -12.11 19.55 14.92
N LYS B 671 -11.06 19.95 15.64
CA LYS B 671 -10.94 21.30 16.15
C LYS B 671 -10.37 22.24 15.09
N ALA B 672 -9.41 21.74 14.32
CA ALA B 672 -8.66 22.58 13.40
C ALA B 672 -9.45 22.96 12.15
N CYS B 673 -10.10 21.98 11.55
CA CYS B 673 -10.73 22.16 10.25
C CYS B 673 -11.87 21.19 10.06
N PHE B 674 -12.88 21.29 10.93
CA PHE B 674 -14.00 20.36 10.91
C PHE B 674 -14.69 20.39 9.57
N GLN B 675 -14.57 21.54 8.89
CA GLN B 675 -15.06 21.71 7.51
C GLN B 675 -14.81 20.43 6.72
N HIS B 676 -13.57 19.94 6.79
CA HIS B 676 -13.13 18.78 6.05
C HIS B 676 -13.37 17.43 6.75
N VAL B 677 -13.52 17.44 8.07
CA VAL B 677 -13.77 16.17 8.77
C VAL B 677 -15.25 15.77 8.68
N LYS B 678 -16.13 16.77 8.54
CA LYS B 678 -17.58 16.54 8.56
C LYS B 678 -18.09 15.48 7.57
N PRO B 679 -17.75 15.60 6.26
CA PRO B 679 -18.21 14.60 5.28
C PRO B 679 -17.91 13.16 5.67
N CYS B 680 -16.92 12.97 6.53
CA CYS B 680 -16.52 11.62 6.91
C CYS B 680 -17.13 11.15 8.23
N ILE B 681 -17.87 12.05 8.89
CA ILE B 681 -18.47 11.76 10.20
C ILE B 681 -19.30 10.49 10.21
N ALA B 682 -20.11 10.31 9.16
CA ALA B 682 -20.93 9.10 9.01
C ALA B 682 -20.11 7.82 8.99
N ASP B 683 -18.92 7.89 8.40
CA ASP B 683 -17.98 6.76 8.37
C ASP B 683 -17.21 6.53 9.69
N PHE B 684 -16.77 7.61 10.33
CA PHE B 684 -15.94 7.52 11.54
C PHE B 684 -16.70 7.01 12.75
N MET B 685 -17.90 7.54 12.95
CA MET B 685 -18.66 7.34 14.17
C MET B 685 -18.94 5.86 14.53
N PRO B 686 -19.29 5.02 13.53
CA PRO B 686 -19.32 3.58 13.79
C PRO B 686 -18.03 3.01 14.36
N ILE B 687 -16.87 3.45 13.84
CA ILE B 687 -15.57 2.96 14.34
C ILE B 687 -15.28 3.51 15.73
N LEU B 688 -15.57 4.81 15.91
CA LEU B 688 -15.50 5.41 17.23
C LEU B 688 -16.32 4.56 18.19
N GLY B 689 -17.55 4.27 17.77
CA GLY B 689 -18.44 3.40 18.55
C GLY B 689 -17.83 2.05 18.89
N THR B 690 -17.16 1.45 17.91
CA THR B 690 -16.52 0.15 18.10
C THR B 690 -15.41 0.22 19.13
N ASN B 691 -14.61 1.28 19.08
CA ASN B 691 -13.43 1.39 19.92
C ASN B 691 -13.63 1.92 21.35
N LEU B 692 -14.89 2.12 21.75
CA LEU B 692 -15.23 2.40 23.14
C LEU B 692 -15.18 1.12 23.97
N ASN B 693 -13.96 0.63 24.15
CA ASN B 693 -13.71 -0.66 24.75
C ASN B 693 -12.55 -0.51 25.74
N PRO B 694 -12.85 -0.65 27.05
CA PRO B 694 -11.91 -0.39 28.16
C PRO B 694 -10.71 -1.33 28.19
N GLU B 695 -10.80 -2.46 27.51
CA GLU B 695 -9.67 -3.38 27.41
C GLU B 695 -8.42 -2.65 26.92
N PHE B 696 -8.61 -1.71 26.00
CA PHE B 696 -7.53 -0.85 25.53
C PHE B 696 -7.79 0.57 26.02
N ILE B 697 -7.25 0.89 27.19
CA ILE B 697 -7.54 2.14 27.87
C ILE B 697 -7.27 3.36 26.98
N SER B 698 -6.07 3.42 26.41
CA SER B 698 -5.64 4.56 25.59
C SER B 698 -6.51 4.81 24.35
N VAL B 699 -6.88 3.74 23.65
CA VAL B 699 -7.69 3.85 22.45
C VAL B 699 -9.07 4.34 22.87
N CYS B 700 -9.57 3.76 23.96
CA CYS B 700 -10.88 4.13 24.51
C CYS B 700 -10.95 5.62 24.86
N ASN B 701 -9.96 6.08 25.63
CA ASN B 701 -9.86 7.48 25.99
C ASN B 701 -9.90 8.39 24.76
N ASN B 702 -9.07 8.10 23.77
CA ASN B 702 -8.97 8.95 22.59
C ASN B 702 -10.22 8.93 21.74
N ALA B 703 -10.86 7.76 21.65
CA ALA B 703 -12.12 7.66 20.91
C ALA B 703 -13.11 8.55 21.62
N THR B 704 -13.26 8.30 22.93
CA THR B 704 -14.12 9.09 23.81
C THR B 704 -13.87 10.60 23.65
N TRP B 705 -12.61 11.00 23.80
CA TRP B 705 -12.24 12.39 23.58
C TRP B 705 -12.70 12.93 22.22
N ALA B 706 -12.50 12.15 21.16
CA ALA B 706 -12.84 12.60 19.82
C ALA B 706 -14.35 12.79 19.67
N ILE B 707 -15.13 11.87 20.22
CA ILE B 707 -16.59 12.00 20.20
C ILE B 707 -17.01 13.33 20.82
N GLY B 708 -16.55 13.57 22.05
CA GLY B 708 -16.80 14.82 22.74
C GLY B 708 -16.53 15.98 21.81
N GLU B 709 -15.33 16.00 21.24
CA GLU B 709 -14.91 17.09 20.35
C GLU B 709 -15.80 17.21 19.13
N ILE B 710 -16.23 16.06 18.59
CA ILE B 710 -17.07 16.04 17.42
C ILE B 710 -18.41 16.71 17.73
N SER B 711 -19.11 16.21 18.74
CA SER B 711 -20.41 16.75 19.14
C SER B 711 -20.44 18.28 19.19
N ILE B 712 -19.44 18.88 19.83
CA ILE B 712 -19.31 20.33 19.88
C ILE B 712 -19.40 20.96 18.49
N GLN B 713 -18.77 20.32 17.51
CA GLN B 713 -18.70 20.89 16.16
C GLN B 713 -20.00 20.75 15.37
N MET B 714 -20.83 19.77 15.72
CA MET B 714 -22.16 19.65 15.10
C MET B 714 -23.31 19.63 16.11
N GLY B 715 -23.96 20.78 16.27
CA GLY B 715 -25.00 20.99 17.27
C GLY B 715 -26.02 19.87 17.37
N ILE B 716 -27.25 20.17 16.97
CA ILE B 716 -28.34 19.20 16.97
C ILE B 716 -28.00 18.00 16.08
N GLU B 717 -27.23 18.28 15.03
CA GLU B 717 -26.87 17.32 13.98
C GLU B 717 -26.23 16.02 14.48
N MET B 718 -25.76 16.03 15.73
CA MET B 718 -25.09 14.88 16.34
C MET B 718 -26.04 13.77 16.76
N GLN B 719 -27.34 14.08 16.77
CA GLN B 719 -28.38 13.19 17.31
C GLN B 719 -28.40 11.75 16.78
N PRO B 720 -28.36 11.55 15.44
CA PRO B 720 -28.45 10.20 14.88
C PRO B 720 -27.33 9.29 15.34
N TYR B 721 -26.22 9.90 15.79
CA TYR B 721 -25.00 9.17 16.09
C TYR B 721 -24.86 8.78 17.56
N ILE B 722 -25.70 9.38 18.40
CA ILE B 722 -25.69 9.12 19.84
C ILE B 722 -25.97 7.66 20.24
N PRO B 723 -26.99 7.01 19.65
CA PRO B 723 -27.29 5.62 20.02
C PRO B 723 -26.12 4.65 19.87
N MET B 724 -25.35 4.80 18.80
CA MET B 724 -24.22 3.89 18.54
C MET B 724 -23.02 4.14 19.46
N VAL B 725 -23.10 5.22 20.23
CA VAL B 725 -22.00 5.60 21.10
C VAL B 725 -22.37 5.65 22.61
N LEU B 726 -23.61 6.05 22.90
CA LEU B 726 -24.05 6.36 24.27
C LEU B 726 -23.94 5.21 25.29
N HIS B 727 -24.57 4.08 24.99
CA HIS B 727 -24.61 2.93 25.90
C HIS B 727 -23.24 2.60 26.50
N GLN B 728 -22.26 2.44 25.62
CA GLN B 728 -20.93 2.03 26.01
C GLN B 728 -20.23 3.08 26.88
N LEU B 729 -20.48 4.35 26.59
CA LEU B 729 -19.97 5.45 27.42
C LEU B 729 -20.51 5.35 28.85
N VAL B 730 -21.81 5.06 28.97
CA VAL B 730 -22.45 4.88 30.27
C VAL B 730 -21.88 3.65 31.00
N GLU B 731 -21.50 2.63 30.23
CA GLU B 731 -20.92 1.42 30.78
C GLU B 731 -19.48 1.64 31.27
N ILE B 732 -18.76 2.52 30.58
CA ILE B 732 -17.36 2.82 30.93
C ILE B 732 -17.25 3.64 32.20
N ILE B 733 -18.23 4.51 32.42
CA ILE B 733 -18.22 5.41 33.57
C ILE B 733 -18.62 4.67 34.86
N ASN B 734 -19.48 3.67 34.71
CA ASN B 734 -19.89 2.80 35.81
C ASN B 734 -18.92 1.65 36.07
N ARG B 735 -17.86 1.57 35.27
CA ARG B 735 -16.92 0.47 35.34
C ARG B 735 -15.98 0.62 36.54
N PRO B 736 -15.87 -0.43 37.38
CA PRO B 736 -15.03 -0.36 38.58
C PRO B 736 -13.55 -0.53 38.22
N ASN B 737 -12.68 0.10 39.03
CA ASN B 737 -11.23 0.09 38.81
C ASN B 737 -10.78 0.59 37.43
N THR B 738 -11.24 1.79 37.10
CA THR B 738 -11.03 2.42 35.80
C THR B 738 -10.16 3.67 35.99
N PRO B 739 -9.13 3.86 35.13
CA PRO B 739 -8.25 5.03 35.22
C PRO B 739 -9.00 6.37 35.28
N LYS B 740 -8.48 7.30 36.08
CA LYS B 740 -9.13 8.58 36.32
C LYS B 740 -9.11 9.49 35.10
N THR B 741 -8.19 9.23 34.16
CA THR B 741 -8.11 9.98 32.92
C THR B 741 -9.24 9.57 32.00
N LEU B 742 -9.48 8.27 31.91
CA LEU B 742 -10.56 7.74 31.08
C LEU B 742 -11.91 8.13 31.63
N LEU B 743 -12.04 8.13 32.95
CA LEU B 743 -13.29 8.50 33.59
C LEU B 743 -13.61 9.97 33.37
N GLU B 744 -12.61 10.83 33.60
CA GLU B 744 -12.78 12.27 33.39
C GLU B 744 -13.19 12.61 31.96
N ASN B 745 -12.52 12.00 30.99
CA ASN B 745 -12.84 12.21 29.57
C ASN B 745 -14.22 11.69 29.21
N THR B 746 -14.56 10.53 29.78
CA THR B 746 -15.89 9.93 29.61
C THR B 746 -16.94 10.85 30.23
N ALA B 747 -16.60 11.41 31.40
CA ALA B 747 -17.50 12.34 32.07
C ALA B 747 -17.81 13.53 31.16
N ILE B 748 -16.77 14.14 30.61
CA ILE B 748 -16.92 15.33 29.76
C ILE B 748 -17.66 15.06 28.46
N THR B 749 -17.42 13.90 27.86
CA THR B 749 -18.03 13.56 26.58
C THR B 749 -19.54 13.35 26.73
N ILE B 750 -19.94 12.54 27.70
CA ILE B 750 -21.34 12.46 28.13
C ILE B 750 -21.94 13.87 28.24
N GLY B 751 -21.26 14.74 29.00
CA GLY B 751 -21.70 16.13 29.18
C GLY B 751 -21.88 16.87 27.87
N ARG B 752 -20.83 16.90 27.06
CA ARG B 752 -20.84 17.54 25.74
C ARG B 752 -21.93 17.03 24.82
N LEU B 753 -22.16 15.71 24.87
CA LEU B 753 -23.21 15.10 24.07
C LEU B 753 -24.58 15.58 24.50
N GLY B 754 -24.90 15.34 25.78
CA GLY B 754 -26.15 15.78 26.37
C GLY B 754 -26.38 17.28 26.30
N TYR B 755 -25.32 18.05 26.16
CA TYR B 755 -25.45 19.49 26.02
C TYR B 755 -26.00 19.85 24.65
N VAL B 756 -25.63 19.07 23.66
CA VAL B 756 -25.91 19.40 22.29
C VAL B 756 -27.20 18.68 21.87
N CYS B 757 -27.52 17.60 22.60
CA CYS B 757 -28.72 16.79 22.38
C CYS B 757 -29.32 16.28 23.69
N PRO B 758 -29.97 17.18 24.45
CA PRO B 758 -30.51 16.84 25.78
C PRO B 758 -31.59 15.78 25.69
N GLN B 759 -32.52 15.96 24.75
CA GLN B 759 -33.63 15.03 24.55
C GLN B 759 -33.17 13.59 24.38
N GLU B 760 -31.99 13.40 23.79
CA GLU B 760 -31.46 12.06 23.51
C GLU B 760 -30.73 11.41 24.68
N VAL B 761 -30.06 12.21 25.51
CA VAL B 761 -29.20 11.69 26.56
C VAL B 761 -29.82 11.78 27.96
N ALA B 762 -30.68 12.77 28.18
CA ALA B 762 -31.35 12.94 29.49
C ALA B 762 -32.07 11.68 29.99
N PRO B 763 -32.85 11.00 29.11
CA PRO B 763 -33.40 9.68 29.44
C PRO B 763 -32.51 8.80 30.32
N MET B 764 -31.20 8.88 30.15
CA MET B 764 -30.28 7.98 30.87
C MET B 764 -29.50 8.67 32.01
N LEU B 765 -30.02 9.82 32.44
CA LEU B 765 -29.41 10.66 33.46
C LEU B 765 -29.26 9.92 34.81
N GLN B 766 -30.23 9.06 35.14
CA GLN B 766 -30.16 8.27 36.37
C GLN B 766 -29.02 7.26 36.39
N GLN B 767 -28.67 6.74 35.21
CA GLN B 767 -27.69 5.66 35.10
C GLN B 767 -26.23 6.13 35.26
N PHE B 768 -25.98 7.41 35.02
CA PHE B 768 -24.63 7.95 35.09
C PHE B 768 -24.37 9.10 36.05
N ILE B 769 -25.44 9.77 36.51
CA ILE B 769 -25.25 10.98 37.33
C ILE B 769 -24.25 10.80 38.47
N ARG B 770 -24.34 9.68 39.18
CA ARG B 770 -23.47 9.41 40.32
C ARG B 770 -21.98 9.30 39.92
N PRO B 771 -21.62 8.32 39.05
CA PRO B 771 -20.21 8.21 38.67
C PRO B 771 -19.71 9.48 38.00
N TRP B 772 -20.58 10.13 37.22
CA TRP B 772 -20.26 11.38 36.55
C TRP B 772 -19.81 12.42 37.55
N CYS B 773 -20.57 12.55 38.64
CA CYS B 773 -20.27 13.49 39.72
C CYS B 773 -19.01 13.09 40.45
N THR B 774 -18.92 11.81 40.83
CA THR B 774 -17.76 11.29 41.57
C THR B 774 -16.45 11.51 40.82
N SER B 775 -16.53 11.64 39.49
CA SER B 775 -15.36 11.85 38.67
C SER B 775 -14.94 13.31 38.61
N LEU B 776 -15.73 14.13 37.90
CA LEU B 776 -15.45 15.55 37.72
C LEU B 776 -15.35 16.32 39.03
N ARG B 777 -16.02 15.80 40.06
CA ARG B 777 -16.01 16.32 41.42
C ARG B 777 -14.63 16.76 41.94
N ASN B 778 -13.59 16.05 41.52
CA ASN B 778 -12.25 16.25 42.08
C ASN B 778 -11.25 17.04 41.23
N ILE B 779 -11.56 17.26 39.96
CA ILE B 779 -10.67 18.06 39.12
C ILE B 779 -10.97 19.54 39.37
N ARG B 780 -9.96 20.39 39.26
CA ARG B 780 -10.13 21.83 39.49
C ARG B 780 -10.95 22.49 38.39
N ASP B 781 -11.23 23.78 38.56
CA ASP B 781 -12.06 24.52 37.62
C ASP B 781 -11.35 24.66 36.28
N ASN B 782 -12.07 24.34 35.20
CA ASN B 782 -11.54 24.51 33.84
C ASN B 782 -12.61 24.64 32.76
N GLU B 783 -12.21 25.14 31.60
CA GLU B 783 -13.11 25.38 30.47
C GLU B 783 -13.84 24.11 30.02
N GLU B 784 -13.28 22.95 30.38
CA GLU B 784 -13.87 21.66 29.99
C GLU B 784 -14.88 21.11 30.98
N LYS B 785 -14.56 21.20 32.27
CA LYS B 785 -15.48 20.86 33.35
C LYS B 785 -16.75 21.73 33.23
N ASP B 786 -16.54 23.00 32.93
CA ASP B 786 -17.62 23.95 32.63
C ASP B 786 -18.50 23.46 31.49
N SER B 787 -17.89 23.06 30.38
CA SER B 787 -18.64 22.60 29.22
C SER B 787 -19.46 21.32 29.48
N ALA B 788 -18.98 20.49 30.41
CA ALA B 788 -19.66 19.26 30.73
C ALA B 788 -20.82 19.54 31.67
N PHE B 789 -20.57 20.41 32.65
CA PHE B 789 -21.59 20.79 33.63
C PHE B 789 -22.80 21.48 33.00
N ARG B 790 -22.55 22.28 31.97
CA ARG B 790 -23.62 22.85 31.16
C ARG B 790 -24.52 21.75 30.63
N GLY B 791 -23.92 20.76 29.97
CA GLY B 791 -24.67 19.65 29.42
C GLY B 791 -25.54 18.91 30.42
N ILE B 792 -25.03 18.75 31.64
CA ILE B 792 -25.78 18.06 32.69
C ILE B 792 -26.92 18.94 33.17
N CYS B 793 -26.65 20.23 33.31
CA CYS B 793 -27.67 21.21 33.67
C CYS B 793 -28.82 21.20 32.67
N THR B 794 -28.50 21.34 31.38
CA THR B 794 -29.50 21.31 30.32
C THR B 794 -30.32 20.02 30.36
N MET B 795 -29.64 18.89 30.54
CA MET B 795 -30.32 17.60 30.69
C MET B 795 -31.17 17.52 31.95
N ILE B 796 -30.71 18.10 33.06
CA ILE B 796 -31.50 18.10 34.30
C ILE B 796 -32.80 18.86 34.10
N SER B 797 -32.74 20.01 33.43
CA SER B 797 -33.94 20.77 33.14
C SER B 797 -34.65 20.23 31.89
N VAL B 798 -34.64 18.90 31.75
CA VAL B 798 -35.39 18.19 30.70
C VAL B 798 -35.89 16.87 31.30
N ASN B 799 -35.07 16.29 32.16
CA ASN B 799 -35.47 15.13 32.94
C ASN B 799 -34.99 15.35 34.38
N PRO B 800 -35.73 16.18 35.16
CA PRO B 800 -35.32 16.45 36.53
C PRO B 800 -35.43 15.18 37.34
N SER B 801 -36.40 14.35 36.97
CA SER B 801 -36.67 13.07 37.62
C SER B 801 -35.42 12.20 37.71
N GLY B 802 -34.64 12.16 36.63
CA GLY B 802 -33.44 11.32 36.55
C GLY B 802 -32.36 11.62 37.57
N VAL B 803 -32.49 12.76 38.23
CA VAL B 803 -31.49 13.23 39.19
C VAL B 803 -31.90 13.04 40.65
N ILE B 804 -33.22 13.05 40.90
CA ILE B 804 -33.82 12.85 42.23
C ILE B 804 -33.11 11.79 43.09
N GLN B 805 -32.93 10.60 42.53
CA GLN B 805 -32.35 9.45 43.25
C GLN B 805 -30.98 9.72 43.85
N ASP B 806 -30.09 10.33 43.06
CA ASP B 806 -28.71 10.56 43.47
C ASP B 806 -28.40 12.05 43.64
N PHE B 807 -29.45 12.86 43.78
CA PHE B 807 -29.34 14.31 43.82
C PHE B 807 -28.29 14.88 44.78
N ILE B 808 -27.99 14.13 45.85
CA ILE B 808 -26.98 14.56 46.83
C ILE B 808 -25.60 14.69 46.19
N PHE B 809 -25.34 13.89 45.16
CA PHE B 809 -24.08 13.93 44.44
C PHE B 809 -23.98 15.14 43.53
N PHE B 810 -25.10 15.57 42.97
CA PHE B 810 -25.11 16.76 42.13
C PHE B 810 -24.85 18.00 42.96
N CYS B 811 -25.35 18.01 44.19
CA CYS B 811 -25.13 19.12 45.09
C CYS B 811 -23.65 19.25 45.41
N ASP B 812 -23.01 18.10 45.66
CA ASP B 812 -21.59 18.06 45.95
C ASP B 812 -20.77 18.44 44.71
N ALA B 813 -21.20 17.98 43.54
CA ALA B 813 -20.52 18.31 42.29
C ALA B 813 -20.57 19.82 42.03
N VAL B 814 -21.69 20.45 42.40
CA VAL B 814 -21.85 21.90 42.25
C VAL B 814 -20.96 22.64 43.25
N ALA B 815 -20.91 22.12 44.47
CA ALA B 815 -20.08 22.70 45.51
C ALA B 815 -18.58 22.58 45.25
N SER B 816 -18.21 21.70 44.32
CA SER B 816 -16.79 21.51 43.98
C SER B 816 -16.25 22.72 43.22
N TRP B 817 -17.15 23.50 42.63
CA TRP B 817 -16.78 24.71 41.91
C TRP B 817 -16.40 25.84 42.88
N ILE B 818 -15.43 26.66 42.46
CA ILE B 818 -14.92 27.75 43.29
C ILE B 818 -15.11 29.10 42.59
N ASN B 819 -14.91 29.13 41.28
CA ASN B 819 -15.21 30.32 40.51
C ASN B 819 -15.86 29.98 39.17
N PRO B 820 -17.13 29.50 39.20
CA PRO B 820 -17.82 29.18 37.96
C PRO B 820 -18.17 30.45 37.22
N LYS B 821 -18.23 30.36 35.89
CA LYS B 821 -18.66 31.48 35.07
C LYS B 821 -20.08 31.87 35.47
N ASP B 822 -20.43 33.15 35.30
CA ASP B 822 -21.72 33.67 35.75
C ASP B 822 -22.92 32.91 35.20
N ASP B 823 -22.91 32.62 33.90
CA ASP B 823 -23.96 31.82 33.29
C ASP B 823 -24.11 30.43 33.94
N LEU B 824 -22.98 29.81 34.29
CA LEU B 824 -23.00 28.51 34.95
C LEU B 824 -23.46 28.63 36.40
N ARG B 825 -23.00 29.68 37.07
CA ARG B 825 -23.40 29.98 38.44
C ARG B 825 -24.92 30.05 38.56
N ASP B 826 -25.58 30.59 37.54
CA ASP B 826 -27.03 30.71 37.51
C ASP B 826 -27.77 29.39 37.26
N MET B 827 -27.30 28.62 36.27
CA MET B 827 -27.87 27.31 35.99
C MET B 827 -27.91 26.44 37.25
N PHE B 828 -26.77 26.40 37.95
CA PHE B 828 -26.67 25.71 39.23
C PHE B 828 -27.72 26.27 40.19
N CYS B 829 -27.72 27.59 40.32
CA CYS B 829 -28.60 28.28 41.23
C CYS B 829 -30.06 27.94 40.94
N LYS B 830 -30.47 28.11 39.69
CA LYS B 830 -31.85 27.87 39.26
C LYS B 830 -32.29 26.41 39.48
N ILE B 831 -31.35 25.47 39.31
CA ILE B 831 -31.65 24.05 39.55
C ILE B 831 -31.83 23.76 41.04
N LEU B 832 -30.86 24.15 41.85
CA LEU B 832 -30.92 23.90 43.30
C LEU B 832 -32.15 24.51 43.94
N HIS B 833 -32.51 25.71 43.51
CA HIS B 833 -33.74 26.36 43.96
C HIS B 833 -34.97 25.60 43.50
N GLY B 834 -34.99 25.24 42.22
CA GLY B 834 -36.09 24.46 41.64
C GLY B 834 -36.43 23.24 42.48
N PHE B 835 -35.40 22.57 42.99
CA PHE B 835 -35.56 21.38 43.82
C PHE B 835 -35.99 21.69 45.25
N LYS B 836 -35.49 22.80 45.81
CA LYS B 836 -35.94 23.25 47.12
C LYS B 836 -37.42 23.60 47.07
N ASN B 837 -37.82 24.35 46.04
CA ASN B 837 -39.21 24.69 45.81
C ASN B 837 -40.06 23.45 45.65
N GLN B 838 -39.56 22.51 44.86
CA GLN B 838 -40.27 21.27 44.54
C GLN B 838 -40.70 20.49 45.78
N VAL B 839 -39.75 20.29 46.70
CA VAL B 839 -40.00 19.49 47.90
C VAL B 839 -40.45 20.32 49.12
N GLY B 840 -40.37 21.65 48.99
CA GLY B 840 -40.71 22.57 50.07
C GLY B 840 -39.56 22.82 51.03
N ASP B 841 -39.64 23.91 51.78
CA ASP B 841 -38.56 24.33 52.67
C ASP B 841 -38.28 23.35 53.80
N GLU B 842 -39.35 22.82 54.38
CA GLU B 842 -39.27 21.88 55.48
C GLU B 842 -38.52 20.61 55.09
N ASN B 843 -38.92 20.00 53.97
CA ASN B 843 -38.25 18.79 53.46
C ASN B 843 -36.81 19.06 53.06
N TRP B 844 -36.57 20.23 52.47
CA TRP B 844 -35.24 20.66 52.09
C TRP B 844 -34.33 20.84 53.31
N ARG B 845 -34.90 21.36 54.40
CA ARG B 845 -34.18 21.49 55.66
C ARG B 845 -33.72 20.12 56.16
N ARG B 846 -34.64 19.15 56.12
CA ARG B 846 -34.33 17.77 56.53
C ARG B 846 -33.21 17.16 55.69
N PHE B 847 -33.26 17.39 54.37
CA PHE B 847 -32.30 16.79 53.43
C PHE B 847 -30.89 17.34 53.59
N SER B 848 -30.76 18.66 53.63
CA SER B 848 -29.45 19.31 53.70
C SER B 848 -28.81 19.23 55.09
N ASP B 849 -29.59 18.81 56.08
CA ASP B 849 -29.06 18.58 57.43
C ASP B 849 -28.16 17.36 57.47
N GLN B 850 -28.27 16.52 56.43
CA GLN B 850 -27.44 15.32 56.27
C GLN B 850 -26.15 15.59 55.46
N PHE B 851 -25.90 16.87 55.14
CA PHE B 851 -24.69 17.27 54.43
C PHE B 851 -23.56 17.45 55.43
N PRO B 852 -22.31 17.17 55.00
CA PRO B 852 -21.17 17.67 55.77
C PRO B 852 -21.18 19.20 55.83
N LEU B 853 -20.47 19.77 56.80
CA LEU B 853 -20.51 21.21 57.05
C LEU B 853 -20.14 22.10 55.85
N PRO B 854 -18.97 21.85 55.21
CA PRO B 854 -18.53 22.74 54.11
C PRO B 854 -19.47 22.76 52.92
N LEU B 855 -20.13 21.64 52.66
CA LEU B 855 -21.14 21.58 51.60
C LEU B 855 -22.32 22.45 52.00
N LYS B 856 -22.92 22.13 53.15
CA LYS B 856 -24.04 22.88 53.72
C LYS B 856 -23.81 24.39 53.69
N GLU B 857 -22.60 24.82 54.05
CA GLU B 857 -22.29 26.23 54.15
C GLU B 857 -22.07 26.92 52.80
N ARG B 858 -21.36 26.26 51.89
CA ARG B 858 -21.07 26.86 50.58
C ARG B 858 -22.30 26.95 49.68
N LEU B 859 -23.17 25.94 49.75
CA LEU B 859 -24.42 25.97 49.02
C LEU B 859 -25.31 27.11 49.53
N ALA B 860 -25.23 27.36 50.84
CA ALA B 860 -25.95 28.45 51.48
C ALA B 860 -25.43 29.80 51.00
N ALA B 861 -24.13 30.02 51.19
CA ALA B 861 -23.51 31.29 50.86
C ALA B 861 -23.63 31.59 49.37
N PHE B 862 -23.15 30.66 48.55
CA PHE B 862 -22.99 30.85 47.11
C PHE B 862 -24.32 30.86 46.37
N TYR B 863 -25.24 29.97 46.75
CA TYR B 863 -26.47 29.76 45.98
C TYR B 863 -27.76 30.13 46.74
N GLY B 864 -27.60 30.66 47.95
CA GLY B 864 -28.73 31.12 48.77
C GLY B 864 -29.78 30.05 49.02
N VAL B 865 -29.33 28.84 49.34
CA VAL B 865 -30.26 27.70 49.40
C VAL B 865 -30.12 26.87 50.69
N ASN C 11 -39.11 -0.17 -36.28
CA ASN C 11 -37.65 -0.50 -36.19
C ASN C 11 -37.33 -1.33 -34.95
N ASN C 12 -37.04 -2.61 -35.16
CA ASN C 12 -36.78 -3.53 -34.05
C ASN C 12 -35.28 -3.74 -33.79
N GLN C 13 -34.93 -4.11 -32.56
CA GLN C 13 -33.53 -4.31 -32.14
C GLN C 13 -33.42 -5.32 -30.99
N SER C 14 -32.18 -5.68 -30.64
CA SER C 14 -31.91 -6.46 -29.43
C SER C 14 -31.41 -5.52 -28.33
N SER C 15 -31.71 -5.83 -27.07
CA SER C 15 -31.44 -4.91 -25.97
C SER C 15 -29.95 -4.86 -25.59
N ASN C 16 -29.53 -3.67 -25.14
CA ASN C 16 -28.17 -3.46 -24.67
C ASN C 16 -28.07 -3.15 -23.19
N PHE C 17 -29.17 -3.35 -22.47
CA PHE C 17 -29.20 -3.25 -21.02
C PHE C 17 -28.02 -3.99 -20.43
N GLY C 18 -27.40 -3.38 -19.43
CA GLY C 18 -26.32 -4.03 -18.70
C GLY C 18 -25.01 -3.29 -18.79
N PRO C 19 -24.01 -3.79 -18.07
CA PRO C 19 -22.69 -3.18 -18.05
C PRO C 19 -21.94 -3.42 -19.34
N MET C 20 -21.10 -2.47 -19.73
CA MET C 20 -20.19 -2.64 -20.85
C MET C 20 -18.87 -3.19 -20.31
N LYS C 21 -18.60 -4.45 -20.63
CA LYS C 21 -17.30 -5.07 -20.34
C LYS C 21 -16.42 -5.00 -21.60
N GLY C 22 -15.54 -4.00 -21.66
CA GLY C 22 -14.68 -3.81 -22.82
C GLY C 22 -13.44 -4.69 -22.85
N GLY C 23 -13.60 -5.95 -22.41
CA GLY C 23 -12.49 -6.89 -22.22
C GLY C 23 -11.55 -7.05 -23.40
N ASN C 24 -10.66 -6.06 -23.55
CA ASN C 24 -9.70 -6.01 -24.64
C ASN C 24 -8.45 -6.88 -24.39
N PHE C 25 -8.62 -7.95 -23.61
CA PHE C 25 -7.52 -8.88 -23.32
C PHE C 25 -7.67 -10.19 -24.06
N GLY C 26 -8.85 -10.41 -24.64
CA GLY C 26 -9.03 -11.42 -25.67
C GLY C 26 -8.29 -10.94 -26.90
N GLY C 27 -7.50 -11.82 -27.51
CA GLY C 27 -6.65 -11.45 -28.64
C GLY C 27 -7.00 -12.15 -29.93
N ARG C 28 -7.93 -11.58 -30.69
CA ARG C 28 -8.21 -12.07 -32.05
C ARG C 28 -7.10 -11.71 -33.04
N SER C 29 -7.11 -12.38 -34.19
CA SER C 29 -6.10 -12.17 -35.25
C SER C 29 -6.20 -10.74 -35.79
N SER C 30 -5.09 -10.00 -35.76
CA SER C 30 -5.03 -8.66 -36.32
C SER C 30 -5.55 -8.67 -37.77
N GLY C 31 -5.25 -9.77 -38.48
CA GLY C 31 -5.77 -10.00 -39.82
C GLY C 31 -4.66 -10.06 -40.84
N PRO C 32 -5.03 -10.03 -42.13
CA PRO C 32 -4.04 -9.92 -43.18
C PRO C 32 -3.37 -8.54 -43.16
N TYR C 33 -4.10 -7.53 -42.72
CA TYR C 33 -3.60 -6.16 -42.65
C TYR C 33 -4.03 -5.45 -41.36
N PHE D 7 -17.77 14.19 51.39
CA PHE D 7 -18.27 15.39 50.64
C PHE D 7 -17.67 16.67 51.20
N GLY D 8 -18.06 17.82 50.64
CA GLY D 8 -17.67 19.14 51.17
C GLY D 8 -16.22 19.55 50.98
N ASN D 9 -15.30 18.60 51.15
CA ASN D 9 -13.87 18.85 50.92
C ASN D 9 -13.42 18.14 49.65
N TYR D 10 -12.85 18.91 48.73
CA TYR D 10 -12.56 18.42 47.39
C TYR D 10 -11.07 18.29 47.14
N ASN D 11 -10.58 17.07 47.27
CA ASN D 11 -9.27 16.67 46.76
C ASN D 11 -9.11 17.35 45.41
N ASN D 12 -8.29 18.40 45.37
CA ASN D 12 -8.16 19.25 44.20
C ASN D 12 -7.07 18.76 43.27
N GLN D 13 -7.41 18.61 41.99
CA GLN D 13 -6.56 17.93 41.02
C GLN D 13 -6.54 18.63 39.67
N SER D 14 -5.38 18.59 39.01
CA SER D 14 -5.27 19.05 37.62
C SER D 14 -6.02 18.09 36.70
N SER D 15 -6.67 18.64 35.68
CA SER D 15 -7.47 17.84 34.75
C SER D 15 -6.60 17.07 33.78
N ASN D 16 -7.03 15.84 33.49
CA ASN D 16 -6.38 14.99 32.50
C ASN D 16 -7.15 14.93 31.18
N PHE D 17 -8.02 15.90 30.94
CA PHE D 17 -8.81 15.99 29.72
C PHE D 17 -7.91 15.99 28.49
N GLY D 18 -8.37 15.33 27.43
CA GLY D 18 -7.66 15.32 26.16
C GLY D 18 -7.09 13.95 25.85
N PRO D 19 -6.42 13.83 24.68
CA PRO D 19 -5.93 12.55 24.22
C PRO D 19 -4.76 12.07 25.06
N MET D 20 -4.61 10.75 25.13
CA MET D 20 -3.43 10.15 25.72
C MET D 20 -2.39 9.94 24.63
N LYS D 21 -1.49 10.91 24.48
CA LYS D 21 -0.41 10.85 23.51
C LYS D 21 0.56 9.73 23.88
N GLY D 22 1.07 9.02 22.88
CA GLY D 22 1.98 7.90 23.11
C GLY D 22 3.36 8.36 23.50
N GLY D 23 4.16 7.44 24.05
CA GLY D 23 5.54 7.74 24.43
C GLY D 23 6.38 8.17 23.25
N ASN D 24 7.29 9.12 23.49
CA ASN D 24 8.30 9.49 22.49
C ASN D 24 9.35 8.39 22.35
N PHE D 25 9.97 8.30 21.18
CA PHE D 25 10.89 7.21 20.90
C PHE D 25 12.36 7.54 21.24
N GLY D 26 12.53 8.44 22.21
CA GLY D 26 13.84 8.77 22.77
C GLY D 26 14.02 8.14 24.13
N GLY D 27 13.50 8.82 25.16
CA GLY D 27 13.57 8.34 26.53
C GLY D 27 14.68 8.99 27.34
N ARG D 28 14.52 8.98 28.67
CA ARG D 28 15.50 9.55 29.61
C ARG D 28 16.48 8.50 30.11
N SER D 29 17.28 8.86 31.11
CA SER D 29 18.24 7.93 31.73
C SER D 29 17.55 6.94 32.64
N SER D 30 17.77 5.64 32.38
CA SER D 30 17.26 4.56 33.23
C SER D 30 17.69 4.73 34.70
N GLY D 31 18.85 5.33 34.92
CA GLY D 31 19.32 5.64 36.26
C GLY D 31 20.34 4.65 36.77
N PRO D 32 20.84 4.85 38.00
CA PRO D 32 21.88 4.00 38.58
C PRO D 32 21.42 2.55 38.77
N TYR D 33 20.11 2.35 38.95
CA TYR D 33 19.54 1.03 39.18
C TYR D 33 18.18 0.76 38.53
#